data_1EAK
#
_entry.id   1EAK
#
_cell.length_a   117.670
_cell.length_b   166.150
_cell.length_c   170.130
_cell.angle_alpha   90.00
_cell.angle_beta   90.00
_cell.angle_gamma   90.00
#
_symmetry.space_group_name_H-M   'P 21 21 21'
#
loop_
_entity.id
_entity.type
_entity.pdbx_description
1 polymer '72 KDA TYPE IV COLLAGENASE'
2 polymer 'INHIBITOR PEPTIDE'
3 non-polymer 'SULFATE ION'
4 non-polymer 'ZINC ION'
5 non-polymer 'CALCIUM ION'
6 water water
#
loop_
_entity_poly.entity_id
_entity_poly.type
_entity_poly.pdbx_seq_one_letter_code
_entity_poly.pdbx_strand_id
1 'polypeptide(L)'
;SPIIKFPGDVAPKTDKELAVQYLNTFYGCPKESCNLFVLKDTLKKMQKFFGLPQTGDLDQNTIETMRKPRCGNPDVANYN
FFPRKPKWDKNQITYRIIGYTPDLDPETVDDAFARAFQVWSDVTPLRFSRIHDGEADIMINFGRWEHGDGYPFDGKDGLL
AHAFAPGTGVGGDSHFDDDELWTLGEGQVVRVKYGNADGEYCKFPFLFNGKEYNSCTDTGRSDGFLWCSTTYNFEKDGKY
GFCPHEALFTMGGNAEGQPCKFPFRFQGTSYDSCTTEGRTDGYRWCGTTEDYDRDKKYGFCPETAMSTVGGNSEGAPCVF
PFTFLGNKYESCTSAGRSDGKMWCATTANYDDDRKWGFCPDQGYSLFLVAAHQFGHAMGLEHSQDPGALMAPIYTYTKNF
RLSQDDIKGIQELYGASPDID
;
A,B,C,D
2 'polypeptide(L)' GPAGPPGA P,R
#
loop_
_chem_comp.id
_chem_comp.type
_chem_comp.name
_chem_comp.formula
CA non-polymer 'CALCIUM ION' 'Ca 2'
SO4 non-polymer 'SULFATE ION' 'O4 S -2'
ZN non-polymer 'ZINC ION' 'Zn 2'
#
# COMPACT_ATOMS: atom_id res chain seq x y z
N SER A 1 5.44 8.63 11.14
CA SER A 1 4.80 7.81 12.21
C SER A 1 3.31 8.09 12.36
N PRO A 2 2.92 9.37 12.32
CA PRO A 2 1.53 9.77 12.53
C PRO A 2 0.56 9.37 11.42
N ILE A 3 -0.59 8.89 11.82
CA ILE A 3 -1.69 8.58 10.92
C ILE A 3 -2.88 9.38 11.41
N ILE A 4 -3.07 10.57 10.85
CA ILE A 4 -4.10 11.47 11.31
C ILE A 4 -5.36 11.46 10.48
N LYS A 5 -6.41 12.03 11.06
CA LYS A 5 -7.68 12.18 10.38
C LYS A 5 -7.72 13.55 9.72
N PHE A 6 -7.84 13.56 8.39
CA PHE A 6 -7.82 14.83 7.69
C PHE A 6 -9.05 15.67 7.93
N PRO A 7 -8.85 16.98 7.98
CA PRO A 7 -9.94 17.93 8.17
C PRO A 7 -10.86 17.95 6.96
N GLY A 8 -11.79 17.02 6.83
CA GLY A 8 -12.72 17.03 5.72
C GLY A 8 -13.05 15.67 5.12
N ASP A 9 -12.37 14.62 5.52
CA ASP A 9 -12.58 13.32 4.88
C ASP A 9 -13.90 12.64 5.22
N VAL A 10 -14.36 11.90 4.20
CA VAL A 10 -15.57 11.11 4.27
C VAL A 10 -15.41 10.02 5.32
N ALA A 11 -16.31 10.03 6.28
CA ALA A 11 -16.35 9.35 7.53
C ALA A 11 -16.60 7.89 7.22
N PRO A 12 -15.63 7.04 7.56
CA PRO A 12 -15.77 5.60 7.34
C PRO A 12 -16.85 5.03 8.25
N LYS A 13 -17.74 4.23 7.70
CA LYS A 13 -18.79 3.67 8.55
C LYS A 13 -18.23 2.53 9.41
N THR A 14 -18.93 2.21 10.50
CA THR A 14 -18.50 1.14 11.39
C THR A 14 -18.66 -0.22 10.72
N ASP A 15 -17.75 -1.13 11.04
CA ASP A 15 -17.83 -2.49 10.54
C ASP A 15 -19.25 -3.04 10.67
N LYS A 16 -19.93 -2.69 11.76
CA LYS A 16 -21.29 -3.12 11.99
C LYS A 16 -22.28 -2.51 11.01
N GLU A 17 -22.37 -1.19 11.01
CA GLU A 17 -23.29 -0.47 10.14
C GLU A 17 -22.94 -0.67 8.67
N LEU A 18 -21.73 -1.12 8.42
CA LEU A 18 -21.29 -1.47 7.08
C LEU A 18 -21.86 -2.83 6.68
N ALA A 19 -21.90 -3.75 7.65
CA ALA A 19 -22.42 -5.09 7.39
C ALA A 19 -23.93 -5.07 7.27
N VAL A 20 -24.56 -4.15 8.00
CA VAL A 20 -26.01 -4.05 7.99
C VAL A 20 -26.53 -3.55 6.66
N GLN A 21 -25.88 -2.52 6.14
CA GLN A 21 -26.30 -1.94 4.87
C GLN A 21 -25.98 -2.88 3.71
N TYR A 22 -24.91 -3.67 3.87
CA TYR A 22 -24.49 -4.60 2.83
C TYR A 22 -25.43 -5.79 2.75
N LEU A 23 -25.72 -6.38 3.89
CA LEU A 23 -26.63 -7.51 3.93
C LEU A 23 -28.04 -7.07 3.55
N ASN A 24 -28.37 -5.85 3.94
CA ASN A 24 -29.67 -5.29 3.64
C ASN A 24 -29.83 -4.97 2.17
N THR A 25 -28.75 -4.50 1.55
CA THR A 25 -28.79 -4.11 0.14
C THR A 25 -28.57 -5.29 -0.81
N PHE A 26 -27.62 -6.16 -0.49
CA PHE A 26 -27.30 -7.27 -1.38
C PHE A 26 -27.81 -8.60 -0.88
N TYR A 27 -28.21 -8.69 0.37
CA TYR A 27 -28.70 -9.97 0.84
C TYR A 27 -30.23 -9.91 1.07
N GLY A 28 -30.87 -8.77 1.35
CA GLY A 28 -32.20 -8.78 1.96
C GLY A 28 -32.47 -8.82 3.44
N CYS A 29 -31.47 -8.70 4.23
CA CYS A 29 -31.66 -8.66 5.66
C CYS A 29 -32.58 -7.50 6.01
N PRO A 30 -33.69 -7.81 6.67
CA PRO A 30 -34.70 -6.86 7.08
C PRO A 30 -34.14 -5.51 7.48
N LYS A 31 -34.40 -4.50 6.65
CA LYS A 31 -33.90 -3.16 6.85
C LYS A 31 -33.78 -2.74 8.30
N GLU A 32 -34.82 -2.96 9.11
CA GLU A 32 -34.81 -2.56 10.50
C GLU A 32 -34.70 -3.71 11.47
N SER A 33 -34.98 -4.92 11.01
CA SER A 33 -34.91 -6.10 11.86
C SER A 33 -33.73 -6.99 11.49
N CYS A 34 -32.59 -6.35 11.21
CA CYS A 34 -31.38 -7.07 10.86
C CYS A 34 -30.44 -7.07 12.07
N ASN A 35 -30.97 -7.52 13.20
CA ASN A 35 -30.25 -7.55 14.45
C ASN A 35 -29.69 -8.95 14.66
N LEU A 36 -28.57 -9.03 15.36
CA LEU A 36 -27.80 -10.21 15.61
C LEU A 36 -28.28 -11.51 15.05
N PHE A 37 -29.23 -12.23 15.66
CA PHE A 37 -29.57 -13.53 15.09
C PHE A 37 -30.14 -13.48 13.70
N VAL A 38 -31.04 -12.57 13.41
CA VAL A 38 -31.66 -12.51 12.09
C VAL A 38 -30.67 -12.16 10.98
N LEU A 39 -29.52 -11.64 11.34
CA LEU A 39 -28.46 -11.31 10.40
C LEU A 39 -27.46 -12.45 10.30
N LYS A 40 -27.26 -13.15 11.41
CA LYS A 40 -26.35 -14.28 11.45
C LYS A 40 -26.71 -15.29 10.36
N ASP A 41 -28.01 -15.54 10.22
CA ASP A 41 -28.48 -16.45 9.18
C ASP A 41 -28.12 -15.91 7.79
N THR A 42 -28.38 -14.63 7.58
CA THR A 42 -28.08 -13.91 6.36
C THR A 42 -26.57 -13.80 6.13
N LEU A 43 -25.89 -13.25 7.14
CA LEU A 43 -24.44 -13.11 7.11
C LEU A 43 -23.83 -14.37 6.53
N LYS A 44 -24.38 -15.52 6.85
CA LYS A 44 -23.88 -16.79 6.34
C LYS A 44 -24.24 -17.01 4.88
N LYS A 45 -25.33 -16.42 4.41
CA LYS A 45 -25.71 -16.50 3.00
C LYS A 45 -24.68 -15.73 2.14
N MET A 46 -24.26 -14.58 2.67
CA MET A 46 -23.24 -13.76 2.07
C MET A 46 -21.92 -14.52 2.01
N GLN A 47 -21.61 -15.12 3.17
CA GLN A 47 -20.40 -15.91 3.30
C GLN A 47 -20.38 -17.08 2.32
N LYS A 48 -21.49 -17.83 2.29
CA LYS A 48 -21.58 -18.94 1.36
C LYS A 48 -21.34 -18.50 -0.08
N PHE A 49 -22.01 -17.41 -0.47
CA PHE A 49 -21.93 -16.86 -1.79
C PHE A 49 -20.48 -16.61 -2.20
N PHE A 50 -19.81 -15.80 -1.39
CA PHE A 50 -18.38 -15.59 -1.66
C PHE A 50 -17.65 -16.82 -1.13
N GLY A 51 -16.34 -16.92 -1.32
CA GLY A 51 -15.64 -18.11 -0.86
C GLY A 51 -15.52 -18.24 0.64
N LEU A 52 -16.02 -17.30 1.42
CA LEU A 52 -15.89 -17.24 2.85
C LEU A 52 -16.50 -18.37 3.63
N PRO A 53 -16.03 -18.54 4.87
CA PRO A 53 -16.44 -19.55 5.82
C PRO A 53 -17.74 -19.18 6.52
N GLN A 54 -18.75 -20.04 6.37
CA GLN A 54 -20.07 -19.80 6.91
C GLN A 54 -20.10 -19.79 8.43
N THR A 55 -19.45 -18.79 9.01
CA THR A 55 -19.42 -18.63 10.45
C THR A 55 -20.67 -17.91 10.90
N GLY A 56 -21.04 -16.85 10.19
CA GLY A 56 -22.21 -16.05 10.56
C GLY A 56 -21.75 -14.92 11.49
N ASP A 57 -20.44 -14.76 11.56
CA ASP A 57 -19.83 -13.74 12.42
C ASP A 57 -19.23 -12.65 11.56
N LEU A 58 -18.98 -11.48 12.15
CA LEU A 58 -18.39 -10.37 11.41
C LEU A 58 -16.87 -10.45 11.38
N ASP A 59 -16.35 -11.59 10.97
CA ASP A 59 -14.92 -11.80 10.88
C ASP A 59 -14.33 -10.94 9.77
N GLN A 60 -13.09 -10.53 9.92
CA GLN A 60 -12.40 -9.67 8.99
C GLN A 60 -12.44 -10.13 7.55
N ASN A 61 -12.24 -11.42 7.30
CA ASN A 61 -12.30 -11.92 5.93
C ASN A 61 -13.60 -11.51 5.27
N THR A 62 -14.65 -11.40 6.09
CA THR A 62 -15.95 -10.99 5.62
C THR A 62 -16.03 -9.49 5.35
N ILE A 63 -15.70 -8.69 6.36
CA ILE A 63 -15.86 -7.24 6.25
C ILE A 63 -14.87 -6.69 5.23
N GLU A 64 -13.84 -7.49 5.00
CA GLU A 64 -12.84 -7.13 3.99
C GLU A 64 -13.48 -7.27 2.61
N THR A 65 -14.33 -8.28 2.46
CA THR A 65 -15.02 -8.50 1.20
C THR A 65 -16.11 -7.45 1.01
N MET A 66 -16.80 -7.15 2.10
CA MET A 66 -17.89 -6.18 2.09
C MET A 66 -17.41 -4.78 1.74
N ARG A 67 -16.17 -4.48 2.04
CA ARG A 67 -15.56 -3.20 1.80
C ARG A 67 -15.12 -2.95 0.37
N LYS A 68 -14.97 -3.98 -0.45
CA LYS A 68 -14.49 -3.79 -1.83
C LYS A 68 -15.59 -3.20 -2.69
N PRO A 69 -15.24 -2.47 -3.73
CA PRO A 69 -16.21 -1.85 -4.63
C PRO A 69 -16.94 -2.95 -5.40
N ARG A 70 -18.22 -2.68 -5.69
CA ARG A 70 -18.97 -3.74 -6.35
C ARG A 70 -20.23 -3.15 -6.96
N CYS A 71 -21.00 -3.98 -7.63
CA CYS A 71 -22.28 -3.63 -8.22
C CYS A 71 -23.37 -3.30 -7.23
N GLY A 72 -24.47 -2.75 -7.76
CA GLY A 72 -25.60 -2.35 -6.96
C GLY A 72 -26.65 -3.44 -6.84
N ASN A 73 -26.74 -4.29 -7.85
CA ASN A 73 -27.69 -5.41 -7.84
C ASN A 73 -27.36 -6.37 -6.72
N PRO A 74 -28.36 -7.11 -6.23
CA PRO A 74 -28.21 -8.05 -5.11
C PRO A 74 -27.52 -9.33 -5.53
N ASP A 75 -27.30 -10.21 -4.56
CA ASP A 75 -26.70 -11.51 -4.84
C ASP A 75 -27.70 -12.64 -4.59
N VAL A 76 -28.81 -12.29 -3.96
CA VAL A 76 -29.86 -13.26 -3.67
C VAL A 76 -31.12 -12.95 -4.46
N ALA A 77 -31.97 -13.96 -4.60
CA ALA A 77 -33.23 -13.78 -5.31
C ALA A 77 -34.22 -13.04 -4.43
N ASN A 78 -35.12 -12.29 -5.03
CA ASN A 78 -36.19 -11.61 -4.30
C ASN A 78 -37.11 -12.68 -3.69
N TYR A 79 -36.52 -13.58 -2.93
CA TYR A 79 -37.14 -14.74 -2.36
C TYR A 79 -38.04 -15.46 -3.35
N ASN A 80 -37.48 -15.70 -4.54
CA ASN A 80 -38.11 -16.39 -5.61
C ASN A 80 -39.29 -15.70 -6.27
N PHE A 81 -38.94 -15.05 -7.38
CA PHE A 81 -39.85 -14.40 -8.30
C PHE A 81 -40.66 -15.43 -9.08
N PHE A 82 -41.79 -15.83 -8.50
CA PHE A 82 -42.66 -16.78 -9.21
C PHE A 82 -42.88 -16.30 -10.63
N PRO A 83 -43.38 -15.08 -10.75
CA PRO A 83 -43.67 -14.48 -12.02
C PRO A 83 -42.45 -14.18 -12.88
N ARG A 84 -41.21 -14.36 -12.38
CA ARG A 84 -40.10 -13.87 -13.16
C ARG A 84 -38.88 -14.77 -13.29
N LYS A 85 -38.33 -14.52 -14.47
CA LYS A 85 -37.16 -15.10 -15.08
C LYS A 85 -37.06 -14.36 -16.41
N PRO A 86 -36.48 -13.15 -16.38
CA PRO A 86 -36.52 -12.22 -17.52
C PRO A 86 -35.97 -12.77 -18.81
N LYS A 87 -36.45 -12.12 -19.85
CA LYS A 87 -36.09 -12.43 -21.22
C LYS A 87 -36.46 -11.26 -22.12
N TRP A 88 -35.78 -11.13 -23.23
CA TRP A 88 -36.21 -10.06 -24.16
C TRP A 88 -37.01 -10.79 -25.24
N ASP A 89 -38.33 -10.67 -25.23
CA ASP A 89 -39.17 -11.32 -26.21
C ASP A 89 -38.80 -10.99 -27.64
N LYS A 90 -37.61 -10.46 -27.87
CA LYS A 90 -37.02 -10.11 -29.13
C LYS A 90 -35.49 -10.22 -29.09
N ASN A 91 -34.88 -10.35 -30.26
CA ASN A 91 -33.43 -10.44 -30.36
C ASN A 91 -32.81 -9.13 -30.82
N GLN A 92 -33.67 -8.16 -31.03
CA GLN A 92 -33.28 -6.82 -31.44
C GLN A 92 -33.66 -5.83 -30.35
N ILE A 93 -32.69 -5.43 -29.55
CA ILE A 93 -32.91 -4.51 -28.43
C ILE A 93 -32.45 -3.12 -28.85
N THR A 94 -33.00 -2.10 -28.21
CA THR A 94 -32.61 -0.73 -28.51
C THR A 94 -32.20 -0.05 -27.19
N TYR A 95 -31.13 0.73 -27.21
CA TYR A 95 -30.68 1.44 -26.02
C TYR A 95 -30.64 2.94 -26.26
N ARG A 96 -30.44 3.72 -25.22
CA ARG A 96 -30.33 5.17 -25.38
C ARG A 96 -29.61 5.85 -24.23
N ILE A 97 -28.57 6.61 -24.57
CA ILE A 97 -27.77 7.29 -23.56
C ILE A 97 -28.55 8.48 -23.02
N ILE A 98 -29.17 8.37 -21.87
CA ILE A 98 -30.03 9.44 -21.37
C ILE A 98 -29.25 10.64 -20.87
N GLY A 99 -28.06 10.29 -20.36
CA GLY A 99 -27.12 11.21 -19.74
C GLY A 99 -25.71 10.65 -19.71
N TYR A 100 -24.74 11.52 -19.43
CA TYR A 100 -23.33 11.14 -19.48
C TYR A 100 -22.61 11.43 -18.17
N THR A 101 -21.30 11.31 -18.19
CA THR A 101 -20.41 11.63 -17.10
C THR A 101 -19.35 12.62 -17.63
N PRO A 102 -19.04 13.69 -16.92
CA PRO A 102 -17.95 14.58 -17.29
C PRO A 102 -16.60 13.92 -17.39
N ASP A 103 -16.31 12.86 -16.66
CA ASP A 103 -15.03 12.18 -16.73
C ASP A 103 -14.58 11.83 -18.13
N LEU A 104 -15.53 11.45 -18.97
CA LEU A 104 -15.30 11.03 -20.34
C LEU A 104 -16.02 11.93 -21.33
N ASP A 105 -15.48 12.09 -22.52
CA ASP A 105 -16.15 12.86 -23.59
C ASP A 105 -17.25 11.97 -24.18
N PRO A 106 -18.24 12.54 -24.81
CA PRO A 106 -19.39 11.80 -25.30
C PRO A 106 -19.03 10.62 -26.16
N GLU A 107 -18.09 10.80 -27.07
CA GLU A 107 -17.74 9.69 -27.96
C GLU A 107 -17.16 8.50 -27.22
N THR A 108 -16.22 8.73 -26.31
CA THR A 108 -15.62 7.60 -25.58
C THR A 108 -16.76 6.82 -24.92
N VAL A 109 -17.55 7.53 -24.13
CA VAL A 109 -18.69 6.88 -23.48
C VAL A 109 -19.49 6.11 -24.52
N ASP A 110 -20.06 6.81 -25.48
CA ASP A 110 -20.86 6.18 -26.53
C ASP A 110 -20.22 4.88 -26.98
N ASP A 111 -18.91 4.93 -27.19
CA ASP A 111 -18.17 3.78 -27.68
C ASP A 111 -18.12 2.66 -26.65
N ALA A 112 -17.86 3.05 -25.41
CA ALA A 112 -17.79 2.07 -24.33
C ALA A 112 -19.09 1.29 -24.27
N PHE A 113 -20.22 2.00 -24.15
CA PHE A 113 -21.53 1.37 -24.14
C PHE A 113 -21.71 0.49 -25.37
N ALA A 114 -21.09 0.89 -26.47
CA ALA A 114 -21.18 0.10 -27.69
C ALA A 114 -20.42 -1.21 -27.55
N ARG A 115 -19.15 -1.09 -27.15
CA ARG A 115 -18.29 -2.24 -26.98
C ARG A 115 -18.79 -3.16 -25.87
N ALA A 116 -19.36 -2.56 -24.84
CA ALA A 116 -19.96 -3.36 -23.76
C ALA A 116 -21.05 -4.27 -24.32
N PHE A 117 -21.90 -3.71 -25.18
CA PHE A 117 -22.99 -4.42 -25.80
C PHE A 117 -22.50 -5.48 -26.76
N GLN A 118 -21.47 -5.20 -27.55
CA GLN A 118 -20.98 -6.22 -28.48
C GLN A 118 -20.56 -7.47 -27.75
N VAL A 119 -19.98 -7.34 -26.57
CA VAL A 119 -19.56 -8.46 -25.75
C VAL A 119 -20.57 -9.59 -25.75
N TRP A 120 -21.84 -9.26 -25.58
CA TRP A 120 -22.92 -10.25 -25.54
C TRP A 120 -23.44 -10.51 -26.95
N SER A 121 -23.29 -9.53 -27.82
CA SER A 121 -23.72 -9.69 -29.20
C SER A 121 -22.82 -10.68 -29.93
N ASP A 122 -21.59 -10.86 -29.46
CA ASP A 122 -20.67 -11.78 -30.11
C ASP A 122 -21.03 -13.23 -29.91
N VAL A 123 -21.72 -13.54 -28.82
CA VAL A 123 -22.05 -14.92 -28.53
C VAL A 123 -23.53 -15.22 -28.52
N THR A 124 -24.36 -14.27 -28.94
CA THR A 124 -25.81 -14.51 -28.96
C THR A 124 -26.44 -13.94 -30.23
N PRO A 125 -27.70 -14.20 -30.49
CA PRO A 125 -28.40 -13.62 -31.63
C PRO A 125 -28.66 -12.14 -31.38
N LEU A 126 -28.64 -11.77 -30.11
CA LEU A 126 -28.88 -10.41 -29.67
C LEU A 126 -28.04 -9.42 -30.48
N ARG A 127 -28.74 -8.42 -30.97
CA ARG A 127 -28.28 -7.33 -31.79
C ARG A 127 -28.78 -6.02 -31.15
N PHE A 128 -27.86 -5.08 -30.96
CA PHE A 128 -28.23 -3.85 -30.27
C PHE A 128 -28.34 -2.68 -31.24
N SER A 129 -29.07 -1.65 -30.84
CA SER A 129 -29.25 -0.47 -31.68
C SER A 129 -29.62 0.77 -30.90
N ARG A 130 -28.76 1.77 -31.03
CA ARG A 130 -28.97 3.05 -30.35
C ARG A 130 -30.06 3.85 -31.05
N ILE A 131 -30.91 4.47 -30.26
CA ILE A 131 -31.95 5.34 -30.83
C ILE A 131 -31.81 6.68 -30.10
N HIS A 132 -32.30 7.75 -30.68
CA HIS A 132 -32.06 9.03 -30.02
C HIS A 132 -33.34 9.66 -29.54
N ASP A 133 -34.48 9.07 -29.86
CA ASP A 133 -35.74 9.69 -29.48
C ASP A 133 -36.70 8.72 -28.82
N GLY A 134 -37.42 9.20 -27.82
CA GLY A 134 -38.41 8.45 -27.11
C GLY A 134 -37.84 7.29 -26.31
N GLU A 135 -38.75 6.50 -25.73
CA GLU A 135 -38.43 5.36 -24.93
C GLU A 135 -37.60 4.31 -25.66
N ALA A 136 -36.66 3.71 -24.95
CA ALA A 136 -35.80 2.67 -25.50
C ALA A 136 -35.92 1.41 -24.65
N ASP A 137 -35.46 0.28 -25.17
CA ASP A 137 -35.53 -0.94 -24.35
C ASP A 137 -34.61 -0.72 -23.14
N ILE A 138 -33.36 -0.42 -23.43
CA ILE A 138 -32.39 -0.17 -22.36
C ILE A 138 -32.06 1.32 -22.31
N MET A 139 -32.50 2.00 -21.26
CA MET A 139 -32.23 3.42 -21.10
C MET A 139 -31.05 3.68 -20.15
N ILE A 140 -29.92 4.05 -20.72
CA ILE A 140 -28.70 4.30 -19.95
C ILE A 140 -28.67 5.68 -19.34
N ASN A 141 -28.12 5.80 -18.14
CA ASN A 141 -28.03 7.08 -17.46
C ASN A 141 -27.06 7.05 -16.27
N PHE A 142 -26.56 8.24 -15.93
CA PHE A 142 -25.66 8.41 -14.80
C PHE A 142 -26.37 9.15 -13.67
N GLY A 143 -26.18 8.72 -12.42
CA GLY A 143 -26.84 9.37 -11.29
C GLY A 143 -26.06 9.17 -9.99
N ARG A 144 -26.42 9.94 -8.95
CA ARG A 144 -25.75 9.84 -7.64
C ARG A 144 -26.77 9.56 -6.54
N TRP A 145 -26.34 8.94 -5.43
CA TRP A 145 -27.27 8.58 -4.37
C TRP A 145 -28.59 8.10 -4.93
N GLU A 146 -29.63 8.80 -4.49
CA GLU A 146 -30.97 8.57 -4.98
C GLU A 146 -31.16 9.39 -6.24
N HIS A 147 -31.47 8.67 -7.31
CA HIS A 147 -31.59 9.24 -8.63
C HIS A 147 -32.95 8.95 -9.28
N GLY A 148 -33.94 8.51 -8.52
CA GLY A 148 -35.27 8.34 -9.08
C GLY A 148 -35.79 6.94 -9.17
N ASP A 149 -35.42 6.08 -8.22
CA ASP A 149 -35.98 4.73 -8.27
C ASP A 149 -35.87 4.01 -6.94
N GLY A 150 -35.57 4.74 -5.88
CA GLY A 150 -35.49 4.20 -4.56
C GLY A 150 -34.43 3.17 -4.28
N TYR A 151 -33.47 3.03 -5.16
CA TYR A 151 -32.28 2.20 -4.97
C TYR A 151 -31.08 3.13 -5.15
N PRO A 152 -30.87 4.02 -4.19
CA PRO A 152 -29.86 5.07 -4.24
C PRO A 152 -28.43 4.57 -4.27
N PHE A 153 -27.47 5.45 -4.49
CA PHE A 153 -26.05 5.12 -4.58
C PHE A 153 -25.38 5.55 -3.28
N ASP A 154 -24.06 5.72 -3.18
CA ASP A 154 -23.39 5.95 -1.93
C ASP A 154 -22.16 6.80 -1.85
N GLY A 155 -21.74 7.47 -2.90
CA GLY A 155 -20.52 8.29 -2.84
C GLY A 155 -19.43 7.58 -3.64
N LYS A 156 -18.21 8.11 -3.68
CA LYS A 156 -17.15 7.44 -4.42
C LYS A 156 -16.90 6.03 -3.83
N ASP A 157 -16.82 5.05 -4.74
CA ASP A 157 -16.60 3.63 -4.41
C ASP A 157 -17.80 3.09 -3.67
N GLY A 158 -17.67 1.86 -3.09
CA GLY A 158 -18.93 1.22 -2.70
C GLY A 158 -19.74 0.69 -3.90
N LEU A 159 -21.02 1.08 -4.06
CA LEU A 159 -21.78 0.63 -5.25
C LEU A 159 -21.35 1.42 -6.48
N LEU A 160 -21.28 0.77 -7.65
CA LEU A 160 -20.83 1.47 -8.86
C LEU A 160 -21.98 1.67 -9.85
N ALA A 161 -22.82 0.68 -10.01
CA ALA A 161 -23.95 0.77 -10.92
C ALA A 161 -24.92 -0.37 -10.70
N HIS A 162 -25.99 -0.39 -11.50
CA HIS A 162 -26.94 -1.51 -11.45
C HIS A 162 -27.84 -1.47 -12.67
N ALA A 163 -28.49 -2.60 -12.95
CA ALA A 163 -29.51 -2.45 -13.98
C ALA A 163 -30.72 -3.33 -13.76
N PHE A 164 -31.91 -2.92 -14.18
CA PHE A 164 -33.08 -3.79 -13.99
C PHE A 164 -33.15 -4.88 -15.03
N ALA A 165 -33.74 -6.01 -14.65
CA ALA A 165 -33.89 -7.13 -15.58
C ALA A 165 -34.79 -6.73 -16.73
N PRO A 166 -34.87 -7.56 -17.79
CA PRO A 166 -35.70 -7.25 -18.94
C PRO A 166 -37.16 -7.08 -18.53
N GLY A 167 -37.83 -6.15 -19.18
CA GLY A 167 -39.23 -5.88 -18.89
C GLY A 167 -39.61 -4.48 -19.34
N THR A 168 -40.82 -4.08 -18.98
CA THR A 168 -41.31 -2.75 -19.34
C THR A 168 -41.01 -1.77 -18.22
N GLY A 169 -41.37 -0.51 -18.43
CA GLY A 169 -41.10 0.50 -17.43
C GLY A 169 -39.61 0.73 -17.36
N VAL A 170 -39.00 0.42 -16.23
CA VAL A 170 -37.55 0.60 -16.11
C VAL A 170 -36.83 -0.70 -16.45
N GLY A 171 -37.57 -1.68 -16.92
CA GLY A 171 -37.00 -2.97 -17.26
C GLY A 171 -35.82 -2.81 -18.21
N GLY A 172 -34.64 -3.24 -17.78
CA GLY A 172 -33.46 -3.16 -18.62
C GLY A 172 -32.67 -1.89 -18.38
N ASP A 173 -33.25 -0.88 -17.77
CA ASP A 173 -32.50 0.35 -17.56
C ASP A 173 -31.19 0.07 -16.81
N SER A 174 -30.11 0.65 -17.29
CA SER A 174 -28.81 0.54 -16.63
C SER A 174 -28.40 1.90 -16.09
N HIS A 175 -28.05 1.96 -14.80
CA HIS A 175 -27.72 3.21 -14.12
C HIS A 175 -26.34 3.14 -13.49
N PHE A 176 -25.50 4.10 -13.81
CA PHE A 176 -24.16 4.19 -13.28
C PHE A 176 -23.95 5.31 -12.27
N ASP A 177 -23.29 5.05 -11.20
CA ASP A 177 -23.11 6.02 -10.13
C ASP A 177 -22.29 7.19 -10.64
N ASP A 178 -22.87 8.38 -10.63
CA ASP A 178 -22.22 9.57 -11.12
C ASP A 178 -21.19 10.11 -10.16
N ASP A 179 -20.88 9.42 -9.07
CA ASP A 179 -19.85 9.86 -8.15
C ASP A 179 -18.56 9.06 -8.28
N GLU A 180 -18.43 8.33 -9.36
CA GLU A 180 -17.24 7.54 -9.61
C GLU A 180 -16.31 8.23 -10.60
N LEU A 181 -15.03 7.94 -10.51
CA LEU A 181 -14.07 8.47 -11.47
C LEU A 181 -14.04 7.53 -12.67
N TRP A 182 -14.99 7.79 -13.56
CA TRP A 182 -15.20 6.99 -14.77
C TRP A 182 -14.08 7.13 -15.76
N THR A 183 -13.47 5.99 -16.03
CA THR A 183 -12.32 5.92 -16.89
C THR A 183 -12.42 4.72 -17.84
N LEU A 184 -11.28 4.32 -18.36
CA LEU A 184 -11.22 3.10 -19.16
C LEU A 184 -10.49 1.99 -18.40
N GLY A 185 -10.28 2.22 -17.10
CA GLY A 185 -9.71 1.24 -16.24
C GLY A 185 -8.31 1.55 -15.73
N GLU A 186 -7.57 2.39 -16.43
CA GLU A 186 -6.20 2.69 -16.06
C GLU A 186 -5.94 4.16 -15.78
N GLY A 187 -6.68 4.75 -14.85
CA GLY A 187 -6.50 6.16 -14.53
C GLY A 187 -7.38 7.13 -15.32
N GLN A 188 -7.40 8.38 -14.87
CA GLN A 188 -8.19 9.42 -15.51
C GLN A 188 -7.99 9.46 -17.01
N VAL A 189 -9.07 9.61 -17.76
CA VAL A 189 -9.05 9.73 -19.20
C VAL A 189 -9.57 11.08 -19.65
N VAL A 190 -8.74 11.84 -20.34
CA VAL A 190 -9.14 13.18 -20.81
C VAL A 190 -8.76 13.28 -22.28
N ARG A 191 -9.70 13.62 -23.14
CA ARG A 191 -9.45 13.74 -24.58
C ARG A 191 -9.15 15.19 -24.90
N VAL A 192 -7.94 15.38 -25.42
CA VAL A 192 -7.38 16.68 -25.73
C VAL A 192 -8.09 17.45 -26.82
N LYS A 193 -8.08 18.77 -26.67
CA LYS A 193 -8.69 19.72 -27.57
C LYS A 193 -7.64 20.65 -28.14
N TYR A 194 -7.59 20.71 -29.46
CA TYR A 194 -6.64 21.59 -30.16
C TYR A 194 -5.23 21.25 -29.80
N GLY A 195 -4.25 22.12 -30.06
CA GLY A 195 -2.85 21.68 -29.82
C GLY A 195 -2.44 20.84 -31.04
N ASN A 196 -1.26 20.23 -31.03
CA ASN A 196 -0.81 19.46 -32.18
C ASN A 196 -1.31 18.02 -32.16
N ALA A 197 -2.16 17.69 -31.20
CA ALA A 197 -2.66 16.33 -31.07
C ALA A 197 -4.14 16.31 -30.74
N ASP A 198 -4.89 17.27 -31.24
CA ASP A 198 -6.34 17.26 -31.03
C ASP A 198 -6.92 15.88 -31.28
N GLY A 199 -7.86 15.47 -30.41
CA GLY A 199 -8.46 14.21 -30.28
C GLY A 199 -7.76 13.07 -29.60
N GLU A 200 -6.47 13.20 -29.33
CA GLU A 200 -5.75 12.14 -28.63
C GLU A 200 -5.98 12.29 -27.12
N TYR A 201 -5.77 11.22 -26.37
CA TYR A 201 -6.06 11.30 -24.95
C TYR A 201 -4.80 11.74 -24.21
N CYS A 202 -4.94 12.48 -23.14
CA CYS A 202 -3.75 12.83 -22.34
C CYS A 202 -3.22 11.46 -21.87
N LYS A 203 -1.91 11.39 -21.72
CA LYS A 203 -1.15 10.20 -21.40
C LYS A 203 -0.57 10.40 -20.00
N PHE A 204 -1.15 9.66 -19.07
CA PHE A 204 -0.69 9.82 -17.69
C PHE A 204 0.01 8.55 -17.24
N PRO A 205 1.20 8.68 -16.65
CA PRO A 205 1.90 9.92 -16.43
C PRO A 205 2.73 10.32 -17.66
N PHE A 206 2.99 11.61 -17.81
CA PHE A 206 3.81 12.11 -18.91
C PHE A 206 5.03 12.83 -18.39
N LEU A 207 6.14 12.69 -19.12
CA LEU A 207 7.40 13.30 -18.71
C LEU A 207 7.61 14.65 -19.35
N PHE A 208 7.70 15.70 -18.55
CA PHE A 208 7.89 17.05 -19.07
C PHE A 208 8.84 17.89 -18.24
N ASN A 209 9.91 18.33 -18.89
CA ASN A 209 10.90 19.16 -18.21
C ASN A 209 11.47 18.46 -16.99
N GLY A 210 11.82 17.19 -17.15
CA GLY A 210 12.37 16.38 -16.08
C GLY A 210 11.38 16.08 -14.97
N LYS A 211 10.11 16.38 -15.20
CA LYS A 211 9.07 16.16 -14.21
C LYS A 211 8.03 15.19 -14.75
N GLU A 212 7.34 14.52 -13.85
CA GLU A 212 6.27 13.61 -14.26
C GLU A 212 4.96 14.26 -13.80
N TYR A 213 3.99 14.23 -14.70
CA TYR A 213 2.69 14.81 -14.41
C TYR A 213 1.65 13.70 -14.62
N ASN A 214 0.78 13.52 -13.64
CA ASN A 214 -0.26 12.51 -13.73
C ASN A 214 -1.64 13.11 -13.92
N SER A 215 -1.68 14.36 -14.37
CA SER A 215 -2.93 15.05 -14.63
C SER A 215 -2.65 16.29 -15.46
N CYS A 216 -3.65 16.86 -16.11
CA CYS A 216 -3.38 18.09 -16.84
C CYS A 216 -2.86 19.19 -15.90
N THR A 217 -1.85 19.91 -16.40
CA THR A 217 -1.16 20.98 -15.66
C THR A 217 -1.12 22.28 -16.47
N ASP A 218 -1.03 23.41 -15.77
CA ASP A 218 -0.93 24.71 -16.41
C ASP A 218 0.50 25.22 -16.35
N THR A 219 1.42 24.29 -16.13
CA THR A 219 2.83 24.64 -16.06
C THR A 219 3.33 25.18 -17.39
N GLY A 220 4.12 26.23 -17.31
CA GLY A 220 4.76 26.82 -18.47
C GLY A 220 3.87 27.84 -19.17
N ARG A 221 2.69 28.07 -18.61
CA ARG A 221 1.76 28.99 -19.24
C ARG A 221 1.30 30.06 -18.25
N SER A 222 0.83 31.19 -18.80
CA SER A 222 0.30 32.26 -17.99
C SER A 222 -1.17 32.48 -18.27
N ASP A 223 -1.70 31.92 -19.35
CA ASP A 223 -3.12 32.03 -19.64
C ASP A 223 -3.94 31.09 -18.75
N GLY A 224 -3.27 30.23 -18.01
CA GLY A 224 -3.89 29.33 -17.07
C GLY A 224 -4.60 28.16 -17.69
N PHE A 225 -4.34 27.86 -18.95
CA PHE A 225 -5.00 26.75 -19.65
C PHE A 225 -4.29 25.46 -19.27
N LEU A 226 -5.08 24.41 -19.14
CA LEU A 226 -4.49 23.12 -18.78
C LEU A 226 -4.17 22.34 -20.06
N TRP A 227 -2.96 21.84 -20.13
CA TRP A 227 -2.49 21.06 -21.27
C TRP A 227 -1.84 19.78 -20.74
N CYS A 228 -1.44 18.90 -21.65
CA CYS A 228 -0.81 17.64 -21.24
C CYS A 228 -0.15 17.02 -22.48
N SER A 229 0.62 15.96 -22.26
CA SER A 229 1.28 15.30 -23.37
C SER A 229 0.45 14.13 -23.85
N THR A 230 0.24 13.98 -25.15
CA THR A 230 -0.53 12.83 -25.62
C THR A 230 0.34 11.57 -25.69
N THR A 231 1.59 11.70 -25.28
CA THR A 231 2.56 10.62 -25.24
C THR A 231 3.39 10.71 -23.95
N TYR A 232 4.23 9.73 -23.69
CA TYR A 232 5.01 9.73 -22.47
C TYR A 232 6.10 10.80 -22.46
N ASN A 233 7.01 10.69 -23.42
CA ASN A 233 8.17 11.60 -23.47
C ASN A 233 7.86 12.81 -24.31
N PHE A 234 7.64 13.96 -23.65
CA PHE A 234 7.29 15.18 -24.37
C PHE A 234 8.50 15.76 -25.10
N GLU A 235 9.69 15.42 -24.63
CA GLU A 235 10.89 15.91 -25.28
C GLU A 235 11.06 15.24 -26.63
N LYS A 236 11.02 13.91 -26.64
CA LYS A 236 11.18 13.18 -27.90
C LYS A 236 10.04 13.47 -28.85
N ASP A 237 8.84 13.07 -28.46
CA ASP A 237 7.65 13.32 -29.29
C ASP A 237 7.08 14.64 -28.76
N GLY A 238 6.72 15.56 -29.63
CA GLY A 238 6.27 16.85 -29.13
C GLY A 238 4.77 17.02 -29.17
N LYS A 239 4.02 15.93 -29.02
CA LYS A 239 2.58 15.97 -29.09
C LYS A 239 1.96 16.35 -27.74
N TYR A 240 1.06 17.32 -27.77
CA TYR A 240 0.35 17.82 -26.60
C TYR A 240 -0.99 18.41 -27.04
N GLY A 241 -1.80 18.80 -26.07
CA GLY A 241 -3.06 19.43 -26.39
C GLY A 241 -3.70 20.09 -25.18
N PHE A 242 -4.91 20.59 -25.39
CA PHE A 242 -5.58 21.27 -24.28
C PHE A 242 -6.65 20.45 -23.59
N CYS A 243 -6.67 20.46 -22.27
CA CYS A 243 -7.66 19.70 -21.52
C CYS A 243 -8.94 20.47 -21.36
N PRO A 244 -10.05 19.81 -21.67
CA PRO A 244 -11.39 20.33 -21.47
C PRO A 244 -11.54 20.91 -20.08
N HIS A 245 -12.37 21.95 -19.96
CA HIS A 245 -12.72 22.51 -18.69
C HIS A 245 -13.54 23.78 -18.87
N GLU A 246 -14.83 23.73 -18.61
CA GLU A 246 -15.80 24.77 -18.80
C GLU A 246 -15.51 26.12 -18.21
N ALA A 247 -14.54 26.25 -17.31
CA ALA A 247 -14.26 27.53 -16.68
C ALA A 247 -13.16 28.16 -17.55
N LEU A 248 -12.67 27.36 -18.50
CA LEU A 248 -11.63 27.79 -19.39
C LEU A 248 -12.16 28.21 -20.75
N PHE A 249 -13.01 27.35 -21.31
CA PHE A 249 -13.44 27.41 -22.70
C PHE A 249 -14.69 26.57 -22.90
N THR A 250 -15.61 26.95 -23.78
CA THR A 250 -16.71 26.04 -24.10
C THR A 250 -16.33 25.25 -25.35
N MET A 251 -17.16 24.29 -25.78
CA MET A 251 -16.87 23.57 -27.04
C MET A 251 -17.61 24.04 -28.30
N GLY A 252 -18.92 24.26 -28.22
CA GLY A 252 -19.78 24.39 -29.38
C GLY A 252 -20.57 25.67 -29.14
N GLY A 253 -21.87 25.62 -29.43
CA GLY A 253 -22.75 26.74 -29.23
C GLY A 253 -22.40 27.91 -30.15
N ASN A 254 -22.60 29.12 -29.62
CA ASN A 254 -22.35 30.35 -30.37
C ASN A 254 -21.40 31.30 -29.63
N ALA A 255 -20.99 30.97 -28.42
CA ALA A 255 -19.97 31.78 -27.73
C ALA A 255 -18.53 31.80 -28.24
N GLU A 256 -18.27 31.05 -29.30
CA GLU A 256 -16.94 31.01 -29.90
C GLU A 256 -15.83 30.65 -28.90
N GLY A 257 -16.05 29.60 -28.14
CA GLY A 257 -15.04 29.08 -27.23
C GLY A 257 -14.86 29.86 -25.97
N GLN A 258 -15.74 30.82 -25.69
CA GLN A 258 -15.57 31.56 -24.43
C GLN A 258 -15.94 30.63 -23.29
N PRO A 259 -15.28 30.81 -22.15
CA PRO A 259 -15.60 29.99 -20.99
C PRO A 259 -16.98 30.26 -20.43
N CYS A 260 -17.62 29.27 -19.82
CA CYS A 260 -18.84 29.41 -19.06
C CYS A 260 -18.72 30.48 -17.95
N LYS A 261 -19.82 31.20 -17.74
CA LYS A 261 -20.03 32.32 -16.86
C LYS A 261 -20.93 31.89 -15.71
N PHE A 262 -20.36 31.68 -14.55
CA PHE A 262 -21.13 31.15 -13.43
C PHE A 262 -21.32 32.15 -12.32
N PRO A 263 -22.54 32.34 -11.84
CA PRO A 263 -23.72 31.64 -12.30
C PRO A 263 -24.34 32.39 -13.45
N PHE A 264 -25.05 31.71 -14.30
CA PHE A 264 -25.73 32.28 -15.45
C PHE A 264 -27.22 31.95 -15.27
N ARG A 265 -28.06 32.93 -15.55
CA ARG A 265 -29.49 32.80 -15.32
C ARG A 265 -30.22 32.27 -16.54
N PHE A 266 -30.91 31.17 -16.40
CA PHE A 266 -31.74 30.60 -17.46
C PHE A 266 -33.15 30.45 -16.88
N GLN A 267 -34.02 31.34 -17.35
CA GLN A 267 -35.39 31.38 -16.88
C GLN A 267 -35.35 31.63 -15.37
N GLY A 268 -36.21 30.98 -14.61
CA GLY A 268 -36.26 31.19 -13.16
C GLY A 268 -35.17 30.53 -12.39
N THR A 269 -33.98 30.28 -12.92
CA THR A 269 -32.98 29.53 -12.16
C THR A 269 -31.60 30.03 -12.56
N SER A 270 -30.73 30.08 -11.57
CA SER A 270 -29.37 30.54 -11.74
C SER A 270 -28.42 29.36 -11.59
N TYR A 271 -27.93 28.87 -12.73
CA TYR A 271 -27.06 27.70 -12.68
C TYR A 271 -25.63 28.14 -12.42
N ASP A 272 -24.97 27.43 -11.54
CA ASP A 272 -23.59 27.70 -11.20
C ASP A 272 -22.66 26.67 -11.82
N SER A 273 -23.23 25.85 -12.70
CA SER A 273 -22.37 24.87 -13.39
C SER A 273 -23.02 24.52 -14.73
N CYS A 274 -22.37 23.68 -15.52
CA CYS A 274 -23.09 23.29 -16.75
C CYS A 274 -24.30 22.45 -16.44
N THR A 275 -25.33 22.54 -17.26
CA THR A 275 -26.55 21.76 -17.00
C THR A 275 -26.94 21.01 -18.27
N THR A 276 -27.99 20.22 -18.20
CA THR A 276 -28.61 19.68 -19.42
C THR A 276 -30.05 20.22 -19.54
N GLU A 277 -30.40 21.10 -18.63
CA GLU A 277 -31.69 21.75 -18.57
C GLU A 277 -32.09 22.33 -19.93
N GLY A 278 -33.27 21.92 -20.37
CA GLY A 278 -33.82 22.18 -21.67
C GLY A 278 -33.27 21.31 -22.79
N ARG A 279 -32.51 20.29 -22.46
CA ARG A 279 -31.93 19.43 -23.47
C ARG A 279 -32.38 17.97 -23.28
N THR A 280 -32.28 17.21 -24.36
CA THR A 280 -32.68 15.81 -24.33
C THR A 280 -31.50 14.86 -24.55
N ASP A 281 -30.51 15.33 -25.30
CA ASP A 281 -29.34 14.58 -25.68
C ASP A 281 -28.34 14.31 -24.56
N GLY A 282 -28.60 14.91 -23.39
CA GLY A 282 -27.75 14.71 -22.23
C GLY A 282 -26.42 15.42 -22.38
N TYR A 283 -26.30 16.31 -23.36
CA TYR A 283 -25.08 17.10 -23.50
C TYR A 283 -25.15 18.32 -22.60
N ARG A 284 -24.26 18.43 -21.64
CA ARG A 284 -24.22 19.62 -20.79
C ARG A 284 -23.91 20.83 -21.71
N TRP A 285 -24.45 21.95 -21.31
CA TRP A 285 -24.19 23.22 -21.98
C TRP A 285 -24.20 24.30 -20.91
N CYS A 286 -23.83 25.52 -21.19
CA CYS A 286 -23.86 26.59 -20.21
C CYS A 286 -23.93 27.97 -20.87
N GLY A 287 -24.20 28.95 -20.02
CA GLY A 287 -24.30 30.33 -20.45
C GLY A 287 -22.93 30.98 -20.30
N THR A 288 -22.45 31.51 -21.43
CA THR A 288 -21.14 32.17 -21.41
C THR A 288 -21.27 33.65 -21.07
N THR A 289 -22.37 33.95 -20.40
CA THR A 289 -22.67 35.30 -19.92
C THR A 289 -23.42 35.17 -18.59
N GLU A 290 -23.80 36.27 -17.97
CA GLU A 290 -24.50 36.19 -16.68
C GLU A 290 -26.02 36.19 -16.87
N ASP A 291 -26.50 36.16 -18.12
CA ASP A 291 -27.95 36.13 -18.38
C ASP A 291 -28.26 35.50 -19.74
N TYR A 292 -28.17 34.17 -19.80
CA TYR A 292 -28.43 33.48 -21.05
C TYR A 292 -29.66 34.01 -21.77
N ASP A 293 -30.75 34.13 -21.06
CA ASP A 293 -31.99 34.57 -21.70
C ASP A 293 -31.79 35.90 -22.41
N ARG A 294 -31.15 36.85 -21.72
CA ARG A 294 -30.91 38.16 -22.31
C ARG A 294 -30.04 38.07 -23.56
N ASP A 295 -28.79 37.68 -23.36
CA ASP A 295 -27.89 37.47 -24.50
C ASP A 295 -27.74 35.99 -24.72
N LYS A 296 -28.37 35.42 -25.72
CA LYS A 296 -28.47 33.98 -25.91
C LYS A 296 -27.13 33.33 -26.21
N LYS A 297 -26.01 33.85 -25.75
CA LYS A 297 -24.68 33.31 -25.95
C LYS A 297 -24.43 32.13 -25.02
N TYR A 298 -23.99 30.99 -25.53
CA TYR A 298 -23.79 29.80 -24.76
C TYR A 298 -22.78 28.84 -25.37
N GLY A 299 -22.31 27.88 -24.56
CA GLY A 299 -21.38 26.86 -25.05
C GLY A 299 -21.66 25.50 -24.41
N PHE A 300 -21.00 24.48 -24.92
CA PHE A 300 -21.15 23.12 -24.41
C PHE A 300 -19.97 22.65 -23.57
N CYS A 301 -20.22 21.84 -22.53
CA CYS A 301 -19.05 21.36 -21.74
C CYS A 301 -18.95 19.85 -21.83
N PRO A 302 -18.38 19.31 -22.90
CA PRO A 302 -18.31 17.91 -23.26
C PRO A 302 -17.50 17.01 -22.38
N GLU A 303 -16.66 17.60 -21.54
CA GLU A 303 -15.85 16.81 -20.61
C GLU A 303 -15.31 17.66 -19.48
N THR A 304 -14.73 17.04 -18.46
CA THR A 304 -14.00 17.90 -17.52
C THR A 304 -12.72 17.27 -16.99
N ALA A 305 -11.66 18.06 -16.94
CA ALA A 305 -10.37 17.59 -16.45
C ALA A 305 -10.38 17.65 -14.94
N MET A 306 -10.25 16.52 -14.29
CA MET A 306 -10.32 16.43 -12.84
C MET A 306 -8.94 16.70 -12.25
N SER A 307 -8.79 17.80 -11.53
CA SER A 307 -7.48 17.97 -10.88
C SER A 307 -7.39 17.08 -9.65
N THR A 308 -8.32 17.26 -8.71
CA THR A 308 -8.27 16.51 -7.47
C THR A 308 -9.72 16.07 -7.19
N VAL A 309 -9.82 14.98 -6.45
CA VAL A 309 -11.12 14.41 -6.13
C VAL A 309 -11.34 14.47 -4.63
N GLY A 310 -12.56 14.78 -4.21
CA GLY A 310 -12.90 14.84 -2.80
C GLY A 310 -12.06 15.88 -2.08
N GLY A 311 -11.70 15.58 -0.85
CA GLY A 311 -10.89 16.48 -0.04
C GLY A 311 -11.73 17.66 0.44
N ASN A 312 -11.12 18.83 0.37
CA ASN A 312 -11.81 20.05 0.77
C ASN A 312 -11.69 21.13 -0.31
N SER A 313 -10.83 20.89 -1.30
CA SER A 313 -10.21 21.95 -2.11
C SER A 313 -11.06 22.18 -3.33
N GLU A 314 -12.26 21.61 -3.28
CA GLU A 314 -13.25 21.72 -4.33
C GLU A 314 -12.63 21.38 -5.68
N GLY A 315 -11.75 20.38 -5.75
CA GLY A 315 -11.16 20.10 -7.05
C GLY A 315 -9.87 20.88 -7.27
N ALA A 316 -9.56 21.88 -6.46
CA ALA A 316 -8.30 22.62 -6.62
C ALA A 316 -7.11 21.71 -6.84
N PRO A 317 -6.24 22.04 -7.79
CA PRO A 317 -5.09 21.26 -8.18
C PRO A 317 -4.02 21.08 -7.12
N CYS A 318 -3.42 19.89 -7.07
CA CYS A 318 -2.29 19.64 -6.19
C CYS A 318 -1.20 20.68 -6.39
N VAL A 319 -0.41 20.90 -5.36
CA VAL A 319 0.65 21.88 -5.34
C VAL A 319 1.96 21.19 -4.96
N PHE A 320 2.86 21.16 -5.93
CA PHE A 320 4.14 20.50 -5.70
C PHE A 320 5.27 21.53 -5.73
N PRO A 321 6.12 21.47 -4.73
CA PRO A 321 6.01 20.52 -3.62
C PRO A 321 5.14 21.14 -2.52
N PHE A 322 4.76 20.35 -1.54
CA PHE A 322 3.94 20.79 -0.42
C PHE A 322 4.47 20.19 0.88
N THR A 323 4.44 20.96 1.97
CA THR A 323 4.95 20.44 3.25
C THR A 323 3.82 19.86 4.09
N PHE A 324 4.03 18.64 4.56
CA PHE A 324 3.06 17.96 5.40
C PHE A 324 3.74 17.49 6.68
N LEU A 325 3.63 18.25 7.75
CA LEU A 325 4.23 17.84 9.01
C LEU A 325 5.76 17.73 8.96
N GLY A 326 6.45 18.80 8.55
CA GLY A 326 7.91 18.83 8.55
C GLY A 326 8.57 18.05 7.40
N ASN A 327 7.78 17.37 6.58
CA ASN A 327 8.35 16.62 5.46
C ASN A 327 7.82 17.17 4.13
N LYS A 328 8.73 17.63 3.27
CA LYS A 328 8.33 18.17 1.97
C LYS A 328 7.92 17.06 1.03
N TYR A 329 6.86 17.30 0.24
CA TYR A 329 6.38 16.28 -0.68
C TYR A 329 6.37 16.77 -2.12
N GLU A 330 6.72 15.88 -3.03
CA GLU A 330 6.86 16.16 -4.44
C GLU A 330 5.90 15.34 -5.29
N SER A 331 5.05 14.55 -4.63
CA SER A 331 4.04 13.73 -5.32
C SER A 331 2.86 13.46 -4.41
N CYS A 332 1.86 12.74 -4.91
CA CYS A 332 0.80 12.25 -4.03
C CYS A 332 1.34 11.23 -3.04
N THR A 333 0.60 11.01 -1.92
CA THR A 333 1.05 10.09 -0.89
C THR A 333 -0.06 9.49 -0.05
N SER A 334 0.33 8.57 0.83
CA SER A 334 -0.60 7.96 1.77
C SER A 334 -0.23 8.42 3.19
N ALA A 335 0.72 9.36 3.20
CA ALA A 335 1.24 9.93 4.43
C ALA A 335 0.13 10.58 5.25
N GLY A 336 -0.04 10.11 6.48
CA GLY A 336 -1.05 10.63 7.37
C GLY A 336 -2.35 9.82 7.22
N ARG A 337 -2.40 8.97 6.21
CA ARG A 337 -3.59 8.17 5.96
C ARG A 337 -3.44 6.78 6.58
N SER A 338 -4.19 5.83 6.05
CA SER A 338 -4.13 4.44 6.42
C SER A 338 -4.51 3.59 5.19
N ASP A 339 -5.78 3.67 4.87
CA ASP A 339 -6.50 3.03 3.82
C ASP A 339 -5.65 2.59 2.64
N GLY A 340 -5.24 3.57 1.85
CA GLY A 340 -4.45 3.32 0.66
C GLY A 340 -4.52 4.55 -0.24
N LYS A 341 -5.35 5.49 0.17
CA LYS A 341 -5.65 6.69 -0.57
C LYS A 341 -4.47 7.61 -0.76
N MET A 342 -4.21 7.97 -2.02
CA MET A 342 -3.14 8.91 -2.33
C MET A 342 -3.70 10.32 -2.38
N TRP A 343 -3.11 11.24 -1.63
CA TRP A 343 -3.58 12.62 -1.62
C TRP A 343 -2.42 13.59 -1.85
N CYS A 344 -2.79 14.86 -1.97
CA CYS A 344 -1.76 15.92 -1.91
C CYS A 344 -2.39 17.23 -1.42
N ALA A 345 -1.54 18.20 -1.12
CA ALA A 345 -2.09 19.47 -0.63
C ALA A 345 -2.39 20.37 -1.81
N THR A 346 -3.52 21.07 -1.76
CA THR A 346 -3.85 21.96 -2.88
C THR A 346 -3.39 23.37 -2.58
N THR A 347 -2.54 23.46 -1.58
CA THR A 347 -1.73 24.69 -1.35
C THR A 347 -0.24 24.39 -1.09
N ALA A 348 0.59 25.42 -1.29
CA ALA A 348 2.05 25.32 -1.08
C ALA A 348 2.40 24.34 0.04
N ASN A 349 2.17 24.73 1.28
CA ASN A 349 2.42 23.83 2.40
C ASN A 349 1.09 23.54 3.10
N TYR A 350 0.92 22.31 3.56
CA TYR A 350 -0.34 21.92 4.18
C TYR A 350 -0.51 22.48 5.60
N ASP A 351 0.50 22.30 6.43
CA ASP A 351 0.46 22.75 7.81
C ASP A 351 -0.13 24.15 7.97
N ASP A 352 0.35 25.09 7.16
CA ASP A 352 -0.12 26.48 7.24
C ASP A 352 -1.58 26.62 6.84
N ASP A 353 -1.96 26.07 5.70
CA ASP A 353 -3.30 26.25 5.15
C ASP A 353 -4.26 25.11 5.42
N ARG A 354 -3.78 23.88 5.48
CA ARG A 354 -4.59 22.71 5.75
C ARG A 354 -5.72 22.52 4.76
N LYS A 355 -5.40 22.62 3.48
CA LYS A 355 -6.30 22.41 2.36
C LYS A 355 -5.76 21.26 1.49
N TRP A 356 -6.51 20.18 1.37
CA TRP A 356 -6.05 19.01 0.64
C TRP A 356 -7.10 18.50 -0.34
N GLY A 357 -6.75 17.45 -1.07
CA GLY A 357 -7.68 16.78 -1.96
C GLY A 357 -7.14 15.40 -2.35
N PHE A 358 -7.99 14.47 -2.76
CA PHE A 358 -7.47 13.18 -3.21
C PHE A 358 -7.00 13.30 -4.66
N CYS A 359 -5.90 12.62 -4.93
CA CYS A 359 -5.36 12.60 -6.29
C CYS A 359 -6.15 11.57 -7.07
N PRO A 360 -6.67 11.93 -8.23
CA PRO A 360 -7.48 10.97 -8.98
C PRO A 360 -6.76 9.63 -9.04
N ASP A 361 -7.47 8.55 -8.82
CA ASP A 361 -6.94 7.20 -8.82
C ASP A 361 -7.15 6.47 -10.14
N GLN A 362 -7.34 5.16 -10.09
CA GLN A 362 -7.50 4.38 -11.31
C GLN A 362 -8.90 4.42 -11.87
N GLY A 363 -9.89 4.80 -11.05
CA GLY A 363 -11.27 4.80 -11.48
C GLY A 363 -11.73 3.45 -12.04
N TYR A 364 -12.94 3.41 -12.56
CA TYR A 364 -13.58 2.19 -13.02
C TYR A 364 -13.87 2.19 -14.51
N SER A 365 -13.30 1.21 -15.19
CA SER A 365 -13.50 1.06 -16.62
C SER A 365 -14.99 0.94 -16.94
N LEU A 366 -15.51 2.00 -17.55
CA LEU A 366 -16.91 2.06 -17.94
C LEU A 366 -17.28 0.88 -18.83
N PHE A 367 -16.31 0.47 -19.64
CA PHE A 367 -16.53 -0.68 -20.51
C PHE A 367 -16.84 -1.91 -19.66
N LEU A 368 -15.91 -2.29 -18.79
CA LEU A 368 -16.17 -3.45 -17.95
C LEU A 368 -17.43 -3.30 -17.12
N VAL A 369 -17.57 -2.20 -16.39
CA VAL A 369 -18.72 -2.01 -15.51
C VAL A 369 -20.01 -2.03 -16.30
N ALA A 370 -19.97 -1.47 -17.50
CA ALA A 370 -21.16 -1.42 -18.35
C ALA A 370 -21.47 -2.81 -18.90
N ALA A 371 -20.42 -3.44 -19.45
CA ALA A 371 -20.61 -4.77 -20.02
C ALA A 371 -21.44 -5.62 -19.04
N HIS A 372 -20.96 -5.61 -17.80
CA HIS A 372 -21.59 -6.29 -16.70
C HIS A 372 -23.04 -5.83 -16.53
N GLN A 373 -23.24 -4.54 -16.27
CA GLN A 373 -24.58 -4.01 -16.13
C GLN A 373 -25.52 -4.47 -17.22
N PHE A 374 -25.04 -4.52 -18.45
CA PHE A 374 -25.84 -4.99 -19.56
C PHE A 374 -26.11 -6.48 -19.49
N GLY A 375 -25.24 -7.21 -18.80
CA GLY A 375 -25.46 -8.65 -18.66
C GLY A 375 -26.79 -8.80 -17.92
N HIS A 376 -26.99 -7.99 -16.90
CA HIS A 376 -28.23 -7.97 -16.14
C HIS A 376 -29.42 -7.59 -17.01
N ALA A 377 -29.29 -6.45 -17.71
CA ALA A 377 -30.33 -5.97 -18.59
C ALA A 377 -30.81 -7.09 -19.51
N MET A 378 -29.97 -8.06 -19.82
CA MET A 378 -30.37 -9.18 -20.65
C MET A 378 -31.03 -10.27 -19.81
N GLY A 379 -30.86 -10.18 -18.48
CA GLY A 379 -31.48 -11.11 -17.56
C GLY A 379 -30.51 -11.81 -16.65
N LEU A 380 -29.22 -11.81 -16.96
CA LEU A 380 -28.24 -12.54 -16.15
C LEU A 380 -28.15 -12.00 -14.73
N GLU A 381 -27.82 -12.87 -13.79
CA GLU A 381 -27.56 -12.56 -12.42
C GLU A 381 -26.12 -12.85 -11.96
N HIS A 382 -25.77 -12.37 -10.77
CA HIS A 382 -24.42 -12.56 -10.27
C HIS A 382 -23.98 -14.01 -10.25
N SER A 383 -22.72 -14.23 -10.59
CA SER A 383 -22.15 -15.57 -10.54
C SER A 383 -21.14 -15.57 -9.39
N GLN A 384 -20.87 -16.76 -8.87
CA GLN A 384 -19.93 -16.85 -7.76
C GLN A 384 -18.52 -17.03 -8.29
N ASP A 385 -18.41 -17.33 -9.56
CA ASP A 385 -17.09 -17.46 -10.19
C ASP A 385 -16.50 -16.06 -10.27
N PRO A 386 -15.43 -15.77 -9.56
CA PRO A 386 -14.94 -14.44 -9.29
C PRO A 386 -14.28 -13.97 -10.57
N GLY A 387 -14.03 -14.91 -11.48
CA GLY A 387 -13.43 -14.58 -12.75
C GLY A 387 -14.48 -14.17 -13.77
N ALA A 388 -15.74 -14.49 -13.51
CA ALA A 388 -16.83 -14.19 -14.42
C ALA A 388 -17.21 -12.72 -14.40
N LEU A 389 -17.49 -12.18 -15.57
CA LEU A 389 -17.84 -10.78 -15.72
C LEU A 389 -19.03 -10.43 -14.84
N MET A 390 -19.91 -11.41 -14.62
CA MET A 390 -21.10 -11.19 -13.82
C MET A 390 -20.88 -11.32 -12.32
N ALA A 391 -19.64 -11.38 -11.90
CA ALA A 391 -19.30 -11.41 -10.48
C ALA A 391 -19.63 -10.05 -9.88
N PRO A 392 -20.08 -10.05 -8.63
CA PRO A 392 -20.41 -8.84 -7.92
C PRO A 392 -19.33 -7.80 -7.85
N ILE A 393 -18.15 -8.17 -7.38
CA ILE A 393 -17.05 -7.26 -7.14
C ILE A 393 -16.35 -6.83 -8.40
N TYR A 394 -15.86 -5.59 -8.42
CA TYR A 394 -15.21 -5.03 -9.59
C TYR A 394 -13.73 -5.40 -9.63
N THR A 395 -13.26 -5.73 -10.81
CA THR A 395 -11.87 -6.09 -11.04
C THR A 395 -11.41 -5.63 -12.41
N TYR A 396 -10.34 -4.85 -12.51
CA TYR A 396 -9.91 -4.42 -13.83
C TYR A 396 -9.14 -5.50 -14.57
N THR A 397 -9.40 -5.65 -15.86
CA THR A 397 -8.72 -6.65 -16.69
C THR A 397 -8.21 -6.02 -17.98
N LYS A 398 -6.94 -5.71 -18.07
CA LYS A 398 -6.35 -5.09 -19.24
C LYS A 398 -7.06 -5.54 -20.51
N ASN A 399 -6.99 -6.82 -20.82
CA ASN A 399 -7.65 -7.34 -22.01
C ASN A 399 -8.76 -8.30 -21.61
N PHE A 400 -9.98 -7.81 -21.68
CA PHE A 400 -11.15 -8.57 -21.27
C PHE A 400 -11.43 -9.76 -22.17
N ARG A 401 -12.14 -10.72 -21.60
CA ARG A 401 -12.57 -11.92 -22.31
C ARG A 401 -13.76 -12.52 -21.58
N LEU A 402 -14.84 -12.85 -22.27
CA LEU A 402 -15.99 -13.40 -21.55
C LEU A 402 -15.65 -14.75 -20.94
N SER A 403 -15.99 -14.93 -19.68
CA SER A 403 -15.76 -16.17 -18.95
C SER A 403 -16.70 -17.26 -19.49
N GLN A 404 -16.21 -18.50 -19.56
CA GLN A 404 -17.06 -19.61 -19.97
C GLN A 404 -18.41 -19.57 -19.26
N ASP A 405 -18.34 -19.38 -17.95
CA ASP A 405 -19.53 -19.25 -17.13
C ASP A 405 -20.49 -18.24 -17.73
N ASP A 406 -19.98 -17.06 -18.07
CA ASP A 406 -20.81 -16.04 -18.68
C ASP A 406 -21.40 -16.54 -19.98
N ILE A 407 -20.55 -17.03 -20.88
CA ILE A 407 -21.01 -17.53 -22.16
C ILE A 407 -22.06 -18.61 -22.00
N LYS A 408 -21.89 -19.49 -21.00
CA LYS A 408 -22.86 -20.52 -20.73
C LYS A 408 -24.18 -19.90 -20.22
N GLY A 409 -24.05 -18.85 -19.45
CA GLY A 409 -25.15 -18.13 -18.86
C GLY A 409 -26.01 -17.36 -19.84
N ILE A 410 -25.43 -16.47 -20.63
CA ILE A 410 -26.22 -15.68 -21.59
C ILE A 410 -26.86 -16.55 -22.65
N GLN A 411 -26.14 -17.59 -23.09
CA GLN A 411 -26.64 -18.48 -24.12
C GLN A 411 -27.73 -19.40 -23.64
N GLU A 412 -27.61 -19.94 -22.43
CA GLU A 412 -28.73 -20.78 -21.97
C GLU A 412 -30.00 -19.94 -22.01
N LEU A 413 -29.83 -18.62 -22.01
CA LEU A 413 -30.93 -17.69 -22.01
C LEU A 413 -31.36 -17.21 -23.37
N TYR A 414 -30.41 -17.00 -24.28
CA TYR A 414 -30.71 -16.51 -25.61
C TYR A 414 -30.27 -17.49 -26.69
N GLY A 415 -29.57 -18.53 -26.28
CA GLY A 415 -28.98 -19.48 -27.22
C GLY A 415 -27.76 -18.86 -27.89
N ALA A 416 -26.95 -19.69 -28.51
CA ALA A 416 -25.74 -19.19 -29.15
C ALA A 416 -26.03 -18.39 -30.41
N SER A 417 -24.98 -17.75 -30.90
CA SER A 417 -25.12 -17.18 -32.27
C SER A 417 -25.51 -18.24 -33.29
N PRO A 418 -26.42 -17.94 -34.20
CA PRO A 418 -26.88 -18.88 -35.20
C PRO A 418 -25.78 -19.40 -36.09
N ASP A 419 -25.72 -20.72 -36.24
CA ASP A 419 -24.70 -21.33 -37.09
C ASP A 419 -25.12 -21.21 -38.55
N ILE A 420 -24.46 -20.25 -39.17
CA ILE A 420 -24.70 -19.99 -40.59
C ILE A 420 -23.79 -20.91 -41.41
N ASP A 421 -24.45 -21.88 -42.04
CA ASP A 421 -23.70 -22.84 -42.85
C ASP A 421 -22.71 -23.60 -41.96
N SER B 1 55.80 -23.92 48.16
CA SER B 1 54.76 -23.34 47.27
C SER B 1 53.46 -24.14 47.34
N PRO B 2 52.35 -23.47 47.64
CA PRO B 2 51.04 -24.10 47.71
C PRO B 2 50.47 -24.38 46.33
N ILE B 3 50.02 -25.61 46.08
CA ILE B 3 49.45 -25.93 44.77
C ILE B 3 48.16 -25.14 44.57
N ILE B 4 48.18 -24.20 43.63
CA ILE B 4 47.04 -23.33 43.34
C ILE B 4 46.23 -23.82 42.15
N LYS B 5 45.02 -23.30 42.02
CA LYS B 5 44.14 -23.61 40.89
C LYS B 5 44.24 -22.50 39.84
N PHE B 6 44.84 -22.81 38.70
CA PHE B 6 45.04 -21.83 37.63
C PHE B 6 43.80 -21.61 36.78
N PRO B 7 43.53 -20.37 36.42
CA PRO B 7 42.36 -20.01 35.64
C PRO B 7 42.15 -20.89 34.44
N GLY B 8 40.93 -21.36 34.25
CA GLY B 8 40.55 -22.21 33.14
C GLY B 8 41.42 -23.42 32.92
N ASP B 9 42.16 -23.87 33.93
CA ASP B 9 42.99 -25.05 33.75
C ASP B 9 42.19 -26.27 34.16
N VAL B 10 42.70 -27.46 33.85
CA VAL B 10 42.03 -28.70 34.19
C VAL B 10 42.20 -29.08 35.66
N ALA B 11 41.13 -29.66 36.22
CA ALA B 11 41.17 -30.15 37.61
C ALA B 11 42.13 -31.34 37.68
N PRO B 12 43.08 -31.28 38.59
CA PRO B 12 44.11 -32.30 38.74
C PRO B 12 43.55 -33.62 39.25
N LYS B 13 43.96 -34.71 38.61
CA LYS B 13 43.54 -36.05 39.02
C LYS B 13 44.47 -36.56 40.12
N THR B 14 43.98 -37.47 40.94
CA THR B 14 44.81 -38.03 42.00
C THR B 14 45.38 -39.37 41.58
N ASP B 15 46.50 -39.74 42.17
CA ASP B 15 47.19 -40.98 41.85
C ASP B 15 46.25 -42.13 41.57
N LYS B 16 45.29 -42.35 42.45
CA LYS B 16 44.37 -43.46 42.25
C LYS B 16 43.41 -43.21 41.10
N GLU B 17 42.90 -41.99 41.03
CA GLU B 17 41.96 -41.61 39.97
C GLU B 17 42.60 -41.92 38.62
N LEU B 18 43.81 -41.39 38.47
CA LEU B 18 44.66 -41.67 37.33
C LEU B 18 44.79 -43.16 37.08
N ALA B 19 45.19 -43.94 38.08
CA ALA B 19 45.40 -45.37 37.89
C ALA B 19 44.16 -46.06 37.38
N VAL B 20 43.05 -45.82 38.08
CA VAL B 20 41.78 -46.46 37.73
C VAL B 20 41.36 -46.10 36.32
N GLN B 21 41.67 -44.85 35.92
CA GLN B 21 41.37 -44.44 34.55
C GLN B 21 42.31 -45.17 33.59
N TYR B 22 43.61 -45.11 33.90
CA TYR B 22 44.65 -45.71 33.07
C TYR B 22 44.34 -47.19 32.81
N LEU B 23 44.06 -47.88 33.91
CA LEU B 23 43.75 -49.30 33.85
C LEU B 23 42.41 -49.52 33.16
N ASN B 24 41.51 -48.58 33.30
CA ASN B 24 40.21 -48.67 32.67
C ASN B 24 40.27 -48.53 31.14
N THR B 25 41.18 -47.69 30.64
CA THR B 25 41.28 -47.46 29.21
C THR B 25 42.18 -48.51 28.55
N PHE B 26 43.35 -48.68 29.15
CA PHE B 26 44.38 -49.55 28.65
C PHE B 26 44.33 -50.99 29.05
N TYR B 27 43.71 -51.38 30.17
CA TYR B 27 43.74 -52.77 30.59
C TYR B 27 42.39 -53.40 30.79
N GLY B 28 41.31 -52.62 30.66
CA GLY B 28 39.98 -53.13 30.69
C GLY B 28 39.31 -53.32 32.01
N CYS B 29 39.93 -53.05 33.16
CA CYS B 29 39.16 -53.30 34.40
C CYS B 29 38.00 -52.31 34.39
N PRO B 30 36.80 -52.78 34.68
CA PRO B 30 35.57 -52.01 34.66
C PRO B 30 35.59 -50.72 35.45
N LYS B 31 34.95 -49.69 34.91
CA LYS B 31 34.89 -48.38 35.54
C LYS B 31 34.49 -48.51 37.01
N GLU B 32 33.42 -49.25 37.24
CA GLU B 32 32.82 -49.45 38.53
C GLU B 32 33.51 -50.47 39.42
N SER B 33 33.75 -51.68 38.94
CA SER B 33 34.37 -52.73 39.72
C SER B 33 35.89 -52.75 39.74
N CYS B 34 36.59 -51.69 39.36
CA CYS B 34 38.05 -51.67 39.42
C CYS B 34 38.54 -51.11 40.76
N ASN B 35 38.68 -52.02 41.72
CA ASN B 35 39.01 -51.77 43.09
C ASN B 35 39.65 -52.95 43.80
N LEU B 36 39.79 -52.84 45.12
CA LEU B 36 40.48 -53.79 45.95
C LEU B 36 41.03 -55.02 45.24
N PHE B 37 40.32 -56.08 44.99
CA PHE B 37 41.07 -57.19 44.39
C PHE B 37 41.28 -57.06 42.89
N VAL B 38 40.26 -56.61 42.16
CA VAL B 38 40.40 -56.48 40.71
C VAL B 38 41.49 -55.49 40.35
N LEU B 39 41.54 -54.37 41.07
CA LEU B 39 42.56 -53.34 40.86
C LEU B 39 43.95 -53.93 41.07
N LYS B 40 44.06 -54.82 42.04
CA LYS B 40 45.31 -55.46 42.37
C LYS B 40 45.84 -56.27 41.20
N ASP B 41 45.10 -57.30 40.80
CA ASP B 41 45.62 -58.20 39.77
C ASP B 41 45.52 -57.65 38.37
N THR B 42 44.93 -56.47 38.25
CA THR B 42 44.88 -55.80 36.95
C THR B 42 46.10 -54.87 36.89
N LEU B 43 46.49 -54.39 38.08
CA LEU B 43 47.69 -53.57 38.18
C LEU B 43 48.87 -54.47 37.76
N LYS B 44 48.83 -55.73 38.19
CA LYS B 44 49.92 -56.64 37.86
C LYS B 44 50.08 -56.88 36.37
N LYS B 45 48.98 -56.88 35.63
CA LYS B 45 48.99 -57.09 34.20
C LYS B 45 49.78 -55.98 33.50
N MET B 46 49.53 -54.77 33.95
CA MET B 46 50.16 -53.58 33.40
C MET B 46 51.60 -53.49 33.88
N GLN B 47 51.77 -53.79 35.16
CA GLN B 47 53.11 -53.79 35.74
C GLN B 47 54.03 -54.74 34.98
N LYS B 48 53.49 -55.87 34.56
CA LYS B 48 54.18 -56.90 33.83
C LYS B 48 54.50 -56.45 32.42
N PHE B 49 53.51 -55.83 31.79
CA PHE B 49 53.68 -55.29 30.45
C PHE B 49 54.88 -54.35 30.41
N PHE B 50 54.95 -53.37 31.31
CA PHE B 50 56.03 -52.41 31.32
C PHE B 50 57.28 -52.86 32.07
N GLY B 51 57.34 -54.13 32.48
CA GLY B 51 58.47 -54.68 33.18
C GLY B 51 58.70 -54.06 34.54
N LEU B 52 57.60 -53.74 35.21
CA LEU B 52 57.70 -53.17 36.57
C LEU B 52 57.58 -54.31 37.57
N PRO B 53 57.97 -54.10 38.81
CA PRO B 53 57.90 -55.06 39.87
C PRO B 53 56.67 -55.89 39.98
N GLN B 54 55.52 -55.54 39.44
CA GLN B 54 54.40 -56.50 39.47
C GLN B 54 53.99 -56.78 40.91
N THR B 55 54.02 -55.73 41.72
CA THR B 55 53.65 -55.76 43.11
C THR B 55 52.15 -55.92 43.24
N GLY B 56 51.39 -55.38 42.28
CA GLY B 56 49.92 -55.48 42.38
C GLY B 56 49.36 -54.29 43.13
N ASP B 57 50.23 -53.47 43.70
CA ASP B 57 49.83 -52.28 44.44
C ASP B 57 50.00 -51.05 43.56
N LEU B 58 49.67 -49.91 44.10
CA LEU B 58 49.88 -48.63 43.41
C LEU B 58 51.23 -48.11 43.88
N ASP B 59 52.23 -47.94 43.03
CA ASP B 59 53.48 -47.52 43.66
C ASP B 59 54.25 -46.58 42.78
N GLN B 60 55.04 -45.74 43.45
CA GLN B 60 55.87 -44.77 42.74
C GLN B 60 56.33 -45.32 41.40
N ASN B 61 56.73 -46.58 41.34
CA ASN B 61 57.20 -47.18 40.10
C ASN B 61 56.10 -47.21 39.03
N THR B 62 54.88 -47.60 39.41
CA THR B 62 53.79 -47.71 38.43
C THR B 62 53.04 -46.39 38.26
N ILE B 63 53.10 -45.52 39.27
CA ILE B 63 52.43 -44.24 39.19
C ILE B 63 53.15 -43.30 38.22
N GLU B 64 54.44 -43.13 38.48
CA GLU B 64 55.28 -42.28 37.66
C GLU B 64 55.41 -42.81 36.25
N THR B 65 55.10 -44.08 36.04
CA THR B 65 55.14 -44.67 34.72
C THR B 65 53.83 -44.36 34.00
N MET B 66 52.74 -44.42 34.76
CA MET B 66 51.40 -44.17 34.28
C MET B 66 51.19 -42.70 33.90
N ARG B 67 52.04 -41.83 34.38
CA ARG B 67 51.94 -40.41 34.05
C ARG B 67 52.79 -40.06 32.84
N LYS B 68 53.26 -41.07 32.10
CA LYS B 68 53.97 -40.77 30.85
C LYS B 68 53.11 -40.63 29.59
N PRO B 69 53.39 -39.61 28.80
CA PRO B 69 52.63 -39.42 27.56
C PRO B 69 52.78 -40.72 26.80
N ARG B 70 51.70 -41.26 26.30
CA ARG B 70 51.70 -42.49 25.54
C ARG B 70 50.55 -42.49 24.53
N CYS B 71 50.54 -43.54 23.73
CA CYS B 71 49.35 -43.81 22.90
C CYS B 71 48.08 -44.23 23.64
N GLY B 72 46.94 -43.83 23.05
CA GLY B 72 45.61 -44.03 23.61
C GLY B 72 45.00 -45.37 23.24
N ASN B 73 45.85 -46.26 22.75
CA ASN B 73 45.45 -47.60 22.39
C ASN B 73 45.69 -48.56 23.57
N PRO B 74 44.81 -49.55 23.70
CA PRO B 74 44.88 -50.56 24.76
C PRO B 74 46.13 -51.43 24.70
N ASP B 75 46.57 -51.92 25.86
CA ASP B 75 47.72 -52.81 25.92
C ASP B 75 47.26 -54.26 25.95
N VAL B 76 46.00 -54.47 26.32
CA VAL B 76 45.49 -55.83 26.40
C VAL B 76 44.71 -56.25 25.18
N ALA B 77 44.93 -57.45 24.66
CA ALA B 77 44.03 -57.87 23.62
C ALA B 77 42.67 -57.42 24.14
N ASN B 78 42.48 -56.12 23.89
CA ASN B 78 41.36 -55.27 24.30
C ASN B 78 40.05 -56.02 24.24
N TYR B 79 39.71 -56.66 23.13
CA TYR B 79 38.46 -57.43 23.10
C TYR B 79 38.69 -58.92 23.17
N ASN B 80 38.27 -59.51 22.04
CA ASN B 80 38.38 -60.93 21.71
C ASN B 80 38.41 -61.09 20.18
N PHE B 81 38.91 -62.23 19.73
CA PHE B 81 39.05 -62.52 18.29
C PHE B 81 37.72 -62.41 17.51
N PHE B 82 37.87 -62.21 16.21
CA PHE B 82 36.74 -62.15 15.27
C PHE B 82 37.08 -63.05 14.08
N PRO B 83 36.48 -62.88 12.89
CA PRO B 83 36.97 -63.64 11.70
C PRO B 83 38.46 -63.66 11.54
N ARG B 84 39.21 -62.62 11.87
CA ARG B 84 40.67 -62.61 11.76
C ARG B 84 41.32 -61.50 12.58
N LYS B 85 42.63 -61.61 12.87
CA LYS B 85 43.27 -60.35 13.38
C LYS B 85 43.18 -59.32 12.26
N PRO B 86 42.82 -58.06 12.51
CA PRO B 86 42.63 -57.09 11.44
C PRO B 86 43.83 -56.99 10.53
N LYS B 87 43.61 -57.06 9.23
CA LYS B 87 44.68 -57.02 8.22
C LYS B 87 44.11 -56.62 6.86
N TRP B 88 44.78 -55.70 6.15
CA TRP B 88 44.25 -55.27 4.86
C TRP B 88 44.30 -56.40 3.84
N ASP B 89 43.23 -56.54 3.08
CA ASP B 89 43.19 -57.55 2.01
C ASP B 89 43.74 -56.95 0.72
N LYS B 90 44.77 -56.12 0.89
CA LYS B 90 45.35 -55.42 -0.25
C LYS B 90 46.69 -54.82 0.14
N ASN B 91 47.54 -54.55 -0.85
CA ASN B 91 48.81 -53.91 -0.54
C ASN B 91 48.70 -52.43 -0.90
N GLN B 92 47.70 -52.09 -1.70
CA GLN B 92 47.44 -50.72 -2.10
C GLN B 92 46.50 -50.06 -1.09
N ILE B 93 47.07 -49.22 -0.23
CA ILE B 93 46.31 -48.53 0.80
C ILE B 93 46.24 -47.03 0.51
N THR B 94 45.04 -46.51 0.40
CA THR B 94 44.85 -45.08 0.17
C THR B 94 44.68 -44.39 1.52
N TYR B 95 45.20 -43.18 1.64
CA TYR B 95 45.05 -42.44 2.90
C TYR B 95 44.69 -40.99 2.58
N ARG B 96 43.85 -40.41 3.43
CA ARG B 96 43.46 -39.02 3.19
C ARG B 96 43.61 -38.20 4.44
N ILE B 97 44.42 -37.15 4.38
CA ILE B 97 44.57 -36.25 5.53
C ILE B 97 43.42 -35.25 5.47
N ILE B 98 42.51 -35.28 6.45
CA ILE B 98 41.35 -34.43 6.47
C ILE B 98 41.35 -33.46 7.65
N GLY B 99 42.51 -33.22 8.23
CA GLY B 99 42.58 -32.32 9.38
C GLY B 99 44.03 -32.06 9.74
N TYR B 100 44.41 -30.79 9.93
CA TYR B 100 45.79 -30.49 10.27
C TYR B 100 45.95 -30.04 11.71
N THR B 101 47.16 -29.53 11.96
CA THR B 101 47.36 -28.99 13.30
C THR B 101 48.04 -27.64 13.17
N PRO B 102 47.48 -26.61 13.76
CA PRO B 102 48.07 -25.27 13.70
C PRO B 102 49.55 -25.24 14.00
N ASP B 103 50.08 -26.19 14.76
CA ASP B 103 51.48 -26.17 15.11
C ASP B 103 52.45 -26.35 13.97
N LEU B 104 52.02 -26.94 12.87
CA LEU B 104 52.95 -27.20 11.78
C LEU B 104 52.27 -26.82 10.46
N ASP B 105 52.99 -26.24 9.52
CA ASP B 105 52.35 -25.83 8.27
C ASP B 105 51.89 -27.02 7.46
N PRO B 106 50.91 -26.84 6.59
CA PRO B 106 50.28 -27.89 5.83
C PRO B 106 51.24 -28.85 5.18
N GLU B 107 52.32 -28.32 4.64
CA GLU B 107 53.29 -29.11 3.91
C GLU B 107 54.15 -29.97 4.83
N THR B 108 54.60 -29.38 5.94
CA THR B 108 55.38 -30.11 6.92
C THR B 108 54.54 -31.27 7.46
N VAL B 109 53.31 -31.00 7.84
CA VAL B 109 52.43 -32.04 8.34
C VAL B 109 52.24 -33.09 7.27
N ASP B 110 51.91 -32.65 6.05
CA ASP B 110 51.70 -33.56 4.93
C ASP B 110 52.87 -34.53 4.76
N ASP B 111 54.08 -34.00 4.81
CA ASP B 111 55.27 -34.83 4.62
C ASP B 111 55.46 -35.79 5.78
N ALA B 112 55.14 -35.30 6.99
CA ALA B 112 55.33 -36.16 8.17
C ALA B 112 54.56 -37.46 7.97
N PHE B 113 53.27 -37.33 7.65
CA PHE B 113 52.46 -38.53 7.42
C PHE B 113 53.05 -39.38 6.31
N ALA B 114 53.51 -38.72 5.26
CA ALA B 114 54.11 -39.41 4.11
C ALA B 114 55.30 -40.27 4.51
N ARG B 115 56.20 -39.67 5.29
CA ARG B 115 57.42 -40.33 5.69
C ARG B 115 57.15 -41.40 6.73
N ALA B 116 56.08 -41.25 7.51
CA ALA B 116 55.71 -42.24 8.51
C ALA B 116 55.17 -43.49 7.81
N PHE B 117 54.49 -43.28 6.70
CA PHE B 117 53.98 -44.39 5.90
C PHE B 117 55.16 -45.12 5.29
N GLN B 118 56.09 -44.32 4.76
CA GLN B 118 57.30 -44.90 4.20
C GLN B 118 57.93 -45.92 5.14
N VAL B 119 58.08 -45.57 6.41
CA VAL B 119 58.67 -46.45 7.39
C VAL B 119 58.15 -47.86 7.22
N TRP B 120 56.86 -48.01 6.97
CA TRP B 120 56.29 -49.34 6.82
C TRP B 120 56.45 -49.91 5.43
N SER B 121 56.31 -49.08 4.41
CA SER B 121 56.44 -49.51 3.02
C SER B 121 57.86 -49.93 2.68
N ASP B 122 58.84 -49.43 3.43
CA ASP B 122 60.21 -49.82 3.25
C ASP B 122 60.48 -51.29 3.49
N VAL B 123 59.71 -51.96 4.33
CA VAL B 123 59.96 -53.35 4.67
C VAL B 123 58.84 -54.29 4.24
N THR B 124 57.86 -53.80 3.49
CA THR B 124 56.73 -54.64 3.12
C THR B 124 56.27 -54.36 1.69
N PRO B 125 55.37 -55.17 1.16
CA PRO B 125 54.81 -54.98 -0.16
C PRO B 125 53.72 -53.91 -0.16
N LEU B 126 53.54 -53.26 0.96
CA LEU B 126 52.53 -52.23 1.11
C LEU B 126 52.89 -50.99 0.30
N ARG B 127 51.91 -50.46 -0.38
CA ARG B 127 52.03 -49.25 -1.18
C ARG B 127 50.96 -48.27 -0.66
N PHE B 128 51.39 -47.06 -0.31
CA PHE B 128 50.40 -46.11 0.19
C PHE B 128 50.22 -44.99 -0.82
N SER B 129 48.97 -44.57 -1.03
CA SER B 129 48.65 -43.48 -1.93
C SER B 129 47.77 -42.47 -1.20
N ARG B 130 47.91 -41.19 -1.55
CA ARG B 130 47.09 -40.19 -0.91
C ARG B 130 45.95 -39.82 -1.85
N ILE B 131 44.75 -39.70 -1.30
CA ILE B 131 43.63 -39.25 -2.14
C ILE B 131 43.11 -37.96 -1.52
N HIS B 132 42.56 -37.06 -2.33
CA HIS B 132 42.17 -35.75 -1.83
C HIS B 132 40.68 -35.57 -1.64
N ASP B 133 39.95 -36.58 -2.04
CA ASP B 133 38.51 -36.53 -1.84
C ASP B 133 37.98 -37.96 -1.87
N GLY B 134 36.90 -38.18 -1.14
CA GLY B 134 36.32 -39.53 -1.10
C GLY B 134 36.84 -40.22 0.15
N GLU B 135 36.24 -41.34 0.46
CA GLU B 135 36.63 -42.10 1.65
C GLU B 135 37.93 -42.84 1.41
N ALA B 136 38.89 -42.65 2.30
CA ALA B 136 40.20 -43.30 2.13
C ALA B 136 40.25 -44.54 3.00
N ASP B 137 41.26 -45.39 2.77
CA ASP B 137 41.34 -46.56 3.68
C ASP B 137 41.70 -45.99 5.02
N ILE B 138 42.69 -45.13 5.13
CA ILE B 138 43.08 -44.47 6.34
C ILE B 138 42.76 -42.97 6.29
N MET B 139 41.85 -42.53 7.16
CA MET B 139 41.49 -41.11 7.19
C MET B 139 42.19 -40.42 8.35
N ILE B 140 43.19 -39.60 8.04
CA ILE B 140 44.00 -38.96 9.09
C ILE B 140 43.32 -37.69 9.57
N ASN B 141 43.28 -37.48 10.89
CA ASN B 141 42.69 -36.26 11.42
C ASN B 141 43.11 -35.92 12.84
N PHE B 142 42.92 -34.70 13.26
CA PHE B 142 43.28 -34.25 14.59
C PHE B 142 42.04 -33.85 15.38
N GLY B 143 41.74 -34.52 16.46
CA GLY B 143 40.58 -34.21 17.26
C GLY B 143 41.03 -34.05 18.72
N ARG B 144 40.23 -33.45 19.56
CA ARG B 144 40.55 -33.30 20.94
C ARG B 144 39.65 -34.14 21.81
N TRP B 145 39.22 -33.64 22.96
CA TRP B 145 38.36 -34.56 23.76
C TRP B 145 37.27 -35.09 22.82
N GLU B 146 36.41 -35.98 23.26
CA GLU B 146 35.31 -36.48 22.46
C GLU B 146 35.12 -35.71 21.19
N HIS B 147 35.70 -36.33 20.16
CA HIS B 147 35.82 -35.96 18.80
C HIS B 147 35.21 -36.94 17.78
N GLY B 148 34.14 -37.65 18.14
CA GLY B 148 33.44 -38.46 17.15
C GLY B 148 33.52 -39.99 17.29
N ASP B 149 34.12 -40.58 18.32
CA ASP B 149 34.13 -42.06 18.34
C ASP B 149 34.11 -42.67 19.71
N GLY B 150 33.60 -41.98 20.71
CA GLY B 150 33.53 -42.56 22.04
C GLY B 150 34.84 -42.87 22.68
N TYR B 151 35.97 -42.65 22.03
CA TYR B 151 37.30 -42.80 22.57
C TYR B 151 37.94 -41.43 22.67
N PRO B 152 37.66 -40.78 23.81
CA PRO B 152 37.95 -39.41 24.17
C PRO B 152 39.45 -39.25 24.38
N PHE B 153 39.94 -38.08 24.11
CA PHE B 153 41.33 -37.79 24.40
C PHE B 153 41.32 -37.14 25.75
N ASP B 154 42.33 -36.40 26.10
CA ASP B 154 42.39 -35.84 27.43
C ASP B 154 43.06 -34.51 27.54
N GLY B 155 43.47 -33.88 26.45
CA GLY B 155 44.13 -32.58 26.62
C GLY B 155 45.63 -32.71 26.44
N LYS B 156 46.40 -31.99 27.21
CA LYS B 156 47.83 -31.92 27.06
C LYS B 156 48.53 -33.15 27.64
N ASP B 157 49.46 -33.69 26.85
CA ASP B 157 50.18 -34.92 27.20
C ASP B 157 49.21 -36.01 27.60
N GLY B 158 49.73 -37.11 28.15
CA GLY B 158 48.87 -38.23 28.50
C GLY B 158 48.56 -39.05 27.24
N LEU B 159 47.35 -38.89 26.69
CA LEU B 159 46.95 -39.59 25.44
C LEU B 159 47.38 -38.78 24.22
N LEU B 160 48.30 -39.32 23.42
CA LEU B 160 48.84 -38.59 22.26
C LEU B 160 48.04 -38.81 20.97
N ALA B 161 47.54 -40.00 20.76
CA ALA B 161 46.76 -40.29 19.56
C ALA B 161 46.00 -41.59 19.74
N HIS B 162 45.66 -42.19 18.60
CA HIS B 162 45.12 -43.55 18.53
C HIS B 162 44.68 -43.92 17.12
N ALA B 163 44.57 -45.22 16.84
CA ALA B 163 44.17 -45.68 15.52
C ALA B 163 43.39 -46.98 15.52
N PHE B 164 42.44 -47.15 14.60
CA PHE B 164 41.65 -48.37 14.57
C PHE B 164 42.30 -49.37 13.62
N ALA B 165 42.20 -50.65 13.91
CA ALA B 165 42.80 -51.67 13.03
C ALA B 165 42.17 -51.69 11.66
N PRO B 166 42.78 -52.39 10.73
CA PRO B 166 42.26 -52.49 9.37
C PRO B 166 40.80 -52.90 9.41
N GLY B 167 40.05 -52.47 8.41
CA GLY B 167 38.65 -52.87 8.34
C GLY B 167 37.77 -51.83 7.68
N THR B 168 36.54 -52.24 7.38
CA THR B 168 35.59 -51.31 6.77
C THR B 168 35.17 -50.33 7.86
N GLY B 169 34.49 -49.26 7.46
CA GLY B 169 34.00 -48.24 8.34
C GLY B 169 35.14 -47.36 8.79
N VAL B 170 35.28 -47.20 10.09
CA VAL B 170 36.32 -46.34 10.68
C VAL B 170 37.65 -47.07 10.74
N GLY B 171 37.67 -48.35 10.34
CA GLY B 171 38.88 -49.13 10.41
C GLY B 171 40.07 -48.45 9.77
N GLY B 172 41.18 -48.42 10.48
CA GLY B 172 42.41 -47.89 9.89
C GLY B 172 42.53 -46.40 10.14
N ASP B 173 41.48 -45.81 10.67
CA ASP B 173 41.49 -44.37 10.93
C ASP B 173 42.45 -44.01 12.05
N SER B 174 43.30 -43.02 11.78
CA SER B 174 44.30 -42.55 12.74
C SER B 174 44.02 -41.12 13.17
N HIS B 175 43.72 -40.92 14.44
CA HIS B 175 43.37 -39.59 14.94
C HIS B 175 44.44 -39.16 15.94
N PHE B 176 44.77 -37.89 15.90
CA PHE B 176 45.85 -37.30 16.66
C PHE B 176 45.37 -36.22 17.60
N ASP B 177 45.66 -36.33 18.90
CA ASP B 177 45.16 -35.36 19.87
C ASP B 177 45.56 -33.96 19.45
N ASP B 178 44.56 -33.13 19.28
CA ASP B 178 44.73 -31.77 18.78
C ASP B 178 45.10 -30.87 19.93
N ASP B 179 45.21 -31.40 21.15
CA ASP B 179 45.59 -30.57 22.30
C ASP B 179 47.09 -30.58 22.56
N GLU B 180 47.83 -31.23 21.68
CA GLU B 180 49.26 -31.40 21.83
C GLU B 180 50.12 -30.44 21.05
N LEU B 181 51.26 -30.04 21.64
CA LEU B 181 52.21 -29.22 20.91
C LEU B 181 52.86 -30.12 19.87
N TRP B 182 52.40 -30.04 18.63
CA TRP B 182 52.93 -30.90 17.59
C TRP B 182 54.16 -30.32 16.93
N THR B 183 55.26 -31.03 17.12
CA THR B 183 56.54 -30.61 16.60
C THR B 183 57.25 -31.79 15.96
N LEU B 184 58.46 -31.59 15.46
CA LEU B 184 59.21 -32.68 14.88
C LEU B 184 60.09 -33.40 15.91
N GLY B 185 59.71 -33.32 17.20
CA GLY B 185 60.45 -33.99 18.25
C GLY B 185 61.23 -33.02 19.12
N GLU B 186 61.79 -32.00 18.50
CA GLU B 186 62.56 -31.00 19.22
C GLU B 186 61.98 -29.60 19.03
N GLY B 187 61.51 -29.04 20.13
CA GLY B 187 60.98 -27.68 20.14
C GLY B 187 59.88 -27.42 19.14
N GLN B 188 59.17 -26.31 19.37
CA GLN B 188 58.09 -25.97 18.46
C GLN B 188 58.71 -25.65 17.10
N VAL B 189 57.99 -25.95 16.03
CA VAL B 189 58.48 -25.73 14.68
C VAL B 189 57.68 -24.62 13.99
N VAL B 190 58.36 -23.68 13.34
CA VAL B 190 57.65 -22.62 12.65
C VAL B 190 58.31 -22.37 11.29
N ARG B 191 57.49 -22.41 10.25
CA ARG B 191 58.02 -22.17 8.90
C ARG B 191 57.62 -20.74 8.54
N VAL B 192 58.59 -19.87 8.34
CA VAL B 192 58.41 -18.46 8.14
C VAL B 192 57.91 -18.03 6.77
N LYS B 193 57.68 -16.73 6.61
CA LYS B 193 57.14 -16.15 5.39
C LYS B 193 57.72 -14.78 5.06
N TYR B 194 58.19 -14.63 3.84
CA TYR B 194 58.52 -13.35 3.26
C TYR B 194 59.66 -12.54 3.83
N GLY B 195 60.67 -13.14 4.40
CA GLY B 195 61.81 -12.34 4.80
C GLY B 195 62.80 -12.43 3.67
N ASN B 196 64.00 -12.82 4.02
CA ASN B 196 65.01 -13.14 3.06
C ASN B 196 65.23 -14.65 3.19
N ALA B 197 64.28 -15.25 3.93
CA ALA B 197 64.39 -16.66 4.27
C ALA B 197 63.10 -17.44 4.10
N ASP B 198 62.14 -16.80 3.41
CA ASP B 198 60.84 -17.42 3.20
C ASP B 198 61.00 -18.90 2.87
N GLY B 199 60.13 -19.72 3.45
CA GLY B 199 60.13 -21.15 3.32
C GLY B 199 60.91 -21.89 4.38
N GLU B 200 61.91 -21.22 4.95
CA GLU B 200 62.77 -21.82 5.95
C GLU B 200 62.03 -21.96 7.26
N TYR B 201 62.62 -22.74 8.17
CA TYR B 201 62.07 -22.89 9.51
C TYR B 201 62.79 -21.93 10.46
N CYS B 202 62.11 -21.49 11.51
CA CYS B 202 62.80 -20.61 12.47
C CYS B 202 63.93 -21.43 13.11
N LYS B 203 64.81 -20.75 13.82
CA LYS B 203 65.86 -21.46 14.53
C LYS B 203 65.75 -21.13 16.02
N PHE B 204 65.15 -22.04 16.78
CA PHE B 204 65.02 -21.70 18.20
C PHE B 204 66.07 -22.49 18.99
N PRO B 205 66.81 -21.81 19.85
CA PRO B 205 66.67 -20.37 20.05
C PRO B 205 67.53 -19.60 19.04
N PHE B 206 67.19 -18.34 18.88
CA PHE B 206 67.94 -17.47 17.98
C PHE B 206 68.41 -16.24 18.74
N LEU B 207 69.57 -15.70 18.39
CA LEU B 207 70.12 -14.56 19.09
C LEU B 207 69.84 -13.25 18.41
N PHE B 208 69.09 -12.39 19.07
CA PHE B 208 68.79 -11.08 18.52
C PHE B 208 69.07 -10.00 19.57
N ASN B 209 69.93 -9.07 19.24
CA ASN B 209 70.22 -7.94 20.09
C ASN B 209 70.62 -8.31 21.51
N GLY B 210 71.41 -9.37 21.68
CA GLY B 210 71.91 -9.76 22.98
C GLY B 210 70.98 -10.61 23.81
N LYS B 211 69.80 -10.92 23.27
CA LYS B 211 68.85 -11.77 23.98
C LYS B 211 68.48 -12.96 23.11
N GLU B 212 68.25 -14.11 23.74
CA GLU B 212 67.85 -15.29 22.98
C GLU B 212 66.32 -15.31 22.91
N TYR B 213 65.82 -15.98 21.88
CA TYR B 213 64.38 -16.08 21.68
C TYR B 213 64.08 -17.51 21.29
N ASN B 214 63.16 -18.15 22.01
CA ASN B 214 62.82 -19.55 21.75
C ASN B 214 61.44 -19.61 21.10
N SER B 215 61.11 -18.54 20.41
CA SER B 215 59.81 -18.43 19.74
C SER B 215 59.94 -17.20 18.81
N CYS B 216 58.89 -16.95 18.06
CA CYS B 216 58.91 -15.66 17.36
C CYS B 216 58.66 -14.50 18.30
N THR B 217 59.01 -13.29 17.85
CA THR B 217 58.84 -12.07 18.63
C THR B 217 58.62 -10.87 17.72
N ASP B 218 57.97 -9.86 18.27
CA ASP B 218 57.74 -8.63 17.51
C ASP B 218 58.77 -7.61 17.99
N THR B 219 59.70 -8.10 18.80
CA THR B 219 60.75 -7.22 19.30
C THR B 219 61.65 -6.69 18.20
N GLY B 220 61.89 -5.38 18.25
CA GLY B 220 62.68 -4.75 17.20
C GLY B 220 61.84 -4.04 16.15
N ARG B 221 60.66 -4.57 15.83
CA ARG B 221 59.80 -3.95 14.82
C ARG B 221 58.81 -2.98 15.43
N SER B 222 58.23 -2.12 14.61
CA SER B 222 57.19 -1.21 15.08
C SER B 222 55.84 -1.67 14.53
N ASP B 223 55.89 -2.54 13.54
CA ASP B 223 54.74 -3.13 12.90
C ASP B 223 53.84 -3.87 13.88
N GLY B 224 54.43 -4.79 14.63
CA GLY B 224 53.65 -5.63 15.54
C GLY B 224 53.56 -7.04 14.92
N PHE B 225 54.33 -7.17 13.84
CA PHE B 225 54.41 -8.40 13.10
C PHE B 225 55.39 -9.34 13.81
N LEU B 226 55.18 -10.64 13.65
CA LEU B 226 56.07 -11.55 14.37
C LEU B 226 57.13 -12.04 13.41
N TRP B 227 58.35 -12.05 13.88
CA TRP B 227 59.46 -12.50 13.08
C TRP B 227 60.41 -13.35 13.90
N CYS B 228 61.21 -14.16 13.23
CA CYS B 228 62.21 -14.98 13.86
C CYS B 228 63.44 -15.04 12.93
N SER B 229 64.52 -15.61 13.38
CA SER B 229 65.72 -15.77 12.61
C SER B 229 65.81 -17.21 12.11
N THR B 230 66.27 -17.38 10.87
CA THR B 230 66.41 -18.70 10.29
C THR B 230 67.66 -19.40 10.75
N THR B 231 68.53 -18.70 11.45
CA THR B 231 69.78 -19.22 11.98
C THR B 231 70.11 -18.57 13.32
N TYR B 232 70.80 -19.29 14.20
CA TYR B 232 71.13 -18.76 15.49
C TYR B 232 71.60 -17.32 15.50
N ASN B 233 72.79 -17.10 14.97
CA ASN B 233 73.43 -15.78 15.05
C ASN B 233 72.87 -14.87 13.96
N PHE B 234 71.98 -13.99 14.42
CA PHE B 234 71.14 -13.18 13.57
C PHE B 234 71.97 -11.94 13.20
N GLU B 235 72.71 -11.47 14.21
CA GLU B 235 73.60 -10.32 13.96
C GLU B 235 74.44 -10.68 12.73
N LYS B 236 75.20 -11.77 12.89
CA LYS B 236 76.07 -12.28 11.85
C LYS B 236 75.35 -12.56 10.55
N ASP B 237 74.44 -13.52 10.56
CA ASP B 237 73.77 -13.97 9.35
C ASP B 237 72.74 -13.01 8.81
N GLY B 238 71.82 -12.53 9.65
CA GLY B 238 70.75 -11.65 9.21
C GLY B 238 69.77 -12.31 8.27
N LYS B 239 69.55 -13.61 8.39
CA LYS B 239 68.61 -14.36 7.55
C LYS B 239 67.37 -14.71 8.37
N TYR B 240 66.32 -13.94 8.19
CA TYR B 240 65.07 -14.07 8.90
C TYR B 240 63.85 -14.21 7.98
N GLY B 241 62.72 -14.45 8.62
CA GLY B 241 61.45 -14.61 7.95
C GLY B 241 60.35 -14.12 8.89
N PHE B 242 59.13 -14.05 8.42
CA PHE B 242 57.99 -13.64 9.18
C PHE B 242 57.21 -14.83 9.72
N CYS B 243 56.61 -14.72 10.92
CA CYS B 243 55.94 -15.86 11.51
C CYS B 243 54.43 -15.77 11.35
N PRO B 244 53.83 -16.88 10.91
CA PRO B 244 52.42 -17.07 10.70
C PRO B 244 51.53 -16.69 11.88
N HIS B 245 50.36 -16.12 11.62
CA HIS B 245 49.42 -15.72 12.64
C HIS B 245 48.20 -14.96 12.15
N GLU B 246 47.07 -15.65 12.09
CA GLU B 246 45.80 -15.13 11.60
C GLU B 246 45.47 -13.78 12.21
N ALA B 247 46.06 -13.41 13.33
CA ALA B 247 45.85 -12.09 13.91
C ALA B 247 46.65 -11.04 13.15
N LEU B 248 47.74 -11.46 12.49
CA LEU B 248 48.68 -10.59 11.81
C LEU B 248 48.56 -10.63 10.31
N PHE B 249 48.29 -11.80 9.77
CA PHE B 249 48.13 -11.94 8.31
C PHE B 249 47.46 -13.26 7.96
N THR B 250 46.84 -13.34 6.81
CA THR B 250 46.29 -14.56 6.29
C THR B 250 47.11 -14.97 5.07
N MET B 251 46.75 -16.10 4.50
CA MET B 251 47.44 -16.67 3.38
C MET B 251 46.51 -17.08 2.27
N GLY B 252 46.69 -16.58 1.06
CA GLY B 252 45.88 -17.02 -0.07
C GLY B 252 44.54 -16.29 -0.07
N GLY B 253 43.52 -16.95 -0.61
CA GLY B 253 42.17 -16.38 -0.63
C GLY B 253 42.15 -15.09 -1.44
N ASN B 254 41.39 -14.10 -1.03
CA ASN B 254 41.28 -12.83 -1.73
C ASN B 254 41.54 -11.64 -0.84
N ALA B 255 41.83 -11.89 0.42
CA ALA B 255 42.06 -10.87 1.39
C ALA B 255 43.40 -10.17 1.34
N GLU B 256 44.22 -10.54 0.36
CA GLU B 256 45.52 -9.94 0.15
C GLU B 256 46.37 -9.95 1.42
N GLY B 257 46.31 -11.02 2.19
CA GLY B 257 47.11 -11.09 3.43
C GLY B 257 46.60 -10.25 4.59
N GLN B 258 45.34 -9.81 4.50
CA GLN B 258 44.78 -9.03 5.61
C GLN B 258 44.61 -9.94 6.81
N PRO B 259 44.70 -9.41 8.02
CA PRO B 259 44.44 -10.17 9.23
C PRO B 259 43.00 -10.66 9.25
N CYS B 260 42.73 -11.61 10.15
CA CYS B 260 41.38 -12.14 10.33
C CYS B 260 40.58 -11.18 11.21
N LYS B 261 39.28 -11.20 11.03
CA LYS B 261 38.45 -10.36 11.89
C LYS B 261 37.62 -11.27 12.79
N PHE B 262 37.86 -11.15 14.10
CA PHE B 262 37.09 -12.04 14.98
C PHE B 262 36.20 -11.18 15.86
N PRO B 263 34.95 -11.55 16.05
CA PRO B 263 34.34 -12.67 15.35
C PRO B 263 33.87 -12.27 13.97
N PHE B 264 33.92 -13.19 13.03
CA PHE B 264 33.41 -12.86 11.71
C PHE B 264 32.21 -13.75 11.44
N ARG B 265 31.18 -13.23 10.84
CA ARG B 265 29.95 -13.95 10.58
C ARG B 265 29.97 -14.71 9.28
N PHE B 266 29.76 -16.01 9.37
CA PHE B 266 29.58 -16.84 8.19
C PHE B 266 28.20 -17.51 8.32
N GLN B 267 27.27 -17.06 7.50
CA GLN B 267 25.91 -17.59 7.63
C GLN B 267 25.40 -17.45 9.05
N GLY B 268 24.65 -18.39 9.56
CA GLY B 268 24.09 -18.36 10.89
C GLY B 268 25.04 -18.55 12.03
N THR B 269 26.35 -18.34 11.89
CA THR B 269 27.24 -18.50 13.03
C THR B 269 28.28 -17.38 13.10
N SER B 270 28.68 -17.05 14.30
CA SER B 270 29.73 -16.08 14.56
C SER B 270 31.02 -16.82 14.95
N TYR B 271 31.99 -16.85 14.06
CA TYR B 271 33.27 -17.50 14.22
C TYR B 271 34.29 -16.57 14.88
N ASP B 272 34.90 -17.05 15.96
CA ASP B 272 35.88 -16.29 16.71
C ASP B 272 37.30 -16.76 16.46
N SER B 273 37.51 -17.55 15.44
CA SER B 273 38.81 -18.08 15.08
C SER B 273 38.81 -18.65 13.67
N CYS B 274 39.98 -18.86 13.06
CA CYS B 274 39.90 -19.63 11.82
C CYS B 274 39.24 -20.97 12.04
N THR B 275 38.56 -21.46 11.01
CA THR B 275 37.80 -22.69 10.95
C THR B 275 37.94 -23.44 9.64
N THR B 276 37.35 -24.62 9.55
CA THR B 276 37.27 -25.31 8.28
C THR B 276 35.85 -25.45 7.74
N GLU B 277 34.91 -24.84 8.46
CA GLU B 277 33.52 -24.87 8.06
C GLU B 277 33.42 -24.48 6.59
N GLY B 278 32.65 -25.26 5.89
CA GLY B 278 32.57 -25.41 4.46
C GLY B 278 33.64 -26.13 3.68
N ARG B 279 34.82 -26.27 4.29
CA ARG B 279 35.97 -26.87 3.62
C ARG B 279 35.94 -28.39 3.77
N THR B 280 36.36 -29.06 2.73
CA THR B 280 36.42 -30.53 2.74
C THR B 280 37.88 -30.97 2.63
N ASP B 281 38.80 -30.01 2.61
CA ASP B 281 40.23 -30.28 2.56
C ASP B 281 40.95 -29.95 3.86
N GLY B 282 40.21 -29.62 4.91
CA GLY B 282 40.81 -29.37 6.19
C GLY B 282 41.77 -28.21 6.28
N TYR B 283 41.61 -27.16 5.46
CA TYR B 283 42.51 -26.01 5.57
C TYR B 283 41.79 -24.88 6.36
N ARG B 284 42.38 -24.43 7.44
CA ARG B 284 41.75 -23.35 8.17
C ARG B 284 41.77 -22.05 7.36
N TRP B 285 40.63 -21.39 7.36
CA TRP B 285 40.41 -20.11 6.69
C TRP B 285 39.55 -19.21 7.59
N CYS B 286 39.64 -17.91 7.37
CA CYS B 286 38.86 -17.02 8.21
C CYS B 286 38.29 -15.86 7.40
N GLY B 287 37.35 -15.18 7.98
CA GLY B 287 36.75 -14.00 7.40
C GLY B 287 37.68 -12.82 7.73
N THR B 288 38.09 -12.03 6.74
CA THR B 288 38.98 -10.93 7.05
C THR B 288 38.22 -9.64 7.31
N THR B 289 36.92 -9.80 7.26
CA THR B 289 35.97 -8.68 7.45
C THR B 289 35.02 -9.09 8.56
N GLU B 290 34.18 -8.22 9.08
CA GLU B 290 33.28 -8.60 10.18
C GLU B 290 32.18 -9.53 9.68
N ASP B 291 31.90 -9.56 8.38
CA ASP B 291 30.84 -10.35 7.80
C ASP B 291 31.27 -11.01 6.51
N TYR B 292 31.53 -12.31 6.60
CA TYR B 292 32.09 -12.92 5.36
C TYR B 292 31.06 -12.87 4.25
N ASP B 293 29.84 -13.25 4.53
CA ASP B 293 28.79 -13.35 3.52
C ASP B 293 28.61 -12.05 2.75
N ARG B 294 28.67 -10.93 3.45
CA ARG B 294 28.50 -9.62 2.89
C ARG B 294 29.70 -9.15 2.08
N ASP B 295 30.87 -9.17 2.68
CA ASP B 295 32.09 -8.67 2.08
C ASP B 295 32.82 -9.69 1.22
N LYS B 296 32.57 -10.95 1.43
CA LYS B 296 33.17 -12.06 0.73
C LYS B 296 34.68 -12.08 0.66
N LYS B 297 35.36 -11.34 1.54
CA LYS B 297 36.80 -11.36 1.64
C LYS B 297 37.25 -12.37 2.71
N TYR B 298 38.29 -13.13 2.42
CA TYR B 298 38.76 -14.15 3.34
C TYR B 298 40.21 -14.51 2.98
N GLY B 299 40.80 -15.31 3.83
CA GLY B 299 42.19 -15.75 3.65
C GLY B 299 42.44 -17.03 4.45
N PHE B 300 43.58 -17.65 4.37
CA PHE B 300 43.87 -18.87 5.09
C PHE B 300 44.80 -18.67 6.28
N CYS B 301 44.92 -19.73 7.07
CA CYS B 301 45.69 -19.72 8.30
C CYS B 301 46.50 -21.01 8.34
N PRO B 302 47.57 -21.06 7.57
CA PRO B 302 48.37 -22.26 7.41
C PRO B 302 49.05 -22.72 8.68
N GLU B 303 49.26 -21.80 9.62
CA GLU B 303 49.97 -22.23 10.84
C GLU B 303 49.81 -21.18 11.91
N THR B 304 49.98 -21.53 13.17
CA THR B 304 50.01 -20.43 14.13
C THR B 304 51.28 -20.42 14.94
N ALA B 305 51.86 -19.24 15.13
CA ALA B 305 53.08 -19.08 15.90
C ALA B 305 52.64 -19.02 17.38
N MET B 306 53.25 -19.83 18.20
CA MET B 306 52.92 -19.81 19.63
C MET B 306 54.18 -19.35 20.35
N SER B 307 54.03 -18.53 21.37
CA SER B 307 55.19 -18.07 22.15
C SER B 307 55.06 -18.68 23.56
N THR B 308 53.86 -19.14 23.81
CA THR B 308 53.44 -19.76 25.06
C THR B 308 52.29 -20.70 24.71
N VAL B 309 52.08 -21.75 25.46
CA VAL B 309 51.03 -22.69 25.09
C VAL B 309 49.97 -22.84 26.17
N GLY B 310 48.74 -23.11 25.74
CA GLY B 310 47.76 -23.36 26.80
C GLY B 310 47.80 -22.14 27.76
N GLY B 311 46.88 -22.22 28.71
CA GLY B 311 46.70 -21.14 29.65
C GLY B 311 45.55 -20.24 29.21
N ASN B 312 45.50 -19.07 29.82
CA ASN B 312 44.48 -18.08 29.51
C ASN B 312 45.12 -16.98 28.67
N SER B 313 46.46 -17.00 28.61
CA SER B 313 47.15 -15.98 27.82
C SER B 313 47.11 -16.38 26.35
N GLU B 314 46.46 -17.51 26.08
CA GLU B 314 46.31 -18.09 24.77
C GLU B 314 46.73 -17.11 23.70
N GLY B 315 48.03 -17.31 23.42
CA GLY B 315 48.95 -16.71 22.52
C GLY B 315 50.20 -16.18 23.26
N ALA B 316 50.00 -15.04 23.88
CA ALA B 316 51.00 -14.24 24.57
C ALA B 316 52.24 -14.92 25.10
N PRO B 317 53.38 -14.24 24.91
CA PRO B 317 54.68 -14.67 25.38
C PRO B 317 54.81 -14.45 26.89
N CYS B 318 55.95 -14.82 27.47
CA CYS B 318 56.15 -14.56 28.89
C CYS B 318 56.68 -13.15 29.12
N VAL B 319 56.73 -12.77 30.39
CA VAL B 319 57.21 -11.47 30.82
C VAL B 319 58.07 -11.66 32.07
N PHE B 320 59.35 -11.31 31.97
CA PHE B 320 60.24 -11.49 33.11
C PHE B 320 60.86 -10.18 33.54
N PRO B 321 60.88 -9.94 34.84
CA PRO B 321 60.32 -10.86 35.82
C PRO B 321 58.81 -10.71 35.95
N PHE B 322 58.17 -11.74 36.48
CA PHE B 322 56.75 -11.74 36.78
C PHE B 322 56.55 -12.20 38.22
N THR B 323 55.70 -11.50 38.97
CA THR B 323 55.52 -11.87 40.37
C THR B 323 54.34 -12.80 40.57
N PHE B 324 54.57 -13.86 41.33
CA PHE B 324 53.57 -14.86 41.69
C PHE B 324 53.59 -15.06 43.21
N LEU B 325 52.44 -15.06 43.85
CA LEU B 325 52.37 -15.21 45.30
C LEU B 325 53.29 -14.25 46.02
N GLY B 326 53.58 -13.08 45.46
CA GLY B 326 54.45 -12.12 46.09
C GLY B 326 55.92 -12.22 45.75
N ASN B 327 56.36 -13.17 44.93
CA ASN B 327 57.79 -13.25 44.62
C ASN B 327 58.06 -13.12 43.12
N LYS B 328 59.17 -12.49 42.76
CA LYS B 328 59.53 -12.28 41.37
C LYS B 328 60.28 -13.46 40.76
N TYR B 329 59.65 -14.11 39.79
CA TYR B 329 60.26 -15.21 39.05
C TYR B 329 60.91 -14.65 37.78
N GLU B 330 62.09 -15.13 37.44
CA GLU B 330 62.78 -14.62 36.25
C GLU B 330 62.94 -15.72 35.21
N SER B 331 62.01 -16.65 35.21
CA SER B 331 62.04 -17.77 34.26
C SER B 331 60.68 -18.49 34.32
N CYS B 332 60.53 -19.48 33.46
CA CYS B 332 59.40 -20.42 33.76
C CYS B 332 59.51 -21.15 35.09
N THR B 333 58.39 -21.36 35.77
CA THR B 333 58.33 -22.05 37.04
C THR B 333 57.23 -23.11 37.06
N SER B 334 57.33 -24.02 38.02
CA SER B 334 56.30 -25.04 38.24
C SER B 334 55.52 -24.68 39.51
N ALA B 335 56.00 -23.62 40.16
CA ALA B 335 55.41 -23.11 41.38
C ALA B 335 53.90 -22.89 41.21
N GLY B 336 53.15 -23.66 42.00
CA GLY B 336 51.70 -23.61 42.01
C GLY B 336 51.06 -24.94 41.59
N ARG B 337 51.75 -25.78 40.80
CA ARG B 337 51.14 -27.03 40.31
C ARG B 337 51.87 -28.28 40.75
N SER B 338 51.15 -29.40 40.82
CA SER B 338 51.69 -30.67 41.25
C SER B 338 52.25 -31.51 40.12
N ASP B 339 51.94 -31.18 38.87
CA ASP B 339 52.40 -31.96 37.73
C ASP B 339 53.79 -31.56 37.27
N GLY B 340 54.44 -30.65 37.98
CA GLY B 340 55.77 -30.18 37.68
C GLY B 340 55.92 -29.50 36.33
N LYS B 341 54.81 -29.14 35.68
CA LYS B 341 54.84 -28.49 34.39
C LYS B 341 55.32 -27.05 34.56
N MET B 342 55.97 -26.51 33.53
CA MET B 342 56.49 -25.15 33.60
C MET B 342 55.55 -24.15 32.94
N TRP B 343 55.27 -23.06 33.63
CA TRP B 343 54.43 -22.00 33.16
C TRP B 343 55.08 -20.64 33.44
N CYS B 344 54.45 -19.60 32.98
CA CYS B 344 54.91 -18.24 33.22
C CYS B 344 53.76 -17.23 33.11
N ALA B 345 53.97 -16.08 33.67
CA ALA B 345 52.96 -15.04 33.61
C ALA B 345 53.20 -14.25 32.32
N THR B 346 52.13 -13.98 31.60
CA THR B 346 52.27 -13.24 30.35
C THR B 346 52.11 -11.75 30.64
N THR B 347 52.08 -11.43 31.94
CA THR B 347 51.98 -10.07 32.43
C THR B 347 52.69 -9.88 33.77
N ALA B 348 53.61 -8.95 33.87
CA ALA B 348 54.39 -8.66 35.05
C ALA B 348 53.74 -8.97 36.41
N ASN B 349 52.42 -9.02 36.56
CA ASN B 349 51.90 -9.45 37.87
C ASN B 349 50.77 -10.45 37.70
N TYR B 350 51.00 -11.69 38.15
CA TYR B 350 49.99 -12.74 38.01
C TYR B 350 48.89 -12.61 39.06
N ASP B 351 49.26 -12.27 40.28
CA ASP B 351 48.29 -12.13 41.36
C ASP B 351 47.12 -11.27 40.96
N ASP B 352 47.39 -10.07 40.47
CA ASP B 352 46.35 -9.14 40.07
C ASP B 352 45.81 -9.39 38.68
N ASP B 353 46.68 -9.78 37.75
CA ASP B 353 46.24 -10.05 36.37
C ASP B 353 45.68 -11.47 36.25
N ARG B 354 46.41 -12.44 36.79
CA ARG B 354 46.06 -13.83 36.75
C ARG B 354 45.95 -14.38 35.33
N LYS B 355 46.84 -13.92 34.48
CA LYS B 355 46.94 -14.30 33.08
C LYS B 355 48.24 -15.09 32.87
N TRP B 356 48.09 -16.40 32.77
CA TRP B 356 49.23 -17.30 32.72
C TRP B 356 49.30 -18.06 31.40
N GLY B 357 50.42 -18.74 31.17
CA GLY B 357 50.65 -19.57 30.00
C GLY B 357 51.71 -20.63 30.26
N PHE B 358 51.63 -21.75 29.53
CA PHE B 358 52.61 -22.80 29.67
C PHE B 358 53.84 -22.51 28.81
N CYS B 359 55.00 -22.86 29.35
CA CYS B 359 56.21 -22.74 28.55
C CYS B 359 56.36 -23.90 27.58
N PRO B 360 56.33 -23.59 26.30
CA PRO B 360 56.31 -24.65 25.30
C PRO B 360 57.49 -25.57 25.62
N ASP B 361 57.29 -26.86 25.44
CA ASP B 361 58.36 -27.81 25.74
C ASP B 361 58.82 -28.42 24.43
N GLN B 362 59.03 -29.72 24.43
CA GLN B 362 59.53 -30.36 23.20
C GLN B 362 58.37 -30.75 22.33
N GLY B 363 57.20 -30.90 22.93
CA GLY B 363 56.05 -31.36 22.16
C GLY B 363 56.40 -32.72 21.57
N TYR B 364 55.49 -33.29 20.78
CA TYR B 364 55.69 -34.60 20.20
C TYR B 364 55.93 -34.65 18.72
N SER B 365 56.71 -35.63 18.27
CA SER B 365 56.98 -35.72 16.84
C SER B 365 55.84 -36.32 16.07
N LEU B 366 55.19 -35.49 15.23
CA LEU B 366 54.11 -36.00 14.39
C LEU B 366 54.58 -37.22 13.61
N PHE B 367 55.83 -37.19 13.13
CA PHE B 367 56.43 -38.29 12.44
C PHE B 367 56.44 -39.60 13.23
N LEU B 368 56.98 -39.56 14.44
CA LEU B 368 57.04 -40.73 15.29
C LEU B 368 55.68 -41.22 15.72
N VAL B 369 54.88 -40.32 16.32
CA VAL B 369 53.56 -40.74 16.78
C VAL B 369 52.70 -41.22 15.61
N ALA B 370 52.86 -40.56 14.46
CA ALA B 370 52.09 -41.03 13.31
C ALA B 370 52.62 -42.36 12.79
N ALA B 371 53.94 -42.47 12.73
CA ALA B 371 54.56 -43.69 12.23
C ALA B 371 54.00 -44.82 13.11
N HIS B 372 53.79 -44.48 14.37
CA HIS B 372 53.26 -45.40 15.35
C HIS B 372 51.81 -45.80 15.08
N GLN B 373 50.92 -44.80 15.03
CA GLN B 373 49.51 -45.03 14.76
C GLN B 373 49.33 -45.83 13.48
N PHE B 374 49.96 -45.40 12.39
CA PHE B 374 49.87 -46.14 11.14
C PHE B 374 50.11 -47.62 11.35
N GLY B 375 51.14 -47.94 12.13
CA GLY B 375 51.42 -49.37 12.35
C GLY B 375 50.17 -50.05 12.87
N HIS B 376 49.50 -49.40 13.83
CA HIS B 376 48.24 -49.95 14.31
C HIS B 376 47.29 -50.19 13.12
N ALA B 377 47.03 -49.13 12.37
CA ALA B 377 46.17 -49.19 11.21
C ALA B 377 46.54 -50.27 10.23
N MET B 378 47.72 -50.87 10.34
CA MET B 378 48.13 -51.95 9.49
C MET B 378 47.91 -53.29 10.18
N GLY B 379 47.29 -53.25 11.34
CA GLY B 379 46.95 -54.39 12.13
C GLY B 379 47.93 -54.70 13.25
N LEU B 380 48.88 -53.79 13.48
CA LEU B 380 49.86 -54.05 14.53
C LEU B 380 49.30 -53.71 15.91
N GLU B 381 49.95 -54.25 16.94
CA GLU B 381 49.48 -54.00 18.31
C GLU B 381 50.72 -53.66 19.14
N HIS B 382 50.52 -53.13 20.32
CA HIS B 382 51.60 -52.70 21.20
C HIS B 382 52.62 -53.79 21.49
N SER B 383 53.87 -53.35 21.61
CA SER B 383 55.03 -54.16 21.87
C SER B 383 55.52 -53.89 23.29
N GLN B 384 56.09 -54.92 23.89
CA GLN B 384 56.60 -54.78 25.25
C GLN B 384 58.04 -54.30 25.23
N ASP B 385 58.64 -54.31 24.04
CA ASP B 385 60.01 -53.83 23.88
C ASP B 385 59.99 -52.31 24.04
N PRO B 386 60.56 -51.78 25.10
CA PRO B 386 60.55 -50.35 25.32
C PRO B 386 61.11 -49.54 24.17
N GLY B 387 61.96 -50.10 23.34
CA GLY B 387 62.53 -49.40 22.22
C GLY B 387 61.81 -49.61 20.90
N ALA B 388 60.87 -50.55 20.83
CA ALA B 388 60.15 -50.79 19.59
C ALA B 388 59.26 -49.61 19.23
N LEU B 389 59.05 -49.44 17.94
CA LEU B 389 58.24 -48.31 17.48
C LEU B 389 56.82 -48.52 17.96
N MET B 390 56.45 -49.78 18.16
CA MET B 390 55.11 -50.10 18.61
C MET B 390 54.94 -50.14 20.12
N ALA B 391 55.85 -49.52 20.79
CA ALA B 391 55.86 -49.46 22.26
C ALA B 391 54.84 -48.38 22.62
N PRO B 392 54.01 -48.58 23.62
CA PRO B 392 53.04 -47.58 24.03
C PRO B 392 53.64 -46.26 24.45
N ILE B 393 54.48 -46.21 25.48
CA ILE B 393 55.04 -44.94 25.90
C ILE B 393 55.79 -44.24 24.77
N TYR B 394 55.81 -42.90 24.78
CA TYR B 394 56.47 -42.13 23.73
C TYR B 394 57.87 -41.69 24.15
N THR B 395 58.83 -41.94 23.27
CA THR B 395 60.19 -41.51 23.47
C THR B 395 60.78 -41.02 22.14
N TYR B 396 61.36 -39.84 22.15
CA TYR B 396 61.93 -39.27 20.95
C TYR B 396 63.26 -39.89 20.56
N THR B 397 63.47 -39.99 19.24
CA THR B 397 64.71 -40.52 18.70
C THR B 397 65.18 -39.63 17.55
N LYS B 398 66.30 -38.95 17.73
CA LYS B 398 66.86 -38.08 16.70
C LYS B 398 66.98 -38.81 15.38
N ASN B 399 67.62 -39.98 15.38
CA ASN B 399 67.76 -40.77 14.16
C ASN B 399 66.96 -42.07 14.31
N PHE B 400 65.78 -42.09 13.73
CA PHE B 400 64.88 -43.21 13.91
C PHE B 400 65.24 -44.40 13.06
N ARG B 401 65.03 -45.57 13.64
CA ARG B 401 65.25 -46.81 12.88
C ARG B 401 64.18 -47.80 13.37
N LEU B 402 63.54 -48.49 12.44
CA LEU B 402 62.53 -49.44 12.89
C LEU B 402 63.23 -50.51 13.74
N SER B 403 62.46 -51.17 14.58
CA SER B 403 63.00 -52.20 15.46
C SER B 403 62.69 -53.59 14.92
N GLN B 404 63.68 -54.48 15.03
CA GLN B 404 63.51 -55.85 14.59
C GLN B 404 62.19 -56.43 15.07
N ASP B 405 61.80 -56.00 16.27
CA ASP B 405 60.50 -56.42 16.78
C ASP B 405 59.42 -55.95 15.81
N ASP B 406 59.52 -54.68 15.42
CA ASP B 406 58.56 -54.08 14.51
C ASP B 406 58.63 -54.70 13.13
N ILE B 407 59.85 -54.77 12.57
CA ILE B 407 59.96 -55.37 11.24
C ILE B 407 59.28 -56.74 11.28
N LYS B 408 59.62 -57.48 12.33
CA LYS B 408 59.04 -58.82 12.52
C LYS B 408 57.53 -58.76 12.55
N GLY B 409 56.98 -57.91 13.42
CA GLY B 409 55.55 -57.81 13.55
C GLY B 409 54.86 -57.46 12.24
N ILE B 410 55.36 -56.43 11.56
CA ILE B 410 54.71 -55.98 10.34
C ILE B 410 54.83 -57.02 9.25
N GLN B 411 56.02 -57.60 9.12
CA GLN B 411 56.27 -58.55 8.06
C GLN B 411 55.49 -59.83 8.12
N GLU B 412 55.24 -60.36 9.32
CA GLU B 412 54.46 -61.58 9.41
C GLU B 412 53.01 -61.32 9.02
N LEU B 413 52.64 -60.05 8.87
CA LEU B 413 51.30 -59.67 8.46
C LEU B 413 51.25 -59.40 6.97
N TYR B 414 52.30 -58.77 6.43
CA TYR B 414 52.31 -58.38 5.03
C TYR B 414 53.47 -59.01 4.27
N GLY B 415 54.32 -59.74 4.96
CA GLY B 415 55.43 -60.40 4.30
C GLY B 415 56.51 -59.33 4.23
N ALA B 416 57.67 -59.64 3.69
CA ALA B 416 58.76 -58.67 3.63
C ALA B 416 58.91 -58.06 2.25
N SER B 417 59.61 -56.91 2.16
CA SER B 417 59.81 -56.26 0.87
C SER B 417 60.23 -57.28 -0.18
N PRO B 418 59.57 -57.21 -1.33
CA PRO B 418 59.72 -58.12 -2.43
C PRO B 418 61.14 -58.24 -2.95
N ASP B 419 61.42 -59.45 -3.43
CA ASP B 419 62.74 -59.75 -3.97
C ASP B 419 63.11 -58.77 -5.08
N SER C 1 -25.72 65.47 -16.44
CA SER C 1 -24.81 64.45 -16.91
C SER C 1 -25.40 63.69 -18.09
N PRO C 2 -24.53 63.05 -18.86
CA PRO C 2 -24.91 62.28 -20.06
C PRO C 2 -25.70 61.06 -19.68
N ILE C 3 -25.89 60.19 -20.63
CA ILE C 3 -26.59 58.97 -20.37
C ILE C 3 -25.61 57.84 -20.27
N ILE C 4 -25.55 57.23 -19.12
CA ILE C 4 -24.60 56.17 -18.89
C ILE C 4 -25.25 54.79 -18.97
N LYS C 5 -24.44 53.82 -19.40
CA LYS C 5 -24.89 52.44 -19.50
C LYS C 5 -24.53 51.68 -18.23
N PHE C 6 -25.56 51.26 -17.52
CA PHE C 6 -25.38 50.55 -16.26
C PHE C 6 -25.09 49.06 -16.48
N PRO C 7 -24.36 48.47 -15.51
CA PRO C 7 -23.95 47.06 -15.57
C PRO C 7 -25.13 46.10 -15.55
N GLY C 8 -25.09 45.12 -16.45
CA GLY C 8 -26.14 44.11 -16.51
C GLY C 8 -27.43 44.63 -17.14
N ASP C 9 -27.61 45.92 -17.16
CA ASP C 9 -28.79 46.53 -17.75
C ASP C 9 -29.03 46.08 -19.19
N VAL C 10 -30.22 46.28 -19.71
CA VAL C 10 -30.46 45.96 -21.11
C VAL C 10 -29.96 47.12 -21.98
N ALA C 11 -29.80 46.89 -23.27
CA ALA C 11 -29.38 47.96 -24.18
C ALA C 11 -30.61 48.76 -24.58
N PRO C 12 -30.59 50.07 -24.39
CA PRO C 12 -31.72 50.92 -24.77
C PRO C 12 -32.10 50.72 -26.23
N LYS C 13 -33.35 51.07 -26.55
CA LYS C 13 -33.81 51.06 -27.94
C LYS C 13 -34.04 52.51 -28.35
N THR C 14 -33.93 52.85 -29.62
CA THR C 14 -34.18 54.24 -30.02
C THR C 14 -35.68 54.44 -30.23
N ASP C 15 -36.11 55.69 -30.32
CA ASP C 15 -37.51 55.96 -30.62
C ASP C 15 -37.95 55.20 -31.85
N LYS C 16 -37.13 55.22 -32.90
CA LYS C 16 -37.47 54.54 -34.14
C LYS C 16 -37.32 53.02 -34.01
N GLU C 17 -36.18 52.60 -33.47
CA GLU C 17 -36.02 51.15 -33.24
C GLU C 17 -37.29 50.59 -32.60
N LEU C 18 -37.74 51.24 -31.54
CA LEU C 18 -38.96 50.86 -30.86
C LEU C 18 -40.13 50.78 -31.84
N ALA C 19 -40.54 51.92 -32.38
CA ALA C 19 -41.69 51.97 -33.28
C ALA C 19 -41.69 50.79 -34.22
N VAL C 20 -40.59 50.58 -34.93
CA VAL C 20 -40.46 49.51 -35.92
C VAL C 20 -40.73 48.14 -35.35
N GLN C 21 -40.26 47.89 -34.13
CA GLN C 21 -40.51 46.61 -33.48
C GLN C 21 -41.99 46.53 -33.09
N TYR C 22 -42.49 47.61 -32.49
CA TYR C 22 -43.88 47.69 -32.07
C TYR C 22 -44.81 47.41 -33.25
N LEU C 23 -44.55 48.05 -34.38
CA LEU C 23 -45.40 47.86 -35.55
C LEU C 23 -45.14 46.49 -36.17
N ASN C 24 -44.06 45.85 -35.76
CA ASN C 24 -43.73 44.54 -36.29
C ASN C 24 -44.42 43.42 -35.53
N THR C 25 -44.32 43.50 -34.20
CA THR C 25 -44.95 42.51 -33.34
C THR C 25 -46.46 42.65 -33.42
N PHE C 26 -46.92 43.88 -33.25
CA PHE C 26 -48.31 44.20 -33.13
C PHE C 26 -49.05 44.52 -34.40
N TYR C 27 -48.37 44.97 -35.46
CA TYR C 27 -49.07 45.37 -36.66
C TYR C 27 -48.80 44.52 -37.90
N GLY C 28 -47.85 43.60 -37.81
CA GLY C 28 -47.47 42.78 -38.95
C GLY C 28 -46.53 43.54 -39.94
N CYS C 29 -45.90 44.64 -39.52
CA CYS C 29 -44.98 45.37 -40.41
C CYS C 29 -43.71 44.56 -40.65
N PRO C 30 -43.38 44.18 -41.91
CA PRO C 30 -42.19 43.38 -42.17
C PRO C 30 -40.96 44.06 -41.61
N LYS C 31 -40.22 43.29 -40.82
CA LYS C 31 -39.02 43.78 -40.15
C LYS C 31 -38.13 44.61 -41.06
N GLU C 32 -37.53 43.94 -42.04
CA GLU C 32 -36.57 44.56 -42.93
C GLU C 32 -37.27 45.45 -43.95
N SER C 33 -38.57 45.27 -44.10
CA SER C 33 -39.35 46.03 -45.06
C SER C 33 -40.24 47.09 -44.43
N CYS C 34 -40.06 47.37 -43.13
CA CYS C 34 -40.89 48.35 -42.44
C CYS C 34 -40.25 49.74 -42.46
N ASN C 35 -40.32 50.42 -43.59
CA ASN C 35 -39.76 51.76 -43.74
C ASN C 35 -40.40 52.54 -44.88
N LEU C 36 -40.24 53.85 -44.90
CA LEU C 36 -40.85 54.72 -45.91
C LEU C 36 -42.35 54.55 -45.93
N PHE C 37 -43.06 54.56 -47.04
CA PHE C 37 -44.50 54.43 -47.02
C PHE C 37 -45.12 53.30 -46.26
N VAL C 38 -44.43 52.19 -46.04
CA VAL C 38 -44.97 51.06 -45.29
C VAL C 38 -45.01 51.42 -43.80
N LEU C 39 -43.94 52.08 -43.35
CA LEU C 39 -43.86 52.52 -41.96
C LEU C 39 -44.92 53.60 -41.73
N LYS C 40 -45.22 54.33 -42.79
CA LYS C 40 -46.18 55.42 -42.72
C LYS C 40 -47.59 54.88 -42.74
N ASP C 41 -47.88 54.02 -43.71
CA ASP C 41 -49.22 53.44 -43.81
C ASP C 41 -49.53 52.62 -42.56
N THR C 42 -48.55 51.86 -42.11
CA THR C 42 -48.67 51.05 -40.91
C THR C 42 -48.78 51.92 -39.66
N LEU C 43 -47.86 52.88 -39.48
CA LEU C 43 -47.96 53.78 -38.34
C LEU C 43 -49.40 54.23 -38.17
N LYS C 44 -50.09 54.53 -39.26
CA LYS C 44 -51.46 55.01 -39.23
C LYS C 44 -52.50 53.99 -38.80
N LYS C 45 -52.29 52.71 -39.13
CA LYS C 45 -53.27 51.70 -38.72
C LYS C 45 -53.25 51.63 -37.18
N MET C 46 -52.07 51.88 -36.66
CA MET C 46 -51.78 51.85 -35.24
C MET C 46 -52.31 53.08 -34.54
N GLN C 47 -52.06 54.25 -35.14
CA GLN C 47 -52.56 55.48 -34.56
C GLN C 47 -54.07 55.50 -34.54
N LYS C 48 -54.67 54.93 -35.57
CA LYS C 48 -56.13 54.87 -35.62
C LYS C 48 -56.62 54.00 -34.47
N PHE C 49 -56.02 52.82 -34.36
CA PHE C 49 -56.38 51.88 -33.33
C PHE C 49 -56.41 52.50 -31.94
N PHE C 50 -55.40 53.28 -31.60
CA PHE C 50 -55.32 53.92 -30.29
C PHE C 50 -55.87 55.34 -30.33
N GLY C 51 -56.65 55.64 -31.37
CA GLY C 51 -57.30 56.94 -31.47
C GLY C 51 -56.29 58.07 -31.30
N LEU C 52 -55.22 58.02 -32.08
CA LEU C 52 -54.20 59.08 -32.06
C LEU C 52 -54.37 59.87 -33.35
N PRO C 53 -53.84 61.08 -33.43
CA PRO C 53 -53.89 61.81 -34.70
C PRO C 53 -53.21 60.95 -35.76
N GLN C 54 -53.96 60.46 -36.73
CA GLN C 54 -53.48 59.60 -37.79
C GLN C 54 -52.48 60.31 -38.70
N THR C 55 -51.41 60.81 -38.12
CA THR C 55 -50.31 61.49 -38.76
C THR C 55 -49.60 60.62 -39.77
N GLY C 56 -49.14 59.46 -39.34
CA GLY C 56 -48.41 58.59 -40.28
C GLY C 56 -46.92 58.68 -40.01
N ASP C 57 -46.55 59.50 -39.02
CA ASP C 57 -45.17 59.72 -38.65
C ASP C 57 -44.94 59.37 -37.18
N LEU C 58 -43.68 59.27 -36.79
CA LEU C 58 -43.33 59.03 -35.40
C LEU C 58 -43.16 60.35 -34.63
N ASP C 59 -44.20 60.67 -33.90
CA ASP C 59 -44.50 61.92 -33.26
C ASP C 59 -44.80 61.61 -31.80
N GLN C 60 -44.38 62.51 -30.91
CA GLN C 60 -44.55 62.38 -29.49
C GLN C 60 -45.93 61.89 -29.08
N ASN C 61 -46.95 62.05 -29.87
CA ASN C 61 -48.19 61.34 -29.54
C ASN C 61 -48.09 59.81 -29.63
N THR C 62 -47.72 59.29 -30.81
CA THR C 62 -47.61 57.85 -31.03
C THR C 62 -46.54 57.20 -30.15
N ILE C 63 -45.32 57.73 -30.19
CA ILE C 63 -44.23 57.17 -29.39
C ILE C 63 -44.67 56.97 -27.94
N GLU C 64 -45.09 58.04 -27.30
CA GLU C 64 -45.51 58.00 -25.90
C GLU C 64 -46.37 56.77 -25.60
N THR C 65 -47.35 56.47 -26.45
CA THR C 65 -48.20 55.31 -26.20
C THR C 65 -47.50 54.02 -26.55
N MET C 66 -46.53 54.08 -27.46
CA MET C 66 -45.79 52.90 -27.88
C MET C 66 -44.91 52.36 -26.76
N ARG C 67 -44.60 53.21 -25.78
CA ARG C 67 -43.71 52.76 -24.72
C ARG C 67 -44.46 52.56 -23.42
N LYS C 68 -45.77 52.37 -23.52
CA LYS C 68 -46.60 52.09 -22.33
C LYS C 68 -46.73 50.56 -22.22
N PRO C 69 -46.52 50.01 -21.05
CA PRO C 69 -46.63 48.56 -20.83
C PRO C 69 -47.93 48.10 -21.47
N ARG C 70 -47.85 47.06 -22.30
CA ARG C 70 -49.04 46.59 -23.02
C ARG C 70 -48.97 45.10 -23.18
N CYS C 71 -50.10 44.55 -23.59
CA CYS C 71 -50.14 43.10 -23.76
C CYS C 71 -49.32 42.69 -24.97
N GLY C 72 -48.71 41.51 -24.92
CA GLY C 72 -47.90 41.00 -26.00
C GLY C 72 -48.65 40.39 -27.17
N ASN C 73 -49.95 40.55 -27.30
CA ASN C 73 -50.66 40.01 -28.44
C ASN C 73 -50.84 41.09 -29.50
N PRO C 74 -51.11 40.70 -30.74
CA PRO C 74 -51.28 41.64 -31.84
C PRO C 74 -52.54 42.47 -31.69
N ASP C 75 -52.61 43.55 -32.50
CA ASP C 75 -53.78 44.42 -32.46
C ASP C 75 -54.58 44.21 -33.75
N VAL C 76 -53.84 43.76 -34.75
CA VAL C 76 -54.39 43.45 -36.06
C VAL C 76 -54.66 41.95 -36.14
N ALA C 77 -55.81 41.59 -36.69
CA ALA C 77 -56.18 40.18 -36.79
C ALA C 77 -55.71 39.58 -38.11
N ASN C 78 -56.02 38.31 -38.29
CA ASN C 78 -55.69 37.53 -39.46
C ASN C 78 -56.55 36.25 -39.42
N TYR C 79 -57.18 36.03 -38.28
CA TYR C 79 -57.96 34.86 -38.00
C TYR C 79 -58.68 34.26 -39.18
N ASN C 80 -58.59 34.86 -40.36
CA ASN C 80 -58.84 34.19 -41.60
C ASN C 80 -57.83 33.10 -41.96
N PHE C 81 -56.54 33.40 -42.08
CA PHE C 81 -55.53 32.39 -42.45
C PHE C 81 -55.04 31.69 -41.19
N PHE C 82 -55.18 32.44 -40.10
CA PHE C 82 -54.93 31.83 -38.76
C PHE C 82 -56.21 31.01 -38.56
N PRO C 83 -56.15 29.80 -38.05
CA PRO C 83 -57.30 28.91 -38.05
C PRO C 83 -58.58 29.54 -37.55
N ARG C 84 -59.67 28.87 -37.88
CA ARG C 84 -61.02 29.23 -37.58
C ARG C 84 -61.26 30.03 -36.31
N LYS C 85 -62.06 31.10 -36.47
CA LYS C 85 -62.44 31.96 -35.36
C LYS C 85 -62.77 31.07 -34.19
N PRO C 86 -61.82 31.06 -33.27
CA PRO C 86 -61.80 30.18 -32.11
C PRO C 86 -62.97 30.37 -31.16
N LYS C 87 -63.14 29.33 -30.35
CA LYS C 87 -64.18 29.30 -29.37
C LYS C 87 -64.28 27.91 -28.75
N TRP C 88 -63.87 27.79 -27.51
CA TRP C 88 -64.06 26.39 -26.97
C TRP C 88 -65.40 25.77 -27.35
N ASP C 89 -65.34 24.51 -27.78
CA ASP C 89 -66.54 23.79 -28.19
C ASP C 89 -67.26 23.18 -27.00
N LYS C 90 -66.99 23.69 -25.81
CA LYS C 90 -67.60 23.24 -24.59
C LYS C 90 -67.49 24.30 -23.50
N ASN C 91 -68.46 24.39 -22.61
CA ASN C 91 -68.46 25.39 -21.55
C ASN C 91 -67.64 24.98 -20.34
N GLN C 92 -67.25 23.71 -20.29
CA GLN C 92 -66.46 23.18 -19.18
C GLN C 92 -64.99 23.24 -19.55
N ILE C 93 -64.31 24.27 -19.06
CA ILE C 93 -62.90 24.45 -19.37
C ILE C 93 -62.04 24.22 -18.13
N THR C 94 -60.82 23.74 -18.31
CA THR C 94 -59.92 23.44 -17.22
C THR C 94 -58.58 24.16 -17.38
N TYR C 95 -58.08 24.71 -16.27
CA TYR C 95 -56.82 25.45 -16.29
C TYR C 95 -55.84 24.81 -15.31
N ARG C 96 -54.58 24.71 -15.69
CA ARG C 96 -53.56 24.18 -14.81
C ARG C 96 -52.41 25.18 -14.67
N ILE C 97 -51.96 25.41 -13.45
CA ILE C 97 -50.86 26.34 -13.19
C ILE C 97 -49.55 25.57 -13.12
N ILE C 98 -48.64 25.83 -14.07
CA ILE C 98 -47.38 25.09 -14.09
C ILE C 98 -46.21 25.91 -13.59
N GLY C 99 -46.43 27.21 -13.37
CA GLY C 99 -45.36 28.05 -12.86
C GLY C 99 -45.90 29.24 -12.09
N TYR C 100 -45.11 29.79 -11.16
CA TYR C 100 -45.53 30.94 -10.38
C TYR C 100 -44.49 32.06 -10.44
N THR C 101 -44.75 33.11 -9.70
CA THR C 101 -43.79 34.22 -9.63
C THR C 101 -43.34 34.41 -8.21
N PRO C 102 -42.06 34.64 -7.99
CA PRO C 102 -41.49 34.81 -6.66
C PRO C 102 -42.05 36.06 -6.00
N ASP C 103 -42.81 36.86 -6.77
CA ASP C 103 -43.36 38.10 -6.30
C ASP C 103 -44.57 37.97 -5.40
N LEU C 104 -45.33 36.92 -5.60
CA LEU C 104 -46.54 36.66 -4.82
C LEU C 104 -46.52 35.22 -4.29
N ASP C 105 -47.24 34.97 -3.20
CA ASP C 105 -47.22 33.65 -2.54
C ASP C 105 -48.12 32.73 -3.34
N PRO C 106 -47.85 31.45 -3.33
CA PRO C 106 -48.60 30.49 -4.13
C PRO C 106 -50.07 30.77 -4.10
N GLU C 107 -50.62 30.91 -2.90
CA GLU C 107 -52.04 31.18 -2.74
C GLU C 107 -52.48 32.45 -3.46
N THR C 108 -51.93 33.61 -3.10
CA THR C 108 -52.27 34.85 -3.76
C THR C 108 -52.27 34.76 -5.27
N VAL C 109 -51.32 34.04 -5.85
CA VAL C 109 -51.31 33.78 -7.26
C VAL C 109 -52.46 32.87 -7.68
N ASP C 110 -52.56 31.71 -7.05
CA ASP C 110 -53.63 30.76 -7.34
C ASP C 110 -54.98 31.49 -7.37
N ASP C 111 -55.19 32.39 -6.42
CA ASP C 111 -56.41 33.16 -6.31
C ASP C 111 -56.58 34.11 -7.49
N ALA C 112 -55.61 35.00 -7.66
CA ALA C 112 -55.59 35.96 -8.75
C ALA C 112 -56.04 35.34 -10.06
N PHE C 113 -55.52 34.18 -10.43
CA PHE C 113 -55.98 33.51 -11.64
C PHE C 113 -57.45 33.10 -11.53
N ALA C 114 -57.79 32.51 -10.40
CA ALA C 114 -59.15 32.07 -10.10
C ALA C 114 -60.13 33.23 -10.23
N ARG C 115 -59.84 34.33 -9.53
CA ARG C 115 -60.70 35.51 -9.60
C ARG C 115 -60.79 36.00 -11.04
N ALA C 116 -59.68 35.93 -11.77
CA ALA C 116 -59.64 36.36 -13.16
C ALA C 116 -60.50 35.46 -14.03
N PHE C 117 -60.54 34.17 -13.74
CA PHE C 117 -61.43 33.29 -14.52
C PHE C 117 -62.87 33.59 -14.24
N GLN C 118 -63.15 33.78 -12.99
CA GLN C 118 -64.47 34.09 -12.53
C GLN C 118 -65.07 35.27 -13.26
N VAL C 119 -64.24 35.98 -14.01
CA VAL C 119 -64.67 37.25 -14.53
C VAL C 119 -65.39 37.08 -15.81
N TRP C 120 -65.16 35.91 -16.34
CA TRP C 120 -65.74 35.52 -17.58
C TRP C 120 -66.94 34.62 -17.33
N SER C 121 -66.86 33.79 -16.29
CA SER C 121 -67.95 32.89 -15.97
C SER C 121 -69.16 33.67 -15.46
N ASP C 122 -68.89 34.74 -14.70
CA ASP C 122 -69.93 35.58 -14.14
C ASP C 122 -70.95 36.05 -15.18
N VAL C 123 -70.54 36.08 -16.44
CA VAL C 123 -71.42 36.57 -17.50
C VAL C 123 -71.74 35.50 -18.54
N THR C 124 -71.14 34.33 -18.42
CA THR C 124 -71.38 33.29 -19.41
C THR C 124 -71.52 31.91 -18.81
N PRO C 125 -72.05 31.00 -19.62
CA PRO C 125 -72.24 29.58 -19.25
C PRO C 125 -70.95 28.78 -19.08
N LEU C 126 -69.81 29.44 -19.05
CA LEU C 126 -68.50 28.87 -18.91
C LEU C 126 -68.07 28.59 -17.47
N ARG C 127 -67.53 27.39 -17.26
CA ARG C 127 -67.03 26.97 -15.96
C ARG C 127 -65.58 26.48 -16.07
N PHE C 128 -64.73 26.98 -15.18
CA PHE C 128 -63.32 26.63 -15.19
C PHE C 128 -62.95 25.78 -13.98
N SER C 129 -62.19 24.72 -14.17
CA SER C 129 -61.79 23.86 -13.06
C SER C 129 -60.28 23.59 -13.12
N ARG C 130 -59.61 24.02 -12.06
CA ARG C 130 -58.15 23.80 -11.98
C ARG C 130 -57.87 22.32 -11.88
N ILE C 131 -56.75 21.93 -12.49
CA ILE C 131 -56.33 20.53 -12.37
C ILE C 131 -54.85 20.52 -11.99
N HIS C 132 -54.37 19.45 -11.38
CA HIS C 132 -52.98 19.47 -10.89
C HIS C 132 -52.04 18.54 -11.61
N ASP C 133 -52.56 17.81 -12.59
CA ASP C 133 -51.72 16.90 -13.34
C ASP C 133 -52.38 16.59 -14.68
N GLY C 134 -51.63 16.77 -15.76
CA GLY C 134 -52.16 16.41 -17.06
C GLY C 134 -52.18 17.63 -17.98
N GLU C 135 -52.67 17.39 -19.20
CA GLU C 135 -52.74 18.47 -20.17
C GLU C 135 -54.08 19.20 -20.03
N ALA C 136 -54.05 20.37 -19.40
CA ALA C 136 -55.29 21.14 -19.24
C ALA C 136 -55.59 21.89 -20.53
N ASP C 137 -56.75 22.52 -20.59
CA ASP C 137 -57.12 23.31 -21.77
C ASP C 137 -56.32 24.61 -21.77
N ILE C 138 -56.18 25.23 -20.60
CA ILE C 138 -55.45 26.49 -20.52
C ILE C 138 -54.27 26.31 -19.55
N MET C 139 -53.05 26.31 -20.06
CA MET C 139 -51.86 26.07 -19.23
C MET C 139 -51.24 27.42 -18.85
N ILE C 140 -51.18 27.75 -17.57
CA ILE C 140 -50.68 29.03 -17.11
C ILE C 140 -49.24 28.93 -16.60
N ASN C 141 -48.35 29.76 -17.15
CA ASN C 141 -46.97 29.71 -16.75
C ASN C 141 -46.28 31.06 -16.83
N PHE C 142 -45.24 31.27 -16.06
CA PHE C 142 -44.47 32.51 -16.15
C PHE C 142 -43.14 32.20 -16.83
N GLY C 143 -42.68 33.07 -17.73
CA GLY C 143 -41.42 32.83 -18.44
C GLY C 143 -40.86 34.14 -18.93
N ARG C 144 -39.58 34.17 -19.29
CA ARG C 144 -38.88 35.36 -19.74
C ARG C 144 -38.30 35.20 -21.14
N TRP C 145 -38.17 36.35 -21.80
CA TRP C 145 -37.76 36.34 -23.20
C TRP C 145 -38.41 35.19 -23.95
N GLU C 146 -37.55 34.47 -24.62
CA GLU C 146 -37.95 33.28 -25.33
C GLU C 146 -38.15 32.17 -24.31
N HIS C 147 -39.40 31.88 -24.04
CA HIS C 147 -39.76 30.86 -23.07
C HIS C 147 -40.45 29.67 -23.75
N GLY C 148 -39.98 29.30 -24.93
CA GLY C 148 -40.39 28.12 -25.63
C GLY C 148 -41.63 28.16 -26.47
N ASP C 149 -41.78 29.18 -27.30
CA ASP C 149 -42.91 29.26 -28.20
C ASP C 149 -42.72 30.23 -29.34
N GLY C 150 -41.51 30.76 -29.51
CA GLY C 150 -41.18 31.64 -30.61
C GLY C 150 -41.63 33.06 -30.42
N TYR C 151 -42.43 33.32 -29.39
CA TYR C 151 -42.90 34.69 -29.13
C TYR C 151 -42.30 35.22 -27.83
N PRO C 152 -41.06 35.70 -27.88
CA PRO C 152 -40.28 36.11 -26.74
C PRO C 152 -40.80 37.31 -25.99
N PHE C 153 -40.43 37.40 -24.71
CA PHE C 153 -40.81 38.58 -23.93
C PHE C 153 -39.63 39.55 -24.03
N ASP C 154 -39.57 40.55 -23.19
CA ASP C 154 -38.62 41.63 -23.36
C ASP C 154 -38.06 42.23 -22.11
N GLY C 155 -38.08 41.49 -21.00
CA GLY C 155 -37.48 42.02 -19.77
C GLY C 155 -38.49 42.94 -19.09
N LYS C 156 -37.99 43.83 -18.25
CA LYS C 156 -38.91 44.64 -17.44
C LYS C 156 -39.82 45.41 -18.37
N ASP C 157 -41.02 45.75 -17.88
CA ASP C 157 -41.91 46.64 -18.55
C ASP C 157 -42.18 46.20 -19.98
N GLY C 158 -42.70 46.97 -20.94
CA GLY C 158 -43.08 46.37 -22.24
C GLY C 158 -44.19 45.33 -22.30
N LEU C 159 -44.07 44.29 -23.12
CA LEU C 159 -45.05 43.20 -23.26
C LEU C 159 -45.17 42.50 -21.91
N LEU C 160 -46.37 42.28 -21.41
CA LEU C 160 -46.56 41.90 -20.02
C LEU C 160 -47.04 40.46 -20.05
N ALA C 161 -47.72 40.13 -21.13
CA ALA C 161 -48.19 38.74 -21.17
C ALA C 161 -48.58 38.44 -22.61
N HIS C 162 -48.98 37.18 -22.73
CA HIS C 162 -49.58 36.79 -24.00
C HIS C 162 -50.30 35.45 -23.85
N ALA C 163 -51.26 35.21 -24.73
CA ALA C 163 -52.01 33.97 -24.69
C ALA C 163 -52.47 33.55 -26.08
N PHE C 164 -52.79 32.28 -26.22
CA PHE C 164 -53.22 31.77 -27.51
C PHE C 164 -54.72 31.52 -27.54
N ALA C 165 -55.30 31.76 -28.70
CA ALA C 165 -56.73 31.57 -28.89
C ALA C 165 -57.10 30.12 -28.66
N PRO C 166 -58.36 29.88 -28.32
CA PRO C 166 -58.83 28.53 -28.05
C PRO C 166 -58.41 27.57 -29.14
N GLY C 167 -58.04 26.34 -28.74
CA GLY C 167 -57.64 25.36 -29.72
C GLY C 167 -56.78 24.27 -29.10
N THR C 168 -56.49 23.26 -29.92
CA THR C 168 -55.62 22.18 -29.43
C THR C 168 -54.18 22.69 -29.40
N GLY C 169 -53.29 21.89 -28.82
CA GLY C 169 -51.89 22.28 -28.74
C GLY C 169 -51.65 23.36 -27.71
N VAL C 170 -50.98 24.44 -28.10
CA VAL C 170 -50.69 25.54 -27.19
C VAL C 170 -51.90 26.43 -27.01
N GLY C 171 -52.98 26.14 -27.74
CA GLY C 171 -54.17 26.96 -27.70
C GLY C 171 -54.69 27.18 -26.31
N GLY C 172 -54.97 28.44 -25.95
CA GLY C 172 -55.54 28.77 -24.66
C GLY C 172 -54.47 29.07 -23.62
N ASP C 173 -53.24 28.66 -23.97
CA ASP C 173 -52.13 28.84 -23.03
C ASP C 173 -51.96 30.32 -22.69
N SER C 174 -51.66 30.62 -21.43
CA SER C 174 -51.49 32.01 -21.01
C SER C 174 -50.15 32.11 -20.28
N HIS C 175 -49.21 32.82 -20.87
CA HIS C 175 -47.88 32.95 -20.32
C HIS C 175 -47.64 34.39 -19.88
N PHE C 176 -46.87 34.55 -18.80
CA PHE C 176 -46.57 35.82 -18.17
C PHE C 176 -45.08 36.11 -18.13
N ASP C 177 -44.68 37.34 -18.44
CA ASP C 177 -43.28 37.72 -18.43
C ASP C 177 -42.74 37.75 -17.01
N ASP C 178 -41.86 36.81 -16.70
CA ASP C 178 -41.29 36.63 -15.39
C ASP C 178 -40.36 37.75 -14.97
N ASP C 179 -40.05 38.65 -15.90
CA ASP C 179 -39.15 39.75 -15.60
C ASP C 179 -39.92 40.95 -15.07
N GLU C 180 -41.21 40.77 -14.84
CA GLU C 180 -42.07 41.85 -14.38
C GLU C 180 -42.24 41.84 -12.87
N LEU C 181 -42.42 43.03 -12.30
CA LEU C 181 -42.71 43.10 -10.86
C LEU C 181 -44.18 42.74 -10.68
N TRP C 182 -44.50 41.44 -10.59
CA TRP C 182 -45.89 41.08 -10.44
C TRP C 182 -46.41 41.52 -9.07
N THR C 183 -47.57 42.18 -9.12
CA THR C 183 -48.16 42.77 -7.91
C THR C 183 -49.65 42.65 -7.99
N LEU C 184 -50.41 43.06 -6.99
CA LEU C 184 -51.86 43.19 -7.08
C LEU C 184 -52.39 44.52 -7.63
N GLY C 185 -51.55 45.31 -8.26
CA GLY C 185 -51.91 46.56 -8.84
C GLY C 185 -51.47 47.79 -8.07
N GLU C 186 -51.24 47.66 -6.77
CA GLU C 186 -50.84 48.80 -5.95
C GLU C 186 -49.44 48.68 -5.36
N GLY C 187 -48.49 48.18 -6.13
CA GLY C 187 -47.13 48.06 -5.62
C GLY C 187 -46.85 46.69 -5.00
N GLN C 188 -45.59 46.48 -4.64
CA GLN C 188 -45.13 45.22 -4.08
C GLN C 188 -45.98 44.69 -2.95
N VAL C 189 -46.16 43.37 -3.02
CA VAL C 189 -46.88 42.55 -2.09
C VAL C 189 -45.96 41.52 -1.44
N VAL C 190 -46.10 41.28 -0.15
CA VAL C 190 -45.27 40.40 0.62
C VAL C 190 -46.07 39.71 1.72
N ARG C 191 -46.57 38.50 1.53
CA ARG C 191 -47.40 37.94 2.65
C ARG C 191 -46.47 37.42 3.72
N VAL C 192 -46.62 37.93 4.94
CA VAL C 192 -45.70 37.61 6.03
C VAL C 192 -45.99 36.28 6.71
N LYS C 193 -44.94 35.72 7.31
CA LYS C 193 -45.04 34.44 8.01
C LYS C 193 -44.69 34.62 9.48
N TYR C 194 -45.27 33.79 10.32
CA TYR C 194 -45.00 33.79 11.74
C TYR C 194 -45.25 35.15 12.35
N GLY C 195 -44.40 35.57 13.27
CA GLY C 195 -44.69 36.85 13.96
C GLY C 195 -46.08 36.70 14.62
N ASN C 196 -46.76 37.81 14.83
CA ASN C 196 -48.10 37.78 15.42
C ASN C 196 -49.16 38.10 14.39
N ALA C 197 -48.83 38.01 13.10
CA ALA C 197 -49.79 38.31 12.04
C ALA C 197 -49.66 37.37 10.84
N ASP C 198 -49.00 36.23 11.06
CA ASP C 198 -48.81 35.25 10.00
C ASP C 198 -50.08 35.04 9.17
N GLY C 199 -49.90 35.29 7.87
CA GLY C 199 -50.97 35.18 6.90
C GLY C 199 -51.32 36.55 6.34
N GLU C 200 -50.81 37.60 6.99
CA GLU C 200 -51.12 38.99 6.61
C GLU C 200 -50.18 39.55 5.56
N TYR C 201 -50.67 40.46 4.74
CA TYR C 201 -49.84 41.11 3.74
C TYR C 201 -49.05 42.24 4.39
N CYS C 202 -47.85 42.52 3.90
CA CYS C 202 -47.07 43.65 4.44
C CYS C 202 -47.83 44.93 4.06
N LYS C 203 -47.91 45.91 4.95
CA LYS C 203 -48.59 47.16 4.57
C LYS C 203 -47.57 48.22 4.20
N PHE C 204 -47.43 48.50 2.90
CA PHE C 204 -46.47 49.50 2.47
C PHE C 204 -47.19 50.77 2.01
N PRO C 205 -46.78 51.89 2.58
CA PRO C 205 -45.72 51.94 3.57
C PRO C 205 -46.26 51.68 4.98
N PHE C 206 -45.34 51.45 5.91
CA PHE C 206 -45.72 51.27 7.31
C PHE C 206 -44.75 52.16 8.11
N LEU C 207 -45.22 52.65 9.24
CA LEU C 207 -44.41 53.57 10.02
C LEU C 207 -43.80 52.89 11.24
N PHE C 208 -42.47 52.94 11.34
CA PHE C 208 -41.77 52.34 12.47
C PHE C 208 -40.59 53.22 12.90
N ASN C 209 -40.58 53.54 14.19
CA ASN C 209 -39.53 54.38 14.76
C ASN C 209 -39.59 55.78 14.16
N GLY C 210 -40.82 56.24 13.92
CA GLY C 210 -40.99 57.56 13.30
C GLY C 210 -40.24 57.56 11.96
N LYS C 211 -40.69 56.70 11.06
CA LYS C 211 -40.04 56.57 9.77
C LYS C 211 -40.92 55.76 8.81
N GLU C 212 -40.76 56.02 7.52
CA GLU C 212 -41.56 55.25 6.55
C GLU C 212 -40.80 54.08 5.97
N TYR C 213 -41.47 52.97 5.70
CA TYR C 213 -40.84 51.79 5.12
C TYR C 213 -41.76 51.20 4.03
N ASN C 214 -41.25 51.20 2.81
CA ASN C 214 -42.01 50.72 1.66
C ASN C 214 -41.57 49.33 1.20
N SER C 215 -40.86 48.67 2.10
CA SER C 215 -40.35 47.32 1.90
C SER C 215 -39.95 46.75 3.26
N CYS C 216 -39.72 45.45 3.31
CA CYS C 216 -39.28 44.84 4.56
C CYS C 216 -37.91 45.35 4.97
N THR C 217 -37.60 45.27 6.25
CA THR C 217 -36.30 45.62 6.76
C THR C 217 -35.86 44.71 7.92
N ASP C 218 -34.54 44.64 8.07
CA ASP C 218 -33.92 43.93 9.17
C ASP C 218 -33.68 44.91 10.30
N THR C 219 -34.14 46.14 10.11
CA THR C 219 -33.97 47.21 11.07
C THR C 219 -34.69 46.93 12.37
N GLY C 220 -34.02 47.28 13.47
CA GLY C 220 -34.58 47.04 14.80
C GLY C 220 -34.53 45.54 15.10
N ARG C 221 -33.82 44.81 14.27
CA ARG C 221 -33.63 43.37 14.39
C ARG C 221 -32.14 43.07 14.45
N SER C 222 -31.74 42.06 15.21
CA SER C 222 -30.32 41.74 15.32
C SER C 222 -29.91 40.52 14.50
N ASP C 223 -30.84 39.61 14.27
CA ASP C 223 -30.56 38.41 13.51
C ASP C 223 -30.58 38.65 12.01
N GLY C 224 -31.09 39.81 11.59
CA GLY C 224 -31.13 40.16 10.18
C GLY C 224 -32.30 39.50 9.47
N PHE C 225 -33.28 39.05 10.24
CA PHE C 225 -34.49 38.48 9.61
C PHE C 225 -35.31 39.69 9.13
N LEU C 226 -35.86 39.56 7.94
CA LEU C 226 -36.68 40.66 7.40
C LEU C 226 -38.09 40.61 7.96
N TRP C 227 -38.64 41.76 8.30
CA TRP C 227 -40.01 41.87 8.80
C TRP C 227 -40.67 43.14 8.26
N CYS C 228 -41.93 43.31 8.59
CA CYS C 228 -42.70 44.50 8.23
C CYS C 228 -43.97 44.59 9.07
N SER C 229 -44.55 45.75 9.19
CA SER C 229 -45.78 45.92 9.97
C SER C 229 -46.94 45.56 9.05
N THR C 230 -47.93 44.81 9.53
CA THR C 230 -49.06 44.46 8.69
C THR C 230 -50.14 45.53 8.68
N THR C 231 -49.90 46.57 9.45
CA THR C 231 -50.77 47.75 9.52
C THR C 231 -49.87 48.99 9.46
N TYR C 232 -50.41 50.16 9.20
CA TYR C 232 -49.54 51.32 9.05
C TYR C 232 -48.82 51.75 10.31
N ASN C 233 -49.59 52.28 11.26
CA ASN C 233 -48.98 52.75 12.51
C ASN C 233 -48.58 51.53 13.33
N PHE C 234 -47.28 51.31 13.49
CA PHE C 234 -46.79 50.16 14.24
C PHE C 234 -47.01 50.29 15.74
N GLU C 235 -47.40 51.46 16.21
CA GLU C 235 -47.66 51.68 17.63
C GLU C 235 -49.12 51.51 18.00
N LYS C 236 -50.04 52.13 17.27
CA LYS C 236 -51.45 51.99 17.61
C LYS C 236 -51.89 50.55 17.41
N ASP C 237 -51.15 49.87 16.54
CA ASP C 237 -51.39 48.45 16.25
C ASP C 237 -50.01 47.78 16.25
N GLY C 238 -49.82 46.76 17.06
CA GLY C 238 -48.50 46.14 17.18
C GLY C 238 -48.32 44.92 16.32
N LYS C 239 -49.14 44.74 15.29
CA LYS C 239 -49.07 43.59 14.42
C LYS C 239 -48.04 43.72 13.31
N TYR C 240 -47.29 42.64 13.10
CA TYR C 240 -46.24 42.55 12.12
C TYR C 240 -45.98 41.07 11.80
N GLY C 241 -45.06 40.86 10.88
CA GLY C 241 -44.62 39.50 10.56
C GLY C 241 -43.24 39.51 9.91
N PHE C 242 -42.69 38.33 9.68
CA PHE C 242 -41.42 38.21 8.99
C PHE C 242 -41.66 37.92 7.50
N CYS C 243 -40.96 38.69 6.69
CA CYS C 243 -41.09 38.53 5.24
C CYS C 243 -40.20 37.40 4.76
N PRO C 244 -40.70 36.58 3.85
CA PRO C 244 -40.03 35.47 3.22
C PRO C 244 -38.74 35.80 2.49
N HIS C 245 -37.90 34.81 2.23
CA HIS C 245 -36.67 34.85 1.47
C HIS C 245 -35.92 33.53 1.74
N GLU C 246 -35.11 33.13 0.78
CA GLU C 246 -34.52 31.81 0.69
C GLU C 246 -33.14 31.91 1.33
N ALA C 247 -32.76 33.16 1.51
CA ALA C 247 -31.52 33.54 2.15
C ALA C 247 -31.66 33.60 3.66
N LEU C 248 -32.91 33.67 4.12
CA LEU C 248 -33.14 33.81 5.55
C LEU C 248 -33.72 32.55 6.14
N PHE C 249 -34.77 32.09 5.43
CA PHE C 249 -35.53 30.92 5.84
C PHE C 249 -36.09 30.14 4.65
N THR C 250 -36.76 29.04 4.98
CA THR C 250 -37.44 28.23 3.98
C THR C 250 -38.77 27.77 4.52
N MET C 251 -39.59 27.19 3.68
CA MET C 251 -40.87 26.73 4.13
C MET C 251 -41.10 25.28 3.75
N GLY C 252 -41.58 24.52 4.74
CA GLY C 252 -41.92 23.13 4.53
C GLY C 252 -40.70 22.25 4.33
N GLY C 253 -40.84 21.25 3.45
CA GLY C 253 -39.73 20.32 3.23
C GLY C 253 -39.35 19.77 4.60
N ASN C 254 -38.07 19.40 4.72
CA ASN C 254 -37.57 18.86 5.99
C ASN C 254 -36.47 19.76 6.54
N ALA C 255 -36.27 20.92 5.93
CA ALA C 255 -35.12 21.76 6.29
C ALA C 255 -35.37 22.40 7.65
N GLU C 256 -36.63 22.50 8.05
CA GLU C 256 -37.03 23.06 9.32
C GLU C 256 -36.80 24.55 9.47
N GLY C 257 -37.03 25.28 8.39
CA GLY C 257 -36.93 26.72 8.32
C GLY C 257 -35.52 27.24 8.14
N GLN C 258 -34.64 26.37 7.65
CA GLN C 258 -33.25 26.76 7.45
C GLN C 258 -33.07 27.46 6.12
N PRO C 259 -32.10 28.35 6.02
CA PRO C 259 -31.80 29.04 4.77
C PRO C 259 -31.44 28.03 3.68
N CYS C 260 -31.41 28.49 2.44
CA CYS C 260 -30.95 27.65 1.34
C CYS C 260 -29.41 27.67 1.39
N LYS C 261 -28.81 26.81 0.57
CA LYS C 261 -27.37 26.89 0.45
C LYS C 261 -26.97 27.07 -1.01
N PHE C 262 -26.47 28.26 -1.33
CA PHE C 262 -26.06 28.47 -2.71
C PHE C 262 -24.55 28.51 -2.87
N PRO C 263 -24.03 27.74 -3.81
CA PRO C 263 -24.89 26.82 -4.53
C PRO C 263 -24.98 25.46 -3.83
N PHE C 264 -26.00 24.72 -4.24
CA PHE C 264 -26.21 23.38 -3.67
C PHE C 264 -26.32 22.43 -4.86
N ARG C 265 -25.64 21.30 -4.81
CA ARG C 265 -25.62 20.36 -5.90
C ARG C 265 -26.81 19.42 -5.86
N PHE C 266 -27.47 19.20 -6.97
CA PHE C 266 -28.55 18.28 -7.16
C PHE C 266 -28.23 17.46 -8.41
N GLN C 267 -27.74 16.25 -8.21
CA GLN C 267 -27.33 15.44 -9.35
C GLN C 267 -26.29 16.24 -10.18
N GLY C 268 -26.12 15.95 -11.45
CA GLY C 268 -25.06 16.59 -12.24
C GLY C 268 -25.21 18.12 -12.46
N THR C 269 -25.58 18.89 -11.43
CA THR C 269 -25.74 20.33 -11.65
C THR C 269 -25.68 21.14 -10.35
N SER C 270 -25.07 22.33 -10.42
CA SER C 270 -25.02 23.21 -9.23
C SER C 270 -26.01 24.36 -9.35
N TYR C 271 -26.96 24.41 -8.42
CA TYR C 271 -27.99 25.44 -8.39
C TYR C 271 -27.65 26.61 -7.49
N ASP C 272 -27.63 27.82 -8.05
CA ASP C 272 -27.31 29.01 -7.28
C ASP C 272 -28.60 29.74 -6.92
N SER C 273 -29.73 29.05 -6.98
CA SER C 273 -31.00 29.69 -6.59
C SER C 273 -32.08 28.61 -6.43
N CYS C 274 -33.23 29.03 -5.89
CA CYS C 274 -34.25 27.99 -5.85
C CYS C 274 -34.63 27.53 -7.25
N THR C 275 -35.21 26.41 -7.39
CA THR C 275 -35.59 25.91 -8.69
C THR C 275 -36.84 25.02 -8.55
N THR C 276 -37.34 24.59 -9.68
CA THR C 276 -38.53 23.70 -9.62
C THR C 276 -38.01 22.38 -10.21
N GLU C 277 -36.70 22.41 -10.51
CA GLU C 277 -36.13 21.24 -11.19
C GLU C 277 -36.58 20.00 -10.43
N GLY C 278 -37.19 19.05 -11.11
CA GLY C 278 -37.66 17.83 -10.47
C GLY C 278 -39.17 17.86 -10.24
N ARG C 279 -39.69 18.95 -9.67
CA ARG C 279 -41.12 19.06 -9.41
C ARG C 279 -41.92 19.17 -10.70
N THR C 280 -43.22 19.03 -10.55
CA THR C 280 -44.16 19.12 -11.67
C THR C 280 -45.33 20.01 -11.25
N ASP C 281 -45.10 20.81 -10.22
CA ASP C 281 -46.14 21.72 -9.73
C ASP C 281 -45.60 23.13 -9.57
N GLY C 282 -44.56 23.50 -10.31
CA GLY C 282 -43.95 24.79 -10.23
C GLY C 282 -43.54 25.28 -8.86
N TYR C 283 -43.55 24.48 -7.79
CA TYR C 283 -43.15 25.04 -6.51
C TYR C 283 -41.65 25.18 -6.42
N ARG C 284 -41.16 26.37 -6.06
CA ARG C 284 -39.73 26.57 -5.91
C ARG C 284 -39.23 25.92 -4.62
N TRP C 285 -38.09 25.28 -4.71
CA TRP C 285 -37.40 24.65 -3.61
C TRP C 285 -35.89 24.87 -3.73
N CYS C 286 -35.17 24.48 -2.72
CA CYS C 286 -33.72 24.62 -2.73
C CYS C 286 -33.07 23.69 -1.72
N GLY C 287 -31.87 23.30 -1.98
CA GLY C 287 -31.17 22.45 -1.01
C GLY C 287 -30.80 23.42 0.13
N THR C 288 -30.90 22.99 1.36
CA THR C 288 -30.53 23.80 2.49
C THR C 288 -29.16 23.40 3.00
N THR C 289 -28.53 22.57 2.21
CA THR C 289 -27.21 21.97 2.41
C THR C 289 -26.36 22.21 1.17
N GLU C 290 -25.10 21.83 1.14
CA GLU C 290 -24.28 22.03 -0.04
C GLU C 290 -24.47 20.91 -1.06
N ASP C 291 -24.91 19.75 -0.62
CA ASP C 291 -25.16 18.60 -1.49
C ASP C 291 -26.55 18.11 -1.16
N TYR C 292 -27.55 18.41 -1.98
CA TYR C 292 -28.87 17.94 -1.63
C TYR C 292 -28.96 16.42 -1.73
N ASP C 293 -28.24 15.87 -2.67
CA ASP C 293 -28.26 14.43 -2.85
C ASP C 293 -27.77 13.73 -1.60
N ARG C 294 -26.71 14.21 -1.01
CA ARG C 294 -26.05 13.61 0.12
C ARG C 294 -26.88 13.81 1.39
N ASP C 295 -27.27 15.04 1.66
CA ASP C 295 -28.00 15.41 2.84
C ASP C 295 -29.49 15.28 2.75
N LYS C 296 -30.07 15.19 1.57
CA LYS C 296 -31.51 15.10 1.38
C LYS C 296 -32.24 16.20 2.14
N LYS C 297 -31.58 17.30 2.47
CA LYS C 297 -32.28 18.34 3.20
C LYS C 297 -32.65 19.47 2.24
N TYR C 298 -33.92 19.84 2.30
CA TYR C 298 -34.40 20.88 1.41
C TYR C 298 -35.61 21.57 2.02
N GLY C 299 -35.89 22.74 1.43
CA GLY C 299 -37.03 23.52 1.86
C GLY C 299 -37.56 24.33 0.69
N PHE C 300 -38.85 24.67 0.71
CA PHE C 300 -39.43 25.44 -0.38
C PHE C 300 -39.15 26.93 -0.24
N CYS C 301 -39.29 27.61 -1.36
CA CYS C 301 -39.15 29.06 -1.45
C CYS C 301 -40.42 29.63 -2.06
N PRO C 302 -41.38 30.00 -1.23
CA PRO C 302 -42.70 30.37 -1.71
C PRO C 302 -42.78 31.77 -2.27
N GLU C 303 -41.96 32.67 -1.72
CA GLU C 303 -42.04 34.07 -2.16
C GLU C 303 -40.76 34.80 -1.82
N THR C 304 -40.30 35.69 -2.70
CA THR C 304 -39.08 36.40 -2.33
C THR C 304 -39.34 37.85 -2.01
N ALA C 305 -38.92 38.29 -0.82
CA ALA C 305 -39.09 39.68 -0.48
C ALA C 305 -38.07 40.51 -1.26
N MET C 306 -38.48 41.59 -1.88
CA MET C 306 -37.61 42.47 -2.64
C MET C 306 -37.69 43.90 -2.10
N SER C 307 -36.54 44.55 -1.97
CA SER C 307 -36.49 45.94 -1.53
C SER C 307 -36.02 46.84 -2.66
N THR C 308 -35.61 46.20 -3.73
CA THR C 308 -35.14 46.85 -4.95
C THR C 308 -35.43 45.89 -6.08
N VAL C 309 -35.46 46.32 -7.32
CA VAL C 309 -35.84 45.36 -8.36
C VAL C 309 -34.88 45.40 -9.54
N GLY C 310 -34.52 44.23 -10.04
CA GLY C 310 -33.59 44.17 -11.17
C GLY C 310 -32.22 44.69 -10.75
N GLY C 311 -31.35 44.92 -11.72
CA GLY C 311 -30.01 45.43 -11.43
C GLY C 311 -29.05 44.34 -11.03
N ASN C 312 -27.93 44.76 -10.44
CA ASN C 312 -26.90 43.83 -10.02
C ASN C 312 -26.82 43.74 -8.50
N SER C 313 -27.78 44.34 -7.81
CA SER C 313 -27.77 44.30 -6.34
C SER C 313 -28.67 43.18 -5.84
N GLU C 314 -29.10 42.33 -6.73
CA GLU C 314 -29.91 41.15 -6.51
C GLU C 314 -31.03 41.31 -5.51
N GLY C 315 -31.51 42.52 -5.27
CA GLY C 315 -32.59 42.77 -4.33
C GLY C 315 -32.22 43.75 -3.23
N ALA C 316 -30.95 43.85 -2.88
CA ALA C 316 -30.48 44.75 -1.85
C ALA C 316 -31.09 46.14 -1.99
N PRO C 317 -31.49 46.70 -0.85
CA PRO C 317 -32.19 47.94 -0.68
C PRO C 317 -31.33 49.10 -1.14
N CYS C 318 -31.89 50.29 -1.16
CA CYS C 318 -31.11 51.46 -1.56
C CYS C 318 -30.26 51.98 -0.42
N VAL C 319 -29.33 52.86 -0.73
CA VAL C 319 -28.50 53.47 0.30
C VAL C 319 -28.55 54.98 0.19
N PHE C 320 -29.28 55.63 1.09
CA PHE C 320 -29.42 57.08 1.03
C PHE C 320 -28.68 57.81 2.14
N PRO C 321 -27.90 58.81 1.75
CA PRO C 321 -27.71 59.20 0.36
C PRO C 321 -26.57 58.47 -0.31
N PHE C 322 -26.61 58.39 -1.65
CA PHE C 322 -25.57 57.70 -2.40
C PHE C 322 -24.91 58.63 -3.41
N THR C 323 -23.71 58.26 -3.85
CA THR C 323 -22.93 59.08 -4.78
C THR C 323 -22.85 58.52 -6.19
N PHE C 324 -23.35 59.30 -7.15
CA PHE C 324 -23.35 58.91 -8.56
C PHE C 324 -22.75 60.02 -9.43
N LEU C 325 -21.77 59.67 -10.23
CA LEU C 325 -21.08 60.59 -11.11
C LEU C 325 -20.55 61.81 -10.36
N GLY C 326 -20.03 61.57 -9.15
CA GLY C 326 -19.51 62.63 -8.32
C GLY C 326 -20.59 63.31 -7.48
N ASN C 327 -21.81 63.35 -7.99
CA ASN C 327 -22.91 63.98 -7.28
C ASN C 327 -23.54 63.04 -6.26
N LYS C 328 -24.22 63.64 -5.29
CA LYS C 328 -24.86 62.89 -4.21
C LYS C 328 -26.37 62.97 -4.31
N TYR C 329 -27.03 61.85 -4.03
CA TYR C 329 -28.48 61.76 -4.13
C TYR C 329 -29.07 61.26 -2.81
N GLU C 330 -30.23 61.80 -2.46
CA GLU C 330 -30.88 61.41 -1.20
C GLU C 330 -32.19 60.71 -1.52
N SER C 331 -32.34 60.28 -2.76
CA SER C 331 -33.57 59.62 -3.19
C SER C 331 -33.34 58.89 -4.52
N CYS C 332 -34.33 58.11 -4.92
CA CYS C 332 -34.18 57.42 -6.19
C CYS C 332 -34.10 58.40 -7.35
N THR C 333 -33.15 58.19 -8.23
CA THR C 333 -33.00 59.09 -9.36
C THR C 333 -33.19 58.35 -10.68
N SER C 334 -33.15 59.11 -11.75
CA SER C 334 -33.14 58.54 -13.10
C SER C 334 -31.84 58.95 -13.81
N ALA C 335 -31.09 59.77 -13.07
CA ALA C 335 -29.83 60.29 -13.57
C ALA C 335 -29.08 59.23 -14.35
N GLY C 336 -28.84 59.49 -15.63
CA GLY C 336 -28.08 58.57 -16.45
C GLY C 336 -28.82 57.75 -17.55
N ARG C 337 -30.11 57.93 -17.81
CA ARG C 337 -30.73 57.11 -18.88
C ARG C 337 -31.65 57.92 -19.74
N SER C 338 -32.19 57.26 -20.74
CA SER C 338 -33.21 57.85 -21.58
C SER C 338 -34.63 57.44 -21.28
N ASP C 339 -34.82 56.46 -20.39
CA ASP C 339 -36.18 55.97 -20.14
C ASP C 339 -36.80 56.48 -18.86
N GLY C 340 -36.11 57.34 -18.13
CA GLY C 340 -36.58 57.93 -16.91
C GLY C 340 -37.07 56.99 -15.84
N LYS C 341 -36.55 55.77 -15.81
CA LYS C 341 -36.93 54.80 -14.77
C LYS C 341 -36.09 55.07 -13.52
N MET C 342 -36.70 55.00 -12.36
CA MET C 342 -36.03 55.28 -11.11
C MET C 342 -35.13 54.16 -10.65
N TRP C 343 -33.87 54.48 -10.38
CA TRP C 343 -32.88 53.52 -9.91
C TRP C 343 -32.12 54.13 -8.73
N CYS C 344 -31.40 53.30 -8.00
CA CYS C 344 -30.63 53.79 -6.86
C CYS C 344 -29.44 52.84 -6.63
N ALA C 345 -28.40 53.44 -6.09
CA ALA C 345 -27.20 52.65 -5.79
C ALA C 345 -27.49 51.94 -4.48
N THR C 346 -27.07 50.71 -4.35
CA THR C 346 -27.33 49.98 -3.12
C THR C 346 -26.17 50.14 -2.16
N THR C 347 -25.33 51.14 -2.42
CA THR C 347 -24.17 51.39 -1.57
C THR C 347 -23.85 52.86 -1.49
N ALA C 348 -23.47 53.37 -0.32
CA ALA C 348 -23.14 54.80 -0.23
C ALA C 348 -22.47 55.32 -1.48
N ASN C 349 -21.56 54.59 -2.11
CA ASN C 349 -20.98 55.05 -3.37
C ASN C 349 -21.24 54.10 -4.51
N TYR C 350 -21.59 54.62 -5.69
CA TYR C 350 -21.87 53.81 -6.85
C TYR C 350 -20.66 53.72 -7.76
N ASP C 351 -20.06 54.87 -8.00
CA ASP C 351 -19.03 54.97 -9.05
C ASP C 351 -18.05 53.84 -8.84
N ASP C 352 -17.50 53.75 -7.64
CA ASP C 352 -16.51 52.71 -7.34
C ASP C 352 -17.09 51.33 -7.18
N ASP C 353 -18.21 51.15 -6.50
CA ASP C 353 -18.81 49.85 -6.26
C ASP C 353 -19.70 49.38 -7.41
N ARG C 354 -20.33 50.31 -8.10
CA ARG C 354 -21.18 50.10 -9.25
C ARG C 354 -22.31 49.12 -9.02
N LYS C 355 -22.89 49.15 -7.82
CA LYS C 355 -24.01 48.26 -7.51
C LYS C 355 -25.32 49.04 -7.48
N TRP C 356 -26.25 48.66 -8.34
CA TRP C 356 -27.51 49.39 -8.49
C TRP C 356 -28.71 48.46 -8.57
N GLY C 357 -29.88 49.07 -8.42
CA GLY C 357 -31.15 48.37 -8.49
C GLY C 357 -32.28 49.34 -8.82
N PHE C 358 -33.40 48.84 -9.35
CA PHE C 358 -34.53 49.67 -9.71
C PHE C 358 -35.46 49.89 -8.52
N CYS C 359 -35.71 51.15 -8.18
CA CYS C 359 -36.68 51.40 -7.09
C CYS C 359 -38.03 50.85 -7.55
N PRO C 360 -38.51 49.85 -6.84
CA PRO C 360 -39.76 49.20 -7.19
C PRO C 360 -40.85 50.22 -7.44
N ASP C 361 -41.63 49.99 -8.49
CA ASP C 361 -42.75 50.85 -8.84
C ASP C 361 -44.04 50.20 -8.32
N GLN C 362 -45.12 50.34 -9.08
CA GLN C 362 -46.44 49.84 -8.71
C GLN C 362 -46.69 48.43 -9.22
N GLY C 363 -45.92 47.97 -10.18
CA GLY C 363 -46.06 46.66 -10.78
C GLY C 363 -47.40 46.54 -11.51
N TYR C 364 -47.75 45.35 -11.94
CA TYR C 364 -48.93 45.02 -12.64
C TYR C 364 -49.78 44.01 -11.90
N SER C 365 -51.09 44.21 -11.88
CA SER C 365 -52.00 43.28 -11.23
C SER C 365 -52.02 41.96 -11.96
N LEU C 366 -51.66 40.89 -11.24
CA LEU C 366 -51.70 39.59 -11.89
C LEU C 366 -53.16 39.29 -12.24
N PHE C 367 -54.04 39.77 -11.36
CA PHE C 367 -55.46 39.61 -11.59
C PHE C 367 -55.88 40.13 -12.95
N LEU C 368 -55.69 41.46 -13.11
CA LEU C 368 -56.15 42.11 -14.33
C LEU C 368 -55.50 41.58 -15.59
N VAL C 369 -54.17 41.53 -15.58
CA VAL C 369 -53.48 40.95 -16.70
C VAL C 369 -53.93 39.52 -16.95
N ALA C 370 -54.10 38.75 -15.89
CA ALA C 370 -54.60 37.38 -16.08
C ALA C 370 -56.00 37.44 -16.71
N ALA C 371 -56.83 38.31 -16.11
CA ALA C 371 -58.19 38.52 -16.60
C ALA C 371 -58.14 38.74 -18.11
N HIS C 372 -57.31 39.70 -18.49
CA HIS C 372 -57.13 40.01 -19.90
C HIS C 372 -56.79 38.79 -20.72
N GLN C 373 -55.68 38.12 -20.39
CA GLN C 373 -55.20 36.94 -21.08
C GLN C 373 -56.26 35.87 -21.24
N PHE C 374 -56.97 35.60 -20.14
CA PHE C 374 -58.00 34.57 -20.19
C PHE C 374 -59.05 34.97 -21.21
N GLY C 375 -59.18 36.28 -21.44
CA GLY C 375 -60.10 36.78 -22.46
C GLY C 375 -59.72 36.23 -23.83
N HIS C 376 -58.41 36.23 -24.13
CA HIS C 376 -57.94 35.69 -25.40
C HIS C 376 -58.07 34.17 -25.41
N ALA C 377 -57.76 33.60 -24.26
CA ALA C 377 -57.83 32.16 -24.08
C ALA C 377 -59.22 31.65 -24.43
N MET C 378 -60.20 32.57 -24.39
CA MET C 378 -61.57 32.23 -24.71
C MET C 378 -61.95 32.57 -26.13
N GLY C 379 -61.12 33.32 -26.85
CA GLY C 379 -61.38 33.61 -28.25
C GLY C 379 -61.48 35.09 -28.59
N LEU C 380 -61.48 35.95 -27.57
CA LEU C 380 -61.58 37.37 -27.75
C LEU C 380 -60.30 37.99 -28.32
N GLU C 381 -60.39 39.20 -28.83
CA GLU C 381 -59.24 39.96 -29.32
C GLU C 381 -59.21 41.34 -28.67
N HIS C 382 -58.21 42.14 -28.97
CA HIS C 382 -58.09 43.47 -28.38
C HIS C 382 -59.25 44.39 -28.78
N SER C 383 -59.51 45.36 -27.92
CA SER C 383 -60.57 46.33 -28.10
C SER C 383 -59.96 47.71 -28.34
N GLN C 384 -60.71 48.56 -29.04
CA GLN C 384 -60.20 49.93 -29.24
C GLN C 384 -60.80 50.82 -28.15
N ASP C 385 -61.68 50.21 -27.37
CA ASP C 385 -62.28 50.91 -26.24
C ASP C 385 -61.32 50.82 -25.07
N PRO C 386 -60.71 51.92 -24.69
CA PRO C 386 -59.80 52.00 -23.56
C PRO C 386 -60.42 51.47 -22.28
N GLY C 387 -61.75 51.43 -22.22
CA GLY C 387 -62.43 50.93 -21.04
C GLY C 387 -62.37 49.41 -21.02
N ALA C 388 -62.67 48.81 -22.16
CA ALA C 388 -62.70 47.36 -22.29
C ALA C 388 -61.49 46.73 -21.65
N LEU C 389 -61.73 45.63 -20.95
CA LEU C 389 -60.62 44.91 -20.31
C LEU C 389 -59.68 44.43 -21.40
N MET C 390 -60.22 44.26 -22.60
CA MET C 390 -59.45 43.73 -23.71
C MET C 390 -58.63 44.74 -24.48
N ALA C 391 -58.53 45.96 -23.98
CA ALA C 391 -57.65 46.97 -24.60
C ALA C 391 -56.21 46.54 -24.33
N PRO C 392 -55.32 46.64 -25.28
CA PRO C 392 -53.95 46.25 -25.12
C PRO C 392 -53.15 46.98 -24.07
N ILE C 393 -53.05 48.31 -24.10
CA ILE C 393 -52.26 49.02 -23.11
C ILE C 393 -52.76 48.71 -21.70
N TYR C 394 -51.88 48.44 -20.74
CA TYR C 394 -52.28 48.08 -19.39
C TYR C 394 -52.69 49.31 -18.59
N THR C 395 -53.68 49.15 -17.71
CA THR C 395 -54.15 50.23 -16.87
C THR C 395 -54.75 49.72 -15.57
N TYR C 396 -54.18 50.20 -14.47
CA TYR C 396 -54.66 49.81 -13.16
C TYR C 396 -56.03 50.40 -12.85
N THR C 397 -56.93 49.52 -12.51
CA THR C 397 -58.28 49.94 -12.14
C THR C 397 -58.61 49.30 -10.81
N LYS C 398 -58.52 50.06 -9.72
CA LYS C 398 -58.77 49.44 -8.42
C LYS C 398 -60.12 48.74 -8.43
N ASN C 399 -61.17 49.49 -8.76
CA ASN C 399 -62.52 48.93 -8.84
C ASN C 399 -62.79 48.38 -10.24
N PHE C 400 -62.08 47.32 -10.58
CA PHE C 400 -62.22 46.69 -11.88
C PHE C 400 -63.66 46.30 -12.17
N ARG C 401 -64.06 46.48 -13.42
CA ARG C 401 -65.39 46.11 -13.88
C ARG C 401 -65.36 45.86 -15.38
N LEU C 402 -65.84 44.68 -15.79
CA LEU C 402 -65.85 44.35 -17.22
C LEU C 402 -66.58 45.48 -17.95
N SER C 403 -66.12 45.79 -19.15
CA SER C 403 -66.80 46.81 -19.94
C SER C 403 -68.01 46.23 -20.61
N GLN C 404 -68.92 47.09 -20.95
CA GLN C 404 -70.08 46.61 -21.69
C GLN C 404 -69.66 46.00 -23.02
N ASP C 405 -68.49 46.47 -23.51
CA ASP C 405 -67.87 45.96 -24.75
C ASP C 405 -67.46 44.51 -24.56
N ASP C 406 -66.79 44.25 -23.43
CA ASP C 406 -66.31 42.92 -23.07
C ASP C 406 -67.43 41.92 -22.89
N ILE C 407 -68.39 42.27 -22.02
CA ILE C 407 -69.52 41.38 -21.83
C ILE C 407 -70.16 41.00 -23.16
N LYS C 408 -70.36 41.98 -24.04
CA LYS C 408 -70.97 41.66 -25.32
C LYS C 408 -70.07 40.70 -26.09
N GLY C 409 -68.78 41.01 -26.11
CA GLY C 409 -67.83 40.22 -26.87
C GLY C 409 -67.77 38.78 -26.42
N ILE C 410 -67.62 38.58 -25.11
CA ILE C 410 -67.48 37.24 -24.57
C ILE C 410 -68.75 36.43 -24.75
N GLN C 411 -69.91 37.05 -24.58
CA GLN C 411 -71.16 36.32 -24.68
C GLN C 411 -71.79 36.30 -26.04
N GLU C 412 -71.13 36.88 -27.03
CA GLU C 412 -71.66 36.72 -28.41
C GLU C 412 -70.99 35.45 -28.95
N LEU C 413 -70.14 34.91 -28.09
CA LEU C 413 -69.33 33.73 -28.27
C LEU C 413 -69.98 32.48 -27.66
N TYR C 414 -70.37 32.63 -26.42
CA TYR C 414 -70.79 31.66 -25.44
C TYR C 414 -72.23 31.87 -24.97
N GLY C 415 -72.69 33.11 -25.14
CA GLY C 415 -73.96 33.57 -24.61
C GLY C 415 -73.94 33.88 -23.12
N ALA C 416 -74.91 34.59 -22.54
CA ALA C 416 -74.92 35.00 -21.14
C ALA C 416 -75.15 33.96 -20.06
N SER C 417 -74.96 34.24 -18.74
CA SER C 417 -75.09 33.39 -17.57
C SER C 417 -76.46 32.69 -17.59
N PRO C 418 -76.40 31.34 -17.59
CA PRO C 418 -77.66 30.60 -17.72
C PRO C 418 -78.47 30.64 -16.43
N SER D 1 13.57 19.02 11.39
CA SER D 1 13.13 17.94 10.47
C SER D 1 14.15 17.58 9.40
N PRO D 2 15.42 17.85 9.63
CA PRO D 2 16.48 17.57 8.68
C PRO D 2 16.73 16.08 8.50
N ILE D 3 16.82 15.63 7.25
CA ILE D 3 17.13 14.24 6.94
C ILE D 3 18.64 14.05 6.94
N ILE D 4 19.13 13.47 8.03
CA ILE D 4 20.55 13.24 8.25
C ILE D 4 20.96 11.83 7.83
N LYS D 5 22.26 11.59 7.86
CA LYS D 5 22.79 10.27 7.53
C LYS D 5 23.23 9.57 8.81
N PHE D 6 22.70 8.38 9.04
CA PHE D 6 23.00 7.62 10.26
C PHE D 6 24.17 6.68 10.06
N PRO D 7 25.17 6.77 10.93
CA PRO D 7 26.36 5.95 10.82
C PRO D 7 26.08 4.47 10.67
N GLY D 8 26.46 3.88 9.53
CA GLY D 8 26.34 2.45 9.34
C GLY D 8 25.31 1.95 8.34
N ASP D 9 24.07 2.41 8.43
CA ASP D 9 22.99 1.92 7.59
C ASP D 9 23.39 1.76 6.13
N VAL D 10 22.93 0.65 5.56
CA VAL D 10 23.21 0.34 4.18
C VAL D 10 22.61 1.36 3.22
N ALA D 11 23.52 2.07 2.58
CA ALA D 11 23.18 3.11 1.61
C ALA D 11 22.47 2.50 0.41
N PRO D 12 21.34 3.10 0.04
CA PRO D 12 20.52 2.62 -1.04
C PRO D 12 21.24 2.69 -2.38
N LYS D 13 20.92 1.69 -3.20
CA LYS D 13 21.51 1.69 -4.55
C LYS D 13 20.90 2.87 -5.32
N THR D 14 21.53 3.23 -6.42
CA THR D 14 21.01 4.34 -7.22
C THR D 14 19.84 3.86 -8.08
N ASP D 15 18.99 4.77 -8.51
CA ASP D 15 17.84 4.43 -9.33
C ASP D 15 18.17 3.56 -10.52
N LYS D 16 19.18 3.91 -11.30
CA LYS D 16 19.54 3.08 -12.46
C LYS D 16 20.19 1.79 -11.99
N GLU D 17 20.97 1.87 -10.92
CA GLU D 17 21.62 0.69 -10.34
C GLU D 17 20.54 -0.37 -10.13
N LEU D 18 19.60 -0.02 -9.25
CA LEU D 18 18.46 -0.84 -8.90
C LEU D 18 17.77 -1.44 -10.12
N ALA D 19 17.49 -0.62 -11.12
CA ALA D 19 16.88 -1.03 -12.37
C ALA D 19 17.62 -2.17 -13.06
N VAL D 20 18.93 -2.05 -13.28
CA VAL D 20 19.71 -3.08 -13.94
C VAL D 20 19.79 -4.35 -13.10
N GLN D 21 19.83 -4.18 -11.78
CA GLN D 21 19.86 -5.31 -10.86
C GLN D 21 18.56 -6.11 -11.06
N TYR D 22 17.46 -5.39 -10.89
CA TYR D 22 16.13 -5.96 -10.99
C TYR D 22 15.96 -6.71 -12.30
N LEU D 23 16.15 -6.00 -13.40
CA LEU D 23 15.96 -6.55 -14.73
C LEU D 23 16.86 -7.74 -14.99
N ASN D 24 18.05 -7.71 -14.42
CA ASN D 24 19.04 -8.76 -14.62
C ASN D 24 18.68 -10.02 -13.83
N THR D 25 18.19 -9.83 -12.60
CA THR D 25 17.84 -10.94 -11.77
C THR D 25 16.52 -11.59 -12.17
N PHE D 26 15.52 -10.78 -12.50
CA PHE D 26 14.19 -11.27 -12.80
C PHE D 26 13.80 -11.28 -14.26
N TYR D 27 14.50 -10.57 -15.15
CA TYR D 27 14.14 -10.53 -16.55
C TYR D 27 15.15 -11.10 -17.52
N GLY D 28 16.35 -11.41 -17.05
CA GLY D 28 17.37 -11.96 -17.93
C GLY D 28 18.11 -10.91 -18.73
N CYS D 29 18.21 -9.66 -18.24
CA CYS D 29 18.97 -8.63 -18.96
C CYS D 29 20.46 -8.92 -18.82
N PRO D 30 21.21 -8.85 -19.90
CA PRO D 30 22.64 -9.13 -19.85
C PRO D 30 23.32 -8.29 -18.78
N LYS D 31 23.67 -8.91 -17.66
CA LYS D 31 24.37 -8.21 -16.59
C LYS D 31 25.53 -7.38 -17.14
N GLU D 32 26.21 -7.90 -18.15
CA GLU D 32 27.33 -7.25 -18.79
C GLU D 32 26.94 -6.24 -19.86
N SER D 33 25.74 -6.35 -20.41
CA SER D 33 25.31 -5.45 -21.49
C SER D 33 23.89 -4.96 -21.32
N CYS D 34 23.52 -4.56 -20.11
CA CYS D 34 22.15 -4.07 -19.89
C CYS D 34 22.12 -2.55 -19.83
N ASN D 35 23.06 -1.91 -20.51
CA ASN D 35 23.17 -0.46 -20.49
C ASN D 35 21.94 0.21 -21.06
N LEU D 36 21.88 0.51 -22.34
CA LEU D 36 20.67 1.22 -22.81
C LEU D 36 20.27 0.60 -24.13
N PHE D 37 19.01 0.56 -24.46
CA PHE D 37 18.44 0.06 -25.68
C PHE D 37 18.35 -1.44 -25.66
N VAL D 38 18.86 -1.95 -24.59
CA VAL D 38 18.74 -3.33 -24.26
C VAL D 38 18.01 -3.38 -22.97
N LEU D 39 17.76 -2.21 -22.42
CA LEU D 39 17.15 -2.16 -21.13
C LEU D 39 15.73 -1.70 -21.34
N LYS D 40 15.55 -1.01 -22.46
CA LYS D 40 14.24 -0.51 -22.86
C LYS D 40 13.30 -1.68 -23.08
N ASP D 41 13.69 -2.60 -23.95
CA ASP D 41 12.87 -3.78 -24.24
C ASP D 41 12.56 -4.52 -22.95
N THR D 42 13.61 -4.90 -22.24
CA THR D 42 13.45 -5.61 -20.98
C THR D 42 12.65 -4.78 -19.98
N LEU D 43 13.09 -3.54 -19.79
CA LEU D 43 12.42 -2.64 -18.85
C LEU D 43 10.92 -2.64 -19.05
N LYS D 44 10.47 -2.62 -20.31
CA LYS D 44 9.04 -2.64 -20.59
C LYS D 44 8.48 -4.04 -20.40
N LYS D 45 9.27 -5.05 -20.78
CA LYS D 45 8.86 -6.43 -20.57
C LYS D 45 8.37 -6.60 -19.11
N MET D 46 9.04 -5.89 -18.22
CA MET D 46 8.79 -5.90 -16.81
C MET D 46 7.58 -5.09 -16.39
N GLN D 47 7.52 -3.85 -16.92
CA GLN D 47 6.38 -3.00 -16.54
C GLN D 47 5.11 -3.58 -17.16
N LYS D 48 5.27 -4.23 -18.31
CA LYS D 48 4.15 -4.87 -18.97
C LYS D 48 3.56 -5.91 -18.01
N PHE D 49 4.40 -6.86 -17.63
CA PHE D 49 4.05 -7.91 -16.69
C PHE D 49 3.36 -7.36 -15.46
N PHE D 50 3.90 -6.32 -14.83
CA PHE D 50 3.29 -5.75 -13.63
C PHE D 50 2.16 -4.79 -13.97
N GLY D 51 1.68 -4.84 -15.20
CA GLY D 51 0.59 -3.97 -15.62
C GLY D 51 0.90 -2.49 -15.41
N LEU D 52 2.07 -2.10 -15.90
CA LEU D 52 2.51 -0.70 -15.80
C LEU D 52 2.67 -0.15 -17.22
N PRO D 53 2.48 1.14 -17.39
CA PRO D 53 2.66 1.73 -18.71
C PRO D 53 4.05 1.38 -19.23
N GLN D 54 4.11 0.57 -20.27
CA GLN D 54 5.37 0.17 -20.88
C GLN D 54 6.07 1.35 -21.53
N THR D 55 6.44 2.33 -20.72
CA THR D 55 7.13 3.53 -21.18
C THR D 55 8.49 3.17 -21.77
N GLY D 56 9.17 2.22 -21.13
CA GLY D 56 10.50 1.80 -21.57
C GLY D 56 11.53 2.74 -20.93
N ASP D 57 11.06 3.44 -19.90
CA ASP D 57 11.84 4.45 -19.21
C ASP D 57 11.66 4.23 -17.70
N LEU D 58 12.62 4.61 -16.87
CA LEU D 58 12.57 4.40 -15.44
C LEU D 58 11.63 5.36 -14.73
N ASP D 59 10.36 5.39 -15.16
CA ASP D 59 9.38 6.27 -14.57
C ASP D 59 9.15 5.99 -13.10
N GLN D 60 8.71 7.02 -12.36
CA GLN D 60 8.47 6.98 -10.95
C GLN D 60 7.74 5.71 -10.51
N ASN D 61 6.87 5.21 -11.37
CA ASN D 61 6.09 4.02 -11.10
C ASN D 61 6.92 2.75 -11.14
N THR D 62 7.66 2.57 -12.22
CA THR D 62 8.51 1.37 -12.35
C THR D 62 9.39 1.28 -11.11
N ILE D 63 10.08 2.36 -10.82
CA ILE D 63 10.94 2.42 -9.65
C ILE D 63 10.20 2.04 -8.38
N GLU D 64 9.06 2.65 -8.10
CA GLU D 64 8.28 2.34 -6.91
C GLU D 64 8.04 0.84 -6.79
N THR D 65 7.76 0.21 -7.93
CA THR D 65 7.55 -1.23 -7.97
C THR D 65 8.82 -2.00 -7.69
N MET D 66 9.91 -1.60 -8.37
CA MET D 66 11.18 -2.27 -8.22
C MET D 66 11.69 -2.34 -6.79
N ARG D 67 11.30 -1.40 -5.95
CA ARG D 67 11.77 -1.33 -4.57
C ARG D 67 10.95 -2.20 -3.64
N LYS D 68 9.88 -2.83 -4.11
CA LYS D 68 9.00 -3.60 -3.24
C LYS D 68 9.55 -4.97 -2.91
N PRO D 69 9.56 -5.33 -1.63
CA PRO D 69 9.98 -6.67 -1.23
C PRO D 69 9.29 -7.70 -2.08
N ARG D 70 10.05 -8.46 -2.84
CA ARG D 70 9.42 -9.50 -3.68
C ARG D 70 10.08 -10.85 -3.45
N CYS D 71 10.15 -11.61 -4.52
CA CYS D 71 10.76 -12.93 -4.49
C CYS D 71 11.98 -12.97 -5.41
N GLY D 72 12.91 -13.88 -5.12
CA GLY D 72 14.12 -14.02 -5.90
C GLY D 72 13.95 -14.76 -7.21
N ASN D 73 12.83 -15.44 -7.40
CA ASN D 73 12.58 -16.18 -8.65
C ASN D 73 12.30 -15.22 -9.80
N PRO D 74 12.77 -15.53 -11.00
CA PRO D 74 12.62 -14.62 -12.14
C PRO D 74 11.18 -14.53 -12.59
N ASP D 75 10.90 -13.62 -13.52
CA ASP D 75 9.52 -13.46 -13.98
C ASP D 75 9.40 -13.92 -15.43
N VAL D 76 10.56 -14.11 -16.06
CA VAL D 76 10.59 -14.62 -17.43
C VAL D 76 10.87 -16.12 -17.40
N ALA D 77 10.53 -16.78 -18.50
CA ALA D 77 10.84 -18.21 -18.63
C ALA D 77 12.30 -18.29 -19.12
N ASN D 78 13.16 -18.91 -18.32
CA ASN D 78 14.56 -19.07 -18.63
C ASN D 78 14.79 -20.12 -19.72
N TYR D 79 14.17 -19.84 -20.85
CA TYR D 79 14.18 -20.61 -22.08
C TYR D 79 13.34 -21.88 -22.03
N ASN D 80 12.14 -21.78 -22.59
CA ASN D 80 11.22 -22.90 -22.75
C ASN D 80 11.81 -24.09 -23.48
N PHE D 81 12.58 -24.91 -22.78
CA PHE D 81 13.17 -26.09 -23.40
C PHE D 81 12.10 -27.15 -23.65
N PHE D 82 12.44 -28.44 -23.71
CA PHE D 82 11.29 -29.36 -24.03
C PHE D 82 9.94 -28.69 -23.79
N PRO D 83 8.97 -29.03 -24.63
CA PRO D 83 7.64 -28.39 -24.63
C PRO D 83 6.86 -28.55 -23.35
N ARG D 84 7.51 -28.34 -22.20
CA ARG D 84 6.87 -28.58 -20.94
C ARG D 84 6.84 -27.37 -20.00
N LYS D 85 6.47 -27.78 -18.81
CA LYS D 85 6.40 -27.03 -17.59
C LYS D 85 6.60 -28.10 -16.53
N PRO D 86 7.73 -28.11 -15.83
CA PRO D 86 8.06 -29.22 -14.94
C PRO D 86 7.02 -29.50 -13.88
N LYS D 87 7.08 -30.72 -13.37
CA LYS D 87 6.17 -31.17 -12.34
C LYS D 87 6.71 -32.43 -11.65
N TRP D 88 6.17 -32.76 -10.49
CA TRP D 88 6.58 -34.02 -9.85
C TRP D 88 5.80 -35.17 -10.52
N ASP D 89 6.46 -36.31 -10.73
CA ASP D 89 5.77 -37.44 -11.34
C ASP D 89 5.19 -38.35 -10.25
N LYS D 90 5.45 -37.95 -9.01
CA LYS D 90 4.91 -38.60 -7.83
C LYS D 90 3.61 -37.89 -7.43
N ASN D 91 2.97 -38.39 -6.38
CA ASN D 91 1.80 -37.69 -5.87
C ASN D 91 2.11 -37.29 -4.43
N GLN D 92 2.99 -38.10 -3.86
CA GLN D 92 3.46 -37.96 -2.49
C GLN D 92 4.86 -37.42 -2.47
N ILE D 93 5.02 -36.26 -1.86
CA ILE D 93 6.32 -35.61 -1.80
C ILE D 93 6.87 -35.58 -0.38
N THR D 94 8.18 -35.44 -0.29
CA THR D 94 8.85 -35.43 1.01
C THR D 94 9.63 -34.15 1.24
N TYR D 95 9.53 -33.60 2.46
CA TYR D 95 10.25 -32.38 2.79
C TYR D 95 11.09 -32.55 4.04
N ARG D 96 12.23 -31.86 4.08
CA ARG D 96 13.13 -31.91 5.25
C ARG D 96 13.62 -30.51 5.62
N ILE D 97 13.22 -30.06 6.79
CA ILE D 97 13.61 -28.75 7.30
C ILE D 97 15.06 -28.81 7.74
N ILE D 98 15.93 -28.25 6.91
CA ILE D 98 17.38 -28.54 7.05
C ILE D 98 17.92 -27.44 7.95
N GLY D 99 17.18 -26.36 8.11
CA GLY D 99 17.60 -25.27 8.95
C GLY D 99 16.45 -24.47 9.50
N TYR D 100 16.79 -23.44 10.28
CA TYR D 100 15.74 -22.62 10.88
C TYR D 100 16.16 -21.15 10.95
N THR D 101 15.25 -20.34 11.45
CA THR D 101 15.54 -18.94 11.75
C THR D 101 15.43 -18.67 13.25
N PRO D 102 16.35 -17.90 13.84
CA PRO D 102 16.33 -17.66 15.29
C PRO D 102 15.14 -16.82 15.70
N ASP D 103 14.43 -16.30 14.70
CA ASP D 103 13.30 -15.40 14.90
C ASP D 103 12.04 -16.13 15.37
N LEU D 104 11.89 -17.39 15.00
CA LEU D 104 10.75 -18.21 15.37
C LEU D 104 11.23 -19.47 16.10
N ASP D 105 10.39 -20.05 16.94
CA ASP D 105 10.75 -21.30 17.62
C ASP D 105 10.49 -22.47 16.67
N PRO D 106 11.22 -23.57 16.81
CA PRO D 106 11.15 -24.70 15.90
C PRO D 106 9.74 -25.09 15.50
N GLU D 107 8.92 -25.35 16.51
CA GLU D 107 7.54 -25.76 16.28
C GLU D 107 6.79 -24.83 15.33
N THR D 108 6.79 -23.55 15.67
CA THR D 108 6.17 -22.56 14.81
C THR D 108 6.72 -22.63 13.39
N VAL D 109 8.05 -22.63 13.28
CA VAL D 109 8.65 -22.72 11.95
C VAL D 109 8.13 -23.97 11.25
N ASP D 110 8.02 -25.05 12.02
CA ASP D 110 7.55 -26.32 11.48
C ASP D 110 6.09 -26.23 11.04
N ASP D 111 5.24 -25.68 11.91
CA ASP D 111 3.81 -25.55 11.59
C ASP D 111 3.58 -24.64 10.40
N ALA D 112 4.29 -23.51 10.40
CA ALA D 112 4.20 -22.57 9.28
C ALA D 112 4.44 -23.35 8.00
N PHE D 113 5.55 -24.08 7.95
CA PHE D 113 5.89 -24.91 6.80
C PHE D 113 4.82 -25.98 6.59
N ALA D 114 4.24 -26.41 7.71
CA ALA D 114 3.19 -27.43 7.66
C ALA D 114 1.95 -26.86 6.98
N ARG D 115 1.36 -25.84 7.61
CA ARG D 115 0.19 -25.16 7.06
C ARG D 115 0.48 -24.68 5.66
N ALA D 116 1.73 -24.27 5.44
CA ALA D 116 2.14 -23.82 4.12
C ALA D 116 1.89 -24.89 3.08
N PHE D 117 2.26 -26.13 3.37
CA PHE D 117 2.09 -27.22 2.43
C PHE D 117 0.62 -27.57 2.24
N GLN D 118 -0.20 -27.39 3.26
CA GLN D 118 -1.63 -27.67 3.14
C GLN D 118 -2.30 -27.00 1.96
N VAL D 119 -2.15 -25.70 1.91
CA VAL D 119 -2.78 -24.90 0.89
C VAL D 119 -2.51 -25.36 -0.54
N TRP D 120 -1.64 -26.34 -0.74
CA TRP D 120 -1.33 -26.76 -2.10
C TRP D 120 -2.13 -27.96 -2.52
N SER D 121 -2.29 -28.89 -1.61
CA SER D 121 -3.04 -30.08 -1.89
C SER D 121 -4.48 -29.96 -1.44
N ASP D 122 -4.74 -29.03 -0.55
CA ASP D 122 -6.10 -28.85 -0.10
C ASP D 122 -7.05 -28.92 -1.29
N VAL D 123 -6.49 -28.61 -2.45
CA VAL D 123 -7.21 -28.62 -3.73
C VAL D 123 -6.66 -29.78 -4.59
N THR D 124 -5.44 -30.29 -4.21
CA THR D 124 -4.69 -31.29 -5.02
C THR D 124 -4.58 -32.70 -4.44
N PRO D 125 -4.30 -33.68 -5.31
CA PRO D 125 -4.15 -35.08 -4.90
C PRO D 125 -2.97 -35.25 -3.97
N LEU D 126 -1.84 -34.71 -4.42
CA LEU D 126 -0.57 -34.85 -3.73
C LEU D 126 -0.60 -34.54 -2.24
N ARG D 127 0.12 -35.37 -1.49
CA ARG D 127 0.35 -35.17 -0.06
C ARG D 127 1.84 -34.99 0.27
N PHE D 128 2.16 -34.28 1.33
CA PHE D 128 3.53 -34.00 1.73
C PHE D 128 3.93 -34.73 3.01
N SER D 129 5.19 -35.18 3.11
CA SER D 129 5.64 -35.93 4.29
C SER D 129 7.01 -35.52 4.80
N ARG D 130 7.09 -35.06 6.06
CA ARG D 130 8.31 -34.60 6.66
C ARG D 130 9.22 -35.74 7.07
N ILE D 131 10.42 -35.75 6.52
CA ILE D 131 11.44 -36.75 6.86
C ILE D 131 12.57 -36.05 7.60
N HIS D 132 13.18 -36.71 8.57
CA HIS D 132 14.25 -36.11 9.36
C HIS D 132 15.63 -36.64 9.01
N ASP D 133 15.68 -37.60 8.12
CA ASP D 133 16.96 -38.20 7.71
C ASP D 133 17.01 -38.37 6.21
N GLY D 134 18.22 -38.48 5.66
CA GLY D 134 18.38 -38.67 4.22
C GLY D 134 17.98 -37.41 3.47
N GLU D 135 17.77 -37.55 2.17
CA GLU D 135 17.42 -36.44 1.29
C GLU D 135 15.93 -36.40 1.00
N ALA D 136 15.36 -35.20 0.99
CA ALA D 136 13.94 -35.02 0.70
C ALA D 136 13.74 -34.50 -0.73
N ASP D 137 12.50 -34.54 -1.21
CA ASP D 137 12.19 -34.01 -2.54
C ASP D 137 12.32 -32.49 -2.45
N ILE D 138 11.82 -31.95 -1.34
CA ILE D 138 11.87 -30.53 -1.08
C ILE D 138 12.72 -30.25 0.17
N MET D 139 13.96 -29.81 -0.05
CA MET D 139 14.83 -29.48 1.09
C MET D 139 14.58 -28.03 1.51
N ILE D 140 14.22 -27.82 2.76
CA ILE D 140 13.93 -26.48 3.26
C ILE D 140 15.10 -25.93 4.07
N ASN D 141 15.52 -24.69 3.77
CA ASN D 141 16.62 -24.05 4.47
C ASN D 141 16.61 -22.53 4.45
N PHE D 142 17.38 -21.93 5.33
CA PHE D 142 17.50 -20.48 5.45
C PHE D 142 18.96 -20.10 5.14
N GLY D 143 19.19 -19.00 4.42
CA GLY D 143 20.57 -18.67 4.10
C GLY D 143 20.66 -17.19 3.74
N ARG D 144 21.85 -16.63 3.85
CA ARG D 144 22.09 -15.21 3.57
C ARG D 144 23.15 -15.02 2.42
N TRP D 145 22.83 -14.08 1.51
CA TRP D 145 23.62 -13.68 0.30
C TRP D 145 24.03 -14.94 -0.44
N GLU D 146 25.30 -15.23 -0.59
CA GLU D 146 25.61 -16.50 -1.23
C GLU D 146 25.37 -17.65 -0.23
N HIS D 147 24.49 -18.63 -0.58
CA HIS D 147 24.29 -19.80 0.31
C HIS D 147 25.04 -21.00 -0.21
N GLY D 148 25.67 -20.95 -1.36
CA GLY D 148 26.32 -22.13 -1.98
C GLY D 148 25.16 -22.74 -2.81
N ASP D 149 24.79 -22.06 -3.89
CA ASP D 149 23.71 -22.47 -4.76
C ASP D 149 23.81 -21.79 -6.10
N GLY D 150 24.61 -20.71 -6.11
CA GLY D 150 24.86 -19.91 -7.29
C GLY D 150 23.93 -18.70 -7.33
N TYR D 151 22.97 -18.69 -6.43
CA TYR D 151 21.99 -17.60 -6.42
C TYR D 151 21.91 -16.92 -5.06
N PRO D 152 22.57 -15.78 -4.98
CA PRO D 152 22.63 -15.08 -3.74
C PRO D 152 21.33 -14.46 -3.27
N PHE D 153 21.28 -14.10 -1.98
CA PHE D 153 20.19 -13.30 -1.43
C PHE D 153 20.79 -11.92 -1.19
N ASP D 154 20.02 -10.95 -0.78
CA ASP D 154 20.46 -9.58 -0.69
C ASP D 154 20.47 -8.98 0.71
N GLY D 155 20.15 -9.74 1.74
CA GLY D 155 20.13 -9.13 3.05
C GLY D 155 18.74 -8.53 3.34
N LYS D 156 18.63 -7.74 4.40
CA LYS D 156 17.32 -7.22 4.80
C LYS D 156 16.59 -6.51 3.67
N ASP D 157 15.39 -7.03 3.42
CA ASP D 157 14.42 -6.71 2.44
C ASP D 157 14.92 -7.09 1.04
N GLY D 158 14.23 -6.66 -0.01
CA GLY D 158 14.59 -7.09 -1.35
C GLY D 158 14.15 -8.55 -1.55
N LEU D 159 14.97 -9.36 -2.24
CA LEU D 159 14.64 -10.79 -2.44
C LEU D 159 14.36 -11.47 -1.11
N LEU D 160 13.23 -12.13 -0.95
CA LEU D 160 12.83 -12.71 0.31
C LEU D 160 13.12 -14.21 0.40
N ALA D 161 13.15 -14.85 -0.75
CA ALA D 161 13.39 -16.28 -0.82
C ALA D 161 13.65 -16.72 -2.26
N HIS D 162 13.49 -18.02 -2.48
CA HIS D 162 13.26 -18.68 -3.77
C HIS D 162 12.83 -20.14 -3.59
N ALA D 163 12.56 -20.80 -4.71
CA ALA D 163 12.51 -22.29 -4.73
C ALA D 163 12.82 -22.83 -6.13
N PHE D 164 13.22 -24.08 -6.23
CA PHE D 164 13.55 -24.65 -7.54
C PHE D 164 12.40 -25.49 -8.08
N ALA D 165 12.31 -25.61 -9.40
CA ALA D 165 11.24 -26.39 -10.01
C ALA D 165 11.44 -27.86 -9.69
N PRO D 166 10.36 -28.65 -9.65
CA PRO D 166 10.45 -30.05 -9.29
C PRO D 166 11.47 -30.69 -10.21
N GLY D 167 12.33 -31.54 -9.64
CA GLY D 167 13.36 -32.19 -10.46
C GLY D 167 14.46 -32.78 -9.58
N THR D 168 15.43 -33.38 -10.25
CA THR D 168 16.56 -33.98 -9.53
C THR D 168 17.44 -32.91 -8.91
N GLY D 169 18.37 -33.31 -8.06
CA GLY D 169 19.28 -32.39 -7.39
C GLY D 169 18.54 -31.44 -6.48
N VAL D 170 18.72 -30.13 -6.68
CA VAL D 170 18.04 -29.13 -5.87
C VAL D 170 16.58 -28.92 -6.24
N GLY D 171 16.10 -29.54 -7.30
CA GLY D 171 14.71 -29.43 -7.73
C GLY D 171 13.74 -29.52 -6.57
N GLY D 172 12.97 -28.46 -6.34
CA GLY D 172 12.00 -28.47 -5.26
C GLY D 172 12.54 -27.79 -4.01
N ASP D 173 13.85 -27.62 -3.96
CA ASP D 173 14.44 -26.98 -2.78
C ASP D 173 13.93 -25.55 -2.65
N SER D 174 13.52 -25.21 -1.44
CA SER D 174 13.03 -23.87 -1.11
C SER D 174 13.94 -23.21 -0.08
N HIS D 175 14.48 -22.06 -0.43
CA HIS D 175 15.44 -21.37 0.45
C HIS D 175 14.89 -19.99 0.85
N PHE D 176 15.01 -19.69 2.14
CA PHE D 176 14.52 -18.42 2.67
C PHE D 176 15.65 -17.55 3.21
N ASP D 177 15.68 -16.29 2.82
CA ASP D 177 16.71 -15.34 3.19
C ASP D 177 16.65 -15.02 4.67
N ASP D 178 17.71 -15.37 5.37
CA ASP D 178 17.92 -15.35 6.79
C ASP D 178 18.25 -13.96 7.33
N ASP D 179 18.22 -12.98 6.44
CA ASP D 179 18.57 -11.63 6.83
C ASP D 179 17.29 -10.86 7.13
N GLU D 180 16.17 -11.57 7.02
CA GLU D 180 14.87 -10.99 7.30
C GLU D 180 14.43 -11.13 8.74
N LEU D 181 13.33 -10.43 9.03
CA LEU D 181 12.71 -10.56 10.36
C LEU D 181 11.55 -11.56 10.20
N TRP D 182 11.80 -12.82 10.55
CA TRP D 182 10.64 -13.75 10.22
C TRP D 182 9.52 -13.79 11.24
N THR D 183 8.33 -13.39 10.81
CA THR D 183 7.17 -13.35 11.69
C THR D 183 5.99 -14.01 10.97
N LEU D 184 4.81 -13.94 11.56
CA LEU D 184 3.64 -14.53 10.94
C LEU D 184 2.80 -13.49 10.17
N GLY D 185 3.39 -12.35 9.86
CA GLY D 185 2.70 -11.27 9.14
C GLY D 185 2.71 -10.00 9.97
N GLU D 186 2.25 -10.12 11.20
CA GLU D 186 2.24 -8.94 12.09
C GLU D 186 3.62 -8.91 12.77
N GLY D 187 3.91 -7.92 13.58
CA GLY D 187 5.13 -7.84 14.35
C GLY D 187 5.96 -9.05 14.74
N GLN D 188 7.04 -8.79 15.49
CA GLN D 188 7.96 -9.81 15.95
C GLN D 188 7.24 -10.91 16.74
N VAL D 189 7.63 -12.15 16.55
CA VAL D 189 7.01 -13.28 17.25
C VAL D 189 7.91 -13.87 18.33
N VAL D 190 7.48 -13.84 19.59
CA VAL D 190 8.28 -14.33 20.69
C VAL D 190 7.50 -15.32 21.57
N ARG D 191 7.80 -16.60 21.40
CA ARG D 191 7.14 -17.64 22.19
C ARG D 191 7.78 -17.66 23.57
N VAL D 192 7.04 -17.24 24.59
CA VAL D 192 7.57 -17.09 25.94
C VAL D 192 7.98 -18.42 26.53
N LYS D 193 8.81 -18.35 27.56
CA LYS D 193 9.29 -19.53 28.26
C LYS D 193 9.11 -19.29 29.76
N TYR D 194 8.38 -20.18 30.39
CA TYR D 194 8.11 -20.14 31.83
C TYR D 194 7.27 -18.93 32.19
N GLY D 195 7.17 -18.57 33.47
CA GLY D 195 6.37 -17.41 33.87
C GLY D 195 4.89 -17.79 33.93
N ASN D 196 3.99 -16.81 33.79
CA ASN D 196 2.56 -17.03 33.84
C ASN D 196 2.03 -17.87 32.69
N ALA D 197 2.50 -17.64 31.46
CA ALA D 197 2.01 -18.36 30.31
C ALA D 197 3.11 -18.91 29.42
N ASP D 198 3.89 -19.86 29.93
CA ASP D 198 4.92 -20.48 29.08
C ASP D 198 4.26 -21.04 27.82
N GLY D 199 4.93 -20.93 26.66
CA GLY D 199 4.38 -21.46 25.43
C GLY D 199 3.60 -20.43 24.65
N GLU D 200 3.14 -19.41 25.38
CA GLU D 200 2.35 -18.35 24.76
C GLU D 200 3.24 -17.30 24.12
N TYR D 201 2.87 -16.89 22.91
CA TYR D 201 3.64 -15.86 22.20
C TYR D 201 3.53 -14.52 22.95
N CYS D 202 4.44 -13.61 22.60
CA CYS D 202 4.38 -12.30 23.22
C CYS D 202 3.28 -11.50 22.50
N LYS D 203 2.75 -10.53 23.21
CA LYS D 203 1.76 -9.64 22.59
C LYS D 203 2.43 -8.27 22.42
N PHE D 204 2.57 -7.88 21.15
CA PHE D 204 3.21 -6.61 20.85
C PHE D 204 2.30 -5.72 20.03
N PRO D 205 2.06 -4.52 20.53
CA PRO D 205 2.57 -4.05 21.79
C PRO D 205 1.66 -4.45 22.95
N PHE D 206 2.23 -4.33 24.14
CA PHE D 206 1.50 -4.63 25.38
C PHE D 206 1.70 -3.48 26.34
N LEU D 207 0.79 -3.25 27.27
CA LEU D 207 0.93 -2.16 28.22
C LEU D 207 1.31 -2.63 29.62
N PHE D 208 2.30 -1.96 30.17
CA PHE D 208 2.79 -2.21 31.53
C PHE D 208 3.02 -0.86 32.21
N ASN D 209 2.29 -0.61 33.28
CA ASN D 209 2.41 0.63 34.03
C ASN D 209 2.26 1.88 33.20
N GLY D 210 1.24 1.98 32.35
CA GLY D 210 1.08 3.23 31.58
C GLY D 210 2.20 3.53 30.60
N LYS D 211 2.43 2.62 29.69
CA LYS D 211 3.44 2.73 28.65
C LYS D 211 3.17 1.62 27.64
N GLU D 212 3.60 1.79 26.40
CA GLU D 212 3.46 0.56 25.54
C GLU D 212 4.83 -0.04 25.26
N TYR D 213 4.89 -1.35 25.24
CA TYR D 213 6.15 -2.05 24.98
C TYR D 213 5.98 -2.88 23.72
N ASN D 214 6.76 -2.58 22.70
CA ASN D 214 6.63 -3.22 21.41
C ASN D 214 7.58 -4.38 21.19
N SER D 215 8.34 -4.75 22.20
CA SER D 215 9.27 -5.87 22.16
C SER D 215 9.73 -6.16 23.59
N CYS D 216 10.17 -7.38 23.82
CA CYS D 216 10.59 -7.85 25.13
C CYS D 216 11.42 -6.81 25.86
N THR D 217 11.15 -6.67 27.16
CA THR D 217 11.89 -5.75 28.00
C THR D 217 12.29 -6.31 29.35
N ASP D 218 13.43 -5.87 29.85
CA ASP D 218 13.91 -6.32 31.16
C ASP D 218 13.38 -5.38 32.24
N THR D 219 12.61 -4.39 31.79
CA THR D 219 12.09 -3.36 32.68
C THR D 219 11.29 -3.93 33.83
N GLY D 220 11.58 -3.45 35.03
CA GLY D 220 10.88 -3.93 36.22
C GLY D 220 11.61 -5.10 36.86
N ARG D 221 12.65 -5.56 36.17
CA ARG D 221 13.49 -6.65 36.65
C ARG D 221 14.79 -6.10 37.20
N SER D 222 15.37 -6.83 38.14
CA SER D 222 16.64 -6.39 38.71
C SER D 222 17.76 -7.27 38.16
N ASP D 223 17.35 -8.41 37.60
CA ASP D 223 18.30 -9.38 37.07
C ASP D 223 18.63 -9.17 35.61
N GLY D 224 17.82 -8.42 34.88
CA GLY D 224 18.06 -8.13 33.49
C GLY D 224 17.50 -9.15 32.52
N PHE D 225 16.54 -9.97 32.96
CA PHE D 225 15.93 -10.94 32.07
C PHE D 225 14.83 -10.34 31.22
N LEU D 226 14.68 -10.85 29.99
CA LEU D 226 13.66 -10.28 29.12
C LEU D 226 12.33 -11.01 29.28
N TRP D 227 11.26 -10.24 29.47
CA TRP D 227 9.91 -10.73 29.60
C TRP D 227 8.93 -9.86 28.79
N CYS D 228 7.76 -10.40 28.54
CA CYS D 228 6.74 -9.69 27.79
C CYS D 228 5.34 -10.12 28.22
N SER D 229 4.35 -9.26 28.14
CA SER D 229 3.01 -9.64 28.51
C SER D 229 2.44 -10.61 27.48
N THR D 230 1.43 -11.38 27.84
CA THR D 230 0.84 -12.30 26.86
C THR D 230 -0.40 -11.64 26.26
N THR D 231 -0.79 -10.54 26.88
CA THR D 231 -1.97 -9.78 26.43
C THR D 231 -1.69 -8.29 26.60
N TYR D 232 -2.40 -7.47 25.86
CA TYR D 232 -2.17 -6.03 25.89
C TYR D 232 -2.15 -5.49 27.30
N ASN D 233 -3.13 -5.89 28.09
CA ASN D 233 -3.27 -5.37 29.44
C ASN D 233 -2.63 -6.28 30.47
N PHE D 234 -1.50 -5.83 31.02
CA PHE D 234 -0.82 -6.64 32.01
C PHE D 234 -1.52 -6.50 33.36
N GLU D 235 -2.05 -5.30 33.64
CA GLU D 235 -2.75 -5.09 34.91
C GLU D 235 -4.07 -5.86 34.91
N LYS D 236 -4.77 -5.83 33.79
CA LYS D 236 -6.08 -6.47 33.68
C LYS D 236 -5.98 -7.98 33.57
N ASP D 237 -5.06 -8.46 32.75
CA ASP D 237 -4.86 -9.91 32.63
C ASP D 237 -3.70 -10.30 33.55
N GLY D 238 -3.42 -11.60 33.64
CA GLY D 238 -2.28 -12.04 34.44
C GLY D 238 -1.12 -12.59 33.63
N LYS D 239 -1.41 -13.35 32.58
CA LYS D 239 -0.40 -14.02 31.81
C LYS D 239 0.67 -13.13 31.21
N TYR D 240 1.92 -13.51 31.45
CA TYR D 240 3.13 -12.91 30.94
C TYR D 240 4.17 -14.04 30.81
N GLY D 241 5.45 -13.71 30.63
CA GLY D 241 6.49 -14.72 30.49
C GLY D 241 7.85 -14.16 30.17
N PHE D 242 8.86 -15.05 30.12
CA PHE D 242 10.23 -14.69 29.84
C PHE D 242 10.63 -15.03 28.40
N CYS D 243 11.40 -14.13 27.81
CA CYS D 243 11.78 -14.19 26.42
C CYS D 243 13.11 -14.90 26.22
N PRO D 244 13.17 -15.76 25.22
CA PRO D 244 14.34 -16.52 24.86
C PRO D 244 15.53 -15.67 24.46
N HIS D 245 16.73 -16.07 24.92
CA HIS D 245 17.96 -15.40 24.56
C HIS D 245 19.19 -16.11 25.06
N GLU D 246 20.03 -16.61 24.16
CA GLU D 246 21.23 -17.35 24.57
C GLU D 246 22.05 -16.56 25.57
N ALA D 247 21.98 -15.24 25.49
CA ALA D 247 22.73 -14.39 26.40
C ALA D 247 22.27 -14.60 27.82
N LEU D 248 20.99 -14.93 27.99
CA LEU D 248 20.37 -15.04 29.29
C LEU D 248 20.26 -16.44 29.84
N PHE D 249 19.78 -17.35 29.02
CA PHE D 249 19.55 -18.73 29.44
C PHE D 249 19.54 -19.65 28.22
N THR D 250 19.88 -20.91 28.41
CA THR D 250 19.78 -21.81 27.26
C THR D 250 18.61 -22.77 27.48
N MET D 251 18.36 -23.63 26.51
CA MET D 251 17.30 -24.63 26.69
C MET D 251 17.94 -26.02 26.66
N GLY D 252 17.22 -27.02 27.15
CA GLY D 252 17.62 -28.41 27.13
C GLY D 252 19.07 -28.61 27.53
N GLY D 253 19.69 -29.68 27.06
CA GLY D 253 21.08 -29.97 27.34
C GLY D 253 21.33 -30.13 28.83
N ASN D 254 22.55 -30.46 29.20
CA ASN D 254 22.94 -30.66 30.58
C ASN D 254 23.39 -29.42 31.31
N ALA D 255 23.23 -28.25 30.71
CA ALA D 255 23.68 -27.00 31.31
C ALA D 255 22.73 -26.45 32.35
N GLU D 256 21.50 -26.95 32.35
CA GLU D 256 20.49 -26.55 33.29
C GLU D 256 20.25 -25.08 33.39
N GLY D 257 20.11 -24.56 32.20
CA GLY D 257 19.40 -23.28 31.99
C GLY D 257 20.45 -22.23 31.90
N GLN D 258 21.68 -22.61 32.01
CA GLN D 258 22.75 -21.64 32.00
C GLN D 258 22.90 -20.94 30.66
N PRO D 259 23.23 -19.65 30.69
CA PRO D 259 23.48 -18.84 29.50
C PRO D 259 24.69 -19.38 28.76
N CYS D 260 24.75 -19.17 27.46
CA CYS D 260 25.92 -19.62 26.72
C CYS D 260 27.16 -18.87 27.21
N LYS D 261 28.30 -19.45 26.88
CA LYS D 261 29.58 -18.83 27.19
C LYS D 261 30.24 -18.44 25.88
N PHE D 262 30.30 -17.14 25.57
CA PHE D 262 30.92 -16.77 24.29
C PHE D 262 32.25 -16.07 24.52
N PRO D 263 33.27 -16.46 23.80
CA PRO D 263 33.16 -17.55 22.83
C PRO D 263 33.41 -18.86 23.56
N PHE D 264 32.96 -19.96 23.01
CA PHE D 264 33.18 -21.28 23.58
C PHE D 264 33.95 -22.10 22.55
N ARG D 265 34.99 -22.75 23.02
CA ARG D 265 35.83 -23.61 22.20
C ARG D 265 35.20 -24.96 21.95
N PHE D 266 34.93 -25.32 20.70
CA PHE D 266 34.43 -26.68 20.42
C PHE D 266 35.30 -27.25 19.29
N GLN D 267 36.29 -28.03 19.70
CA GLN D 267 37.31 -28.56 18.81
C GLN D 267 38.01 -27.40 18.10
N GLY D 268 38.42 -27.61 16.86
CA GLY D 268 39.03 -26.68 15.97
C GLY D 268 38.64 -25.23 16.14
N THR D 269 37.38 -24.87 15.96
CA THR D 269 36.90 -23.50 16.00
C THR D 269 36.42 -23.05 17.37
N SER D 270 36.47 -21.74 17.55
CA SER D 270 36.00 -21.07 18.75
C SER D 270 34.73 -20.30 18.34
N TYR D 271 33.60 -20.68 18.88
CA TYR D 271 32.31 -20.12 18.52
C TYR D 271 31.90 -18.94 19.38
N ASP D 272 31.43 -17.89 18.71
CA ASP D 272 31.02 -16.67 19.40
C ASP D 272 29.50 -16.49 19.36
N SER D 273 28.82 -17.59 19.10
CA SER D 273 27.36 -17.58 19.03
C SER D 273 26.87 -19.03 19.00
N CYS D 274 25.57 -19.20 19.21
CA CYS D 274 25.08 -20.56 19.01
C CYS D 274 25.35 -21.04 17.59
N THR D 275 25.47 -22.32 17.41
CA THR D 275 25.76 -22.86 16.08
C THR D 275 25.04 -24.19 15.94
N THR D 276 25.16 -24.84 14.80
CA THR D 276 24.62 -26.18 14.63
C THR D 276 25.75 -27.17 14.35
N GLU D 277 26.97 -26.75 14.64
CA GLU D 277 28.06 -27.68 14.23
C GLU D 277 27.73 -29.03 14.88
N GLY D 278 28.01 -30.09 14.13
CA GLY D 278 27.85 -31.43 14.62
C GLY D 278 26.43 -31.93 14.70
N ARG D 279 25.45 -31.08 14.43
CA ARG D 279 24.07 -31.50 14.44
C ARG D 279 23.54 -31.65 13.02
N THR D 280 22.51 -32.46 12.88
CA THR D 280 21.94 -32.65 11.54
C THR D 280 20.49 -32.16 11.52
N ASP D 281 19.94 -31.98 12.72
CA ASP D 281 18.58 -31.49 12.88
C ASP D 281 18.50 -29.98 12.78
N GLY D 282 19.56 -29.31 12.35
CA GLY D 282 19.59 -27.87 12.28
C GLY D 282 19.11 -27.19 13.56
N TYR D 283 19.51 -27.68 14.73
CA TYR D 283 19.14 -27.02 15.97
C TYR D 283 20.29 -26.24 16.57
N ARG D 284 20.16 -24.92 16.58
CA ARG D 284 21.19 -24.11 17.22
C ARG D 284 21.45 -24.61 18.65
N TRP D 285 22.69 -24.50 19.09
CA TRP D 285 23.15 -24.88 20.38
C TRP D 285 24.45 -24.15 20.72
N CYS D 286 24.91 -24.30 21.94
CA CYS D 286 26.13 -23.59 22.32
C CYS D 286 26.77 -24.20 23.57
N GLY D 287 28.04 -23.87 23.77
CA GLY D 287 28.72 -24.37 24.94
C GLY D 287 28.35 -23.45 26.09
N THR D 288 28.41 -23.98 27.30
CA THR D 288 28.09 -23.16 28.46
C THR D 288 29.29 -22.73 29.26
N THR D 289 30.47 -23.08 28.76
CA THR D 289 31.72 -22.63 29.36
C THR D 289 32.73 -22.38 28.24
N GLU D 290 33.83 -21.75 28.57
CA GLU D 290 34.82 -21.42 27.54
C GLU D 290 35.26 -22.61 26.75
N ASP D 291 35.20 -23.80 27.30
CA ASP D 291 35.66 -25.00 26.61
C ASP D 291 34.52 -25.99 26.64
N TYR D 292 33.85 -26.22 25.50
CA TYR D 292 32.83 -27.25 25.49
C TYR D 292 33.34 -28.69 25.58
N ASP D 293 34.46 -28.99 24.92
CA ASP D 293 35.11 -30.26 24.95
C ASP D 293 35.67 -30.70 26.31
N ARG D 294 36.22 -29.79 27.10
CA ARG D 294 36.74 -30.05 28.41
C ARG D 294 35.65 -30.43 29.40
N ASP D 295 34.63 -29.60 29.52
CA ASP D 295 33.50 -29.88 30.40
C ASP D 295 32.25 -29.86 29.53
N LYS D 296 31.88 -31.00 28.99
CA LYS D 296 30.88 -31.12 27.95
C LYS D 296 29.52 -30.60 28.37
N LYS D 297 29.50 -29.35 28.79
CA LYS D 297 28.33 -28.67 29.31
C LYS D 297 27.75 -27.81 28.19
N TYR D 298 26.53 -28.12 27.79
CA TYR D 298 25.94 -27.43 26.64
C TYR D 298 24.45 -27.21 26.84
N GLY D 299 23.83 -26.59 25.85
CA GLY D 299 22.42 -26.31 25.85
C GLY D 299 21.96 -25.84 24.47
N PHE D 300 20.67 -25.61 24.31
CA PHE D 300 20.14 -25.20 23.03
C PHE D 300 19.57 -23.80 23.00
N CYS D 301 19.53 -23.25 21.80
CA CYS D 301 19.01 -21.91 21.53
C CYS D 301 17.94 -21.98 20.46
N PRO D 302 16.68 -22.14 20.87
CA PRO D 302 15.54 -22.32 19.99
C PRO D 302 14.98 -21.08 19.33
N GLU D 303 15.18 -19.93 19.95
CA GLU D 303 14.63 -18.68 19.35
C GLU D 303 15.30 -17.48 20.00
N THR D 304 15.36 -16.33 19.32
CA THR D 304 16.12 -15.22 19.88
C THR D 304 15.29 -13.98 19.84
N ALA D 305 14.88 -13.50 21.02
CA ALA D 305 14.08 -12.29 21.12
C ALA D 305 14.92 -11.12 20.58
N MET D 306 14.44 -10.57 19.49
CA MET D 306 15.10 -9.45 18.84
C MET D 306 14.73 -8.13 19.51
N SER D 307 15.72 -7.28 19.75
CA SER D 307 15.43 -5.98 20.34
C SER D 307 15.59 -4.89 19.29
N THR D 308 16.80 -4.74 18.80
CA THR D 308 17.11 -3.78 17.74
C THR D 308 17.61 -4.56 16.52
N VAL D 309 17.42 -4.02 15.34
CA VAL D 309 17.85 -4.66 14.10
C VAL D 309 18.67 -3.71 13.24
N GLY D 310 19.75 -4.20 12.63
CA GLY D 310 20.59 -3.32 11.82
C GLY D 310 21.06 -2.12 12.64
N GLY D 311 21.55 -1.11 11.95
CA GLY D 311 22.09 0.05 12.66
C GLY D 311 23.56 -0.30 12.95
N ASN D 312 24.05 0.19 14.07
CA ASN D 312 25.42 -0.14 14.43
C ASN D 312 25.47 -0.94 15.73
N SER D 313 24.68 -0.55 16.72
CA SER D 313 24.59 -1.16 18.02
C SER D 313 24.67 -2.67 18.07
N GLU D 314 24.58 -3.34 16.94
CA GLU D 314 24.74 -4.78 16.87
C GLU D 314 23.68 -5.49 17.69
N GLY D 315 22.43 -5.08 17.53
CA GLY D 315 21.33 -5.73 18.21
C GLY D 315 20.95 -5.12 19.54
N ALA D 316 21.81 -4.27 20.10
CA ALA D 316 21.53 -3.64 21.38
C ALA D 316 20.21 -2.91 21.41
N PRO D 317 19.53 -2.92 22.54
CA PRO D 317 18.22 -2.40 22.82
C PRO D 317 18.18 -0.88 22.84
N CYS D 318 17.02 -0.30 22.52
CA CYS D 318 16.88 1.14 22.58
C CYS D 318 16.93 1.62 24.03
N VAL D 319 17.42 2.85 24.17
CA VAL D 319 17.38 3.52 25.46
C VAL D 319 16.26 4.56 25.37
N PHE D 320 15.32 4.50 26.28
CA PHE D 320 14.19 5.44 26.25
C PHE D 320 14.08 6.13 27.60
N PRO D 321 13.98 7.44 27.56
CA PRO D 321 13.98 8.19 26.32
C PRO D 321 15.41 8.33 25.80
N PHE D 322 15.56 8.89 24.62
CA PHE D 322 16.86 9.09 23.99
C PHE D 322 16.85 10.44 23.28
N THR D 323 17.99 11.13 23.30
CA THR D 323 18.03 12.45 22.67
C THR D 323 18.58 12.41 21.26
N PHE D 324 17.73 12.71 20.30
CA PHE D 324 18.20 12.79 18.90
C PHE D 324 18.45 14.24 18.56
N LEU D 325 19.70 14.59 18.23
CA LEU D 325 20.03 15.97 18.00
C LEU D 325 18.80 16.80 17.63
N GLY D 326 18.51 17.60 18.64
CA GLY D 326 17.39 18.48 18.73
C GLY D 326 16.61 18.19 20.01
N ASN D 327 16.20 16.91 20.23
CA ASN D 327 15.14 16.64 21.20
C ASN D 327 15.10 15.27 21.84
N LYS D 328 14.18 15.05 22.78
CA LYS D 328 14.00 13.80 23.51
C LYS D 328 12.95 12.92 22.83
N TYR D 329 13.15 11.61 22.86
CA TYR D 329 12.23 10.67 22.24
C TYR D 329 11.95 9.49 23.17
N GLU D 330 10.68 9.22 23.40
CA GLU D 330 10.26 8.16 24.31
C GLU D 330 9.93 6.89 23.54
N SER D 331 9.72 7.04 22.24
CA SER D 331 9.39 5.89 21.39
C SER D 331 10.23 5.95 20.11
N CYS D 332 10.07 4.94 19.27
CA CYS D 332 10.78 4.89 18.00
C CYS D 332 10.25 5.93 17.03
N THR D 333 11.17 6.58 16.34
CA THR D 333 10.87 7.63 15.40
C THR D 333 11.57 7.36 14.07
N SER D 334 11.18 8.13 13.06
CA SER D 334 11.83 8.03 11.76
C SER D 334 12.53 9.37 11.51
N ALA D 335 12.63 10.13 12.60
CA ALA D 335 13.24 11.44 12.60
C ALA D 335 14.72 11.34 12.23
N GLY D 336 15.02 11.86 11.05
CA GLY D 336 16.28 11.88 10.39
C GLY D 336 16.37 11.03 9.13
N ARG D 337 15.27 10.38 8.76
CA ARG D 337 15.28 9.46 7.62
C ARG D 337 14.14 9.72 6.64
N SER D 338 14.42 9.70 5.34
CA SER D 338 13.43 9.94 4.30
C SER D 338 12.70 8.69 3.83
N ASP D 339 13.35 7.53 3.97
CA ASP D 339 12.73 6.27 3.59
C ASP D 339 11.61 5.88 4.55
N GLY D 340 11.46 6.64 5.63
CA GLY D 340 10.41 6.45 6.59
C GLY D 340 10.55 5.18 7.42
N LYS D 341 11.76 4.88 7.87
CA LYS D 341 12.01 3.71 8.69
C LYS D 341 12.05 4.07 10.16
N MET D 342 11.65 3.13 11.01
CA MET D 342 11.63 3.39 12.44
C MET D 342 12.95 3.00 13.08
N TRP D 343 13.59 3.96 13.73
CA TRP D 343 14.86 3.67 14.39
C TRP D 343 14.77 4.18 15.82
N CYS D 344 15.75 3.90 16.60
CA CYS D 344 15.83 4.35 17.98
C CYS D 344 17.25 4.26 18.51
N ALA D 345 17.61 5.09 19.43
CA ALA D 345 18.99 5.09 19.93
C ALA D 345 19.15 4.05 21.03
N THR D 346 20.27 3.33 21.00
CA THR D 346 20.55 2.33 22.01
C THR D 346 21.24 2.98 23.20
N THR D 347 21.73 4.18 22.96
CA THR D 347 22.33 4.99 24.02
C THR D 347 21.34 6.09 24.38
N ALA D 348 21.52 6.71 25.54
CA ALA D 348 20.60 7.73 26.01
C ALA D 348 20.70 9.00 25.20
N ASN D 349 21.89 9.28 24.67
CA ASN D 349 22.09 10.50 23.88
C ASN D 349 22.70 10.20 22.53
N TYR D 350 21.89 10.10 21.48
CA TYR D 350 22.41 9.83 20.15
C TYR D 350 23.44 10.87 19.71
N ASP D 351 23.28 12.10 20.18
CA ASP D 351 24.23 13.15 19.83
C ASP D 351 25.60 12.85 20.39
N ASP D 352 25.64 12.52 21.68
CA ASP D 352 26.91 12.21 22.32
C ASP D 352 27.53 10.96 21.68
N ASP D 353 26.73 9.90 21.55
CA ASP D 353 27.18 8.63 21.00
C ASP D 353 26.38 8.24 19.76
N ARG D 354 27.05 7.93 18.66
CA ARG D 354 26.36 7.59 17.41
C ARG D 354 25.93 6.13 17.39
N LYS D 355 25.13 5.71 18.36
CA LYS D 355 24.66 4.33 18.44
C LYS D 355 23.15 4.23 18.27
N TRP D 356 22.70 3.47 17.27
CA TRP D 356 21.27 3.31 17.03
C TRP D 356 20.94 1.93 16.48
N GLY D 357 19.66 1.67 16.29
CA GLY D 357 19.24 0.52 15.44
C GLY D 357 17.82 0.67 14.90
N PHE D 358 17.36 -0.29 14.12
CA PHE D 358 16.01 -0.24 13.56
C PHE D 358 15.01 -0.98 14.45
N CYS D 359 14.04 -0.27 14.99
CA CYS D 359 13.01 -0.96 15.81
C CYS D 359 12.29 -1.97 14.96
N PRO D 360 12.27 -3.23 15.35
CA PRO D 360 11.71 -4.28 14.52
C PRO D 360 10.38 -3.92 13.92
N ASP D 361 10.21 -4.13 12.62
CA ASP D 361 8.96 -3.83 11.94
C ASP D 361 8.04 -5.05 11.93
N GLN D 362 7.31 -5.23 10.84
CA GLN D 362 6.39 -6.35 10.73
C GLN D 362 7.14 -7.61 10.33
N GLY D 363 8.20 -7.46 9.55
CA GLY D 363 8.88 -8.66 9.04
C GLY D 363 7.91 -9.38 8.10
N TYR D 364 8.32 -10.53 7.56
CA TYR D 364 7.47 -11.28 6.65
C TYR D 364 6.86 -12.55 7.19
N SER D 365 5.69 -12.91 6.66
CA SER D 365 4.97 -14.10 7.06
C SER D 365 5.62 -15.33 6.45
N LEU D 366 6.22 -16.16 7.30
CA LEU D 366 6.86 -17.38 6.81
C LEU D 366 5.84 -18.26 6.09
N PHE D 367 4.64 -18.37 6.64
CA PHE D 367 3.56 -19.14 6.02
C PHE D 367 3.34 -18.70 4.58
N LEU D 368 2.98 -17.42 4.42
CA LEU D 368 2.74 -16.86 3.09
C LEU D 368 3.92 -17.05 2.14
N VAL D 369 5.11 -16.64 2.61
CA VAL D 369 6.29 -16.77 1.74
C VAL D 369 6.55 -18.23 1.44
N ALA D 370 6.52 -19.06 2.49
CA ALA D 370 6.76 -20.49 2.28
C ALA D 370 5.73 -21.04 1.30
N ALA D 371 4.46 -20.82 1.67
CA ALA D 371 3.33 -21.22 0.85
C ALA D 371 3.62 -20.98 -0.64
N HIS D 372 4.05 -19.75 -0.91
CA HIS D 372 4.43 -19.36 -2.26
C HIS D 372 5.56 -20.19 -2.82
N GLN D 373 6.72 -20.17 -2.17
CA GLN D 373 7.91 -20.88 -2.61
C GLN D 373 7.58 -22.32 -3.00
N PHE D 374 6.84 -22.97 -2.10
CA PHE D 374 6.45 -24.36 -2.34
C PHE D 374 5.72 -24.48 -3.67
N GLY D 375 4.85 -23.51 -3.93
CA GLY D 375 4.14 -23.47 -5.21
C GLY D 375 5.18 -23.64 -6.31
N HIS D 376 6.27 -22.89 -6.19
CA HIS D 376 7.35 -23.00 -7.18
C HIS D 376 7.88 -24.43 -7.17
N ALA D 377 8.00 -24.97 -5.95
CA ALA D 377 8.49 -26.33 -5.77
C ALA D 377 7.57 -27.34 -6.43
N MET D 378 6.36 -26.93 -6.80
CA MET D 378 5.44 -27.83 -7.46
C MET D 378 5.40 -27.59 -8.96
N GLY D 379 5.83 -26.43 -9.42
CA GLY D 379 5.88 -26.18 -10.86
C GLY D 379 5.28 -24.83 -11.24
N LEU D 380 4.75 -24.11 -10.27
CA LEU D 380 4.13 -22.81 -10.50
C LEU D 380 5.16 -21.70 -10.75
N GLU D 381 4.91 -20.88 -11.76
CA GLU D 381 5.74 -19.71 -12.04
C GLU D 381 5.01 -18.48 -11.50
N HIS D 382 5.60 -17.29 -11.63
CA HIS D 382 4.93 -16.11 -11.10
C HIS D 382 3.67 -15.76 -11.88
N SER D 383 2.68 -15.27 -11.16
CA SER D 383 1.40 -14.86 -11.70
C SER D 383 1.28 -13.34 -11.80
N GLN D 384 0.79 -12.86 -12.95
CA GLN D 384 0.59 -11.42 -13.11
C GLN D 384 -0.54 -10.95 -12.19
N ASP D 385 -1.49 -11.85 -11.91
CA ASP D 385 -2.59 -11.49 -11.01
C ASP D 385 -2.00 -11.14 -9.66
N PRO D 386 -2.14 -9.89 -9.25
CA PRO D 386 -1.48 -9.33 -8.09
C PRO D 386 -1.93 -10.13 -6.89
N GLY D 387 -3.23 -10.35 -6.73
CA GLY D 387 -3.77 -11.09 -5.61
C GLY D 387 -3.28 -12.53 -5.57
N ALA D 388 -3.03 -13.10 -6.73
CA ALA D 388 -2.58 -14.49 -6.82
C ALA D 388 -1.46 -14.78 -5.84
N LEU D 389 -1.60 -15.81 -5.02
CA LEU D 389 -0.54 -16.18 -4.09
C LEU D 389 0.82 -16.22 -4.78
N MET D 390 0.82 -16.63 -6.04
CA MET D 390 2.03 -16.76 -6.81
C MET D 390 2.49 -15.47 -7.45
N ALA D 391 1.98 -14.33 -6.97
CA ALA D 391 2.50 -13.02 -7.42
C ALA D 391 3.89 -12.70 -6.89
N PRO D 392 4.77 -12.07 -7.67
CA PRO D 392 6.11 -11.72 -7.28
C PRO D 392 6.23 -10.88 -6.04
N ILE D 393 5.62 -9.69 -6.04
CA ILE D 393 5.71 -8.83 -4.86
C ILE D 393 5.00 -9.43 -3.66
N TYR D 394 5.55 -9.22 -2.47
CA TYR D 394 4.97 -9.70 -1.23
C TYR D 394 3.87 -8.77 -0.72
N THR D 395 2.81 -9.39 -0.22
CA THR D 395 1.66 -8.70 0.34
C THR D 395 1.09 -9.47 1.52
N TYR D 396 0.98 -8.85 2.68
CA TYR D 396 0.45 -9.55 3.84
C TYR D 396 -1.07 -9.63 3.86
N THR D 397 -1.57 -10.84 3.65
CA THR D 397 -3.01 -11.10 3.69
C THR D 397 -3.35 -11.55 5.11
N LYS D 398 -4.08 -10.75 5.85
CA LYS D 398 -4.43 -11.07 7.24
C LYS D 398 -4.90 -12.51 7.42
N ASN D 399 -5.66 -13.00 6.47
CA ASN D 399 -6.15 -14.38 6.47
C ASN D 399 -6.04 -14.90 5.03
N PHE D 400 -5.14 -15.83 4.78
CA PHE D 400 -4.93 -16.25 3.40
C PHE D 400 -6.09 -17.00 2.80
N ARG D 401 -6.28 -16.82 1.50
CA ARG D 401 -7.28 -17.49 0.69
C ARG D 401 -6.66 -17.76 -0.69
N LEU D 402 -6.49 -19.03 -1.04
CA LEU D 402 -5.84 -19.34 -2.29
C LEU D 402 -6.64 -18.85 -3.50
N SER D 403 -6.04 -17.90 -4.18
CA SER D 403 -6.60 -17.25 -5.34
C SER D 403 -6.99 -18.28 -6.40
N GLN D 404 -8.10 -18.00 -7.07
CA GLN D 404 -8.61 -18.88 -8.11
C GLN D 404 -7.53 -19.17 -9.15
N ASP D 405 -6.85 -18.12 -9.60
CA ASP D 405 -5.79 -18.25 -10.59
C ASP D 405 -4.76 -19.31 -10.20
N ASP D 406 -4.49 -19.40 -8.91
CA ASP D 406 -3.53 -20.37 -8.40
C ASP D 406 -4.13 -21.76 -8.42
N ILE D 407 -5.31 -21.91 -7.83
CA ILE D 407 -5.96 -23.22 -7.81
C ILE D 407 -5.98 -23.80 -9.22
N LYS D 408 -6.36 -22.96 -10.18
CA LYS D 408 -6.38 -23.35 -11.58
C LYS D 408 -4.98 -23.82 -12.00
N GLY D 409 -3.98 -23.04 -11.60
CA GLY D 409 -2.60 -23.29 -11.94
C GLY D 409 -2.09 -24.63 -11.47
N ILE D 410 -2.11 -24.87 -10.16
CA ILE D 410 -1.59 -26.11 -9.62
C ILE D 410 -2.37 -27.32 -10.05
N GLN D 411 -3.68 -27.18 -10.17
CA GLN D 411 -4.55 -28.28 -10.58
C GLN D 411 -4.34 -28.66 -12.03
N GLU D 412 -3.84 -27.72 -12.83
CA GLU D 412 -3.57 -28.03 -14.23
C GLU D 412 -2.36 -28.96 -14.31
N LEU D 413 -1.58 -28.98 -13.23
CA LEU D 413 -0.40 -29.83 -13.14
C LEU D 413 -0.74 -31.14 -12.48
N TYR D 414 -1.63 -31.08 -11.49
CA TYR D 414 -2.05 -32.26 -10.74
C TYR D 414 -3.54 -32.47 -10.80
N GLY D 415 -4.32 -31.53 -10.27
CA GLY D 415 -5.77 -31.65 -10.34
C GLY D 415 -6.43 -31.56 -8.97
N ALA D 416 -7.76 -31.66 -9.00
CA ALA D 416 -8.59 -31.52 -7.80
C ALA D 416 -8.36 -32.62 -6.76
N SER D 417 -8.54 -32.21 -5.51
CA SER D 417 -8.41 -33.09 -4.36
C SER D 417 -9.64 -33.97 -4.22
N PRO D 418 -9.44 -35.25 -3.91
CA PRO D 418 -10.54 -36.22 -3.79
C PRO D 418 -11.55 -35.82 -2.71
N ASP D 419 -12.82 -35.10 -2.37
CA ASP D 419 -13.34 -34.53 -1.16
C ASP D 419 -14.78 -34.93 -0.92
N GLY E 1 -12.83 28.84 -13.54
CA GLY E 1 -11.66 29.03 -12.69
C GLY E 1 -11.06 27.69 -13.11
N PRO E 2 -9.85 27.21 -12.90
CA PRO E 2 -9.54 25.88 -13.43
C PRO E 2 -10.52 24.85 -12.87
N ALA E 3 -10.06 24.12 -11.85
CA ALA E 3 -10.87 23.11 -11.18
C ALA E 3 -12.13 22.78 -11.96
N GLY E 4 -13.14 23.64 -11.82
CA GLY E 4 -14.39 23.45 -12.53
C GLY E 4 -15.59 23.68 -11.62
N PRO E 5 -16.70 24.13 -12.19
CA PRO E 5 -17.93 24.35 -11.44
C PRO E 5 -18.38 23.02 -10.90
N PRO E 6 -18.74 22.91 -9.64
CA PRO E 6 -19.14 21.61 -9.10
C PRO E 6 -20.35 21.06 -9.87
N GLY E 7 -20.34 19.75 -10.18
CA GLY E 7 -21.47 19.13 -10.89
C GLY E 7 -21.04 18.15 -11.99
N ALA E 8 -21.86 17.09 -12.23
CA ALA E 8 -21.58 16.05 -13.26
C ALA E 8 -22.84 15.68 -14.04
N GLY F 1 25.34 -8.43 28.27
CA GLY F 1 23.88 -8.55 28.73
C GLY F 1 22.93 -9.33 27.80
N PRO F 2 21.80 -8.66 27.45
CA PRO F 2 20.69 -9.24 26.65
C PRO F 2 21.07 -9.51 25.21
N ALA F 3 20.63 -8.56 24.39
CA ALA F 3 20.88 -8.53 22.96
C ALA F 3 20.70 -9.88 22.30
N GLY F 4 21.62 -10.16 21.38
CA GLY F 4 21.63 -11.40 20.63
C GLY F 4 22.96 -11.58 19.92
N PRO F 5 23.59 -12.74 20.11
CA PRO F 5 24.88 -13.04 19.48
C PRO F 5 24.72 -13.05 17.99
N PRO F 6 25.74 -12.68 17.21
CA PRO F 6 25.62 -12.72 15.76
C PRO F 6 25.29 -14.14 15.38
N GLY F 7 24.08 -14.38 14.89
CA GLY F 7 23.70 -15.74 14.63
C GLY F 7 23.11 -16.01 13.25
N ALA F 8 21.78 -16.10 13.23
CA ALA F 8 21.04 -16.54 12.05
C ALA F 8 20.60 -17.96 12.35
S SO4 G . -37.52 27.29 -13.85
O1 SO4 G . -36.84 28.26 -12.90
O2 SO4 G . -38.86 27.04 -13.38
O3 SO4 G . -37.60 27.88 -15.20
O4 SO4 G . -36.75 25.99 -13.91
ZN ZN H . -31.07 3.36 -10.64
ZN ZN I . -24.09 -6.82 -11.00
CA CA J . -20.73 4.69 -5.35
CA CA K . -37.75 -0.52 -20.76
S SO4 L . 24.45 -22.31 10.20
O1 SO4 L . 25.54 -21.68 11.02
O2 SO4 L . 23.21 -22.23 11.02
O3 SO4 L . 24.25 -21.59 8.91
O4 SO4 L . 24.78 -23.76 9.90
S SO4 M . 61.31 -16.97 24.82
O1 SO4 M . 61.93 -17.33 26.17
O2 SO4 M . 59.86 -17.44 24.77
O3 SO4 M . 61.26 -15.47 24.62
O4 SO4 M . 62.13 -17.58 23.70
ZN ZN N . 39.40 -40.85 17.76
ZN ZN O . 49.70 -47.40 19.97
CA CA P . 46.66 -35.72 25.15
CA CA Q . 38.26 -47.51 6.28
S SO4 R . -28.01 16.81 -14.68
O1 SO4 R . -27.10 16.93 -13.50
O2 SO4 R . -29.45 16.89 -14.29
O3 SO4 R . -27.67 17.86 -15.64
O4 SO4 R . -27.70 15.50 -15.41
S SO4 S . -68.15 51.02 -19.47
O1 SO4 S . -67.29 51.20 -18.27
O2 SO4 S . -69.50 51.55 -19.15
O3 SO4 S . -67.50 51.76 -20.61
O4 SO4 S . -68.30 49.55 -19.88
ZN ZN T . -45.26 32.44 -24.47
ZN ZN U . -53.99 41.01 -25.20
CA CA V . -42.01 42.66 -20.21
CA CA W . -54.82 23.19 -25.16
S SO4 X . 37.49 -27.84 13.06
O1 SO4 X . 37.78 -27.51 11.67
O2 SO4 X . 38.74 -28.32 13.75
O3 SO4 X . 36.91 -26.63 13.85
O4 SO4 X . 36.37 -28.89 13.10
ZN ZN Y . 19.40 -20.71 -2.74
ZN ZN Z . 8.22 -16.52 -6.36
CA CA AA . 16.58 -10.49 1.54
CA CA BA . 15.37 -33.51 -4.45
#